data_6A1Q
# 
_entry.id   6A1Q 
# 
_audit_conform.dict_name       mmcif_pdbx.dic 
_audit_conform.dict_version    5.380 
_audit_conform.dict_location   http://mmcif.pdb.org/dictionaries/ascii/mmcif_pdbx.dic 
# 
loop_
_database_2.database_id 
_database_2.database_code 
_database_2.pdbx_database_accession 
_database_2.pdbx_DOI 
PDB   6A1Q         pdb_00006a1q 10.2210/pdb6a1q/pdb 
WWPDB D_1300008024 ?            ?                   
# 
_pdbx_database_related.db_name        PDB 
_pdbx_database_related.details        'A decamer with alternate pyr-pur repeat and TA at the centre' 
_pdbx_database_related.db_id          6A1O 
_pdbx_database_related.content_type   unspecified 
# 
_pdbx_database_status.status_code                     REL 
_pdbx_database_status.status_code_sf                  REL 
_pdbx_database_status.status_code_mr                  ? 
_pdbx_database_status.entry_id                        6A1Q 
_pdbx_database_status.recvd_initial_deposition_date   2018-06-07 
_pdbx_database_status.SG_entry                        N 
_pdbx_database_status.deposit_site                    PDBJ 
_pdbx_database_status.process_site                    PDBJ 
_pdbx_database_status.status_code_cs                  ? 
_pdbx_database_status.methods_development_category    ? 
_pdbx_database_status.pdb_format_compatible           Y 
_pdbx_database_status.status_code_nmr_data            ? 
# 
loop_
_audit_author.name 
_audit_author.pdbx_ordinal 
_audit_author.identifier_ORCID 
'Karthik, S.'             1 ? 
'Mandal, P.K.'            2 ? 
'Thirugnanasambandam, A.' 3 ? 
'Gautham, N.'             4 ? 
# 
_citation.abstract                  ? 
_citation.abstract_id_CAS           ? 
_citation.book_id_ISBN              ? 
_citation.book_publisher            ? 
_citation.book_publisher_city       ? 
_citation.book_title                ? 
_citation.coordinate_linkage        ? 
_citation.country                   US 
_citation.database_id_Medline       ? 
_citation.details                   ? 
_citation.id                        primary 
_citation.journal_abbrev            'Nucleosides Nucleotides Nucleic Acids' 
_citation.journal_id_ASTM           ? 
_citation.journal_id_CSD            ? 
_citation.journal_id_ISSN           1525-7770 
_citation.journal_full              ? 
_citation.journal_issue             ? 
_citation.journal_volume            38 
_citation.language                  ? 
_citation.page_first                279 
_citation.page_last                 293 
_citation.title                     'Crystal structures of disordered Z-type helices.' 
_citation.year                      2019 
_citation.database_id_CSD           ? 
_citation.pdbx_database_id_DOI      10.1080/15257770.2018.1517883 
_citation.pdbx_database_id_PubMed   30588873 
_citation.unpublished_flag          ? 
# 
loop_
_citation_author.citation_id 
_citation_author.name 
_citation_author.ordinal 
_citation_author.identifier_ORCID 
primary 'Karthik, S.'             1 ? 
primary 'Mandal, P.K.'            2 ? 
primary 'Thirugnanasambandam, A.' 3 ? 
primary 'Gautham, N.'             4 ? 
# 
_cell.angle_alpha                  90.00 
_cell.angle_alpha_esd              ? 
_cell.angle_beta                   90.00 
_cell.angle_beta_esd               ? 
_cell.angle_gamma                  120.00 
_cell.angle_gamma_esd              ? 
_cell.entry_id                     6A1Q 
_cell.details                      ? 
_cell.formula_units_Z              ? 
_cell.length_a                     30.675 
_cell.length_a_esd                 ? 
_cell.length_b                     30.675 
_cell.length_b_esd                 ? 
_cell.length_c                     42.355 
_cell.length_c_esd                 ? 
_cell.volume                       ? 
_cell.volume_esd                   ? 
_cell.Z_PDB                        9 
_cell.reciprocal_angle_alpha       ? 
_cell.reciprocal_angle_beta        ? 
_cell.reciprocal_angle_gamma       ? 
_cell.reciprocal_angle_alpha_esd   ? 
_cell.reciprocal_angle_beta_esd    ? 
_cell.reciprocal_angle_gamma_esd   ? 
_cell.reciprocal_length_a          ? 
_cell.reciprocal_length_b          ? 
_cell.reciprocal_length_c          ? 
_cell.reciprocal_length_a_esd      ? 
_cell.reciprocal_length_b_esd      ? 
_cell.reciprocal_length_c_esd      ? 
_cell.pdbx_unique_axis             ? 
# 
_symmetry.entry_id                         6A1Q 
_symmetry.cell_setting                     ? 
_symmetry.Int_Tables_number                145 
_symmetry.space_group_name_Hall            ? 
_symmetry.space_group_name_H-M             'P 32' 
_symmetry.pdbx_full_space_group_name_H-M   ? 
# 
loop_
_entity.id 
_entity.type 
_entity.src_method 
_entity.pdbx_description 
_entity.formula_weight 
_entity.pdbx_number_of_molecules 
_entity.pdbx_ec 
_entity.pdbx_mutation 
_entity.pdbx_fragment 
_entity.details 
1 polymer syn 
;DNA (5'-D(P*TP*GP*TP*G)-3')
;
1221.840 3 ? ? ? ? 
2 polymer syn 
;DNA (5'-D(P*CP*AP*CP*A)-3')
;
1159.820 3 ? ? ? ? 
3 water   nat water                         18.015   1 ? ? ? ? 
# 
loop_
_entity_poly.entity_id 
_entity_poly.type 
_entity_poly.nstd_linkage 
_entity_poly.nstd_monomer 
_entity_poly.pdbx_seq_one_letter_code 
_entity_poly.pdbx_seq_one_letter_code_can 
_entity_poly.pdbx_strand_id 
_entity_poly.pdbx_target_identifier 
1 polydeoxyribonucleotide no no '(DT)(DG)(DT)(DG)' TGTG A,C,E ? 
2 polydeoxyribonucleotide no no '(DC)(DA)(DC)(DA)' CACA B,D,F ? 
# 
loop_
_entity_poly_seq.entity_id 
_entity_poly_seq.num 
_entity_poly_seq.mon_id 
_entity_poly_seq.hetero 
1 1 DT n 
1 2 DG n 
1 3 DT n 
1 4 DG n 
2 1 DC n 
2 2 DA n 
2 3 DC n 
2 4 DA n 
# 
loop_
_pdbx_entity_src_syn.entity_id 
_pdbx_entity_src_syn.pdbx_src_id 
_pdbx_entity_src_syn.pdbx_alt_source_flag 
_pdbx_entity_src_syn.pdbx_beg_seq_num 
_pdbx_entity_src_syn.pdbx_end_seq_num 
_pdbx_entity_src_syn.organism_scientific 
_pdbx_entity_src_syn.organism_common_name 
_pdbx_entity_src_syn.ncbi_taxonomy_id 
_pdbx_entity_src_syn.details 
1 1 sample 1 4 'synthetic construct' ? 32630 ? 
2 1 sample 1 4 'synthetic construct' ? 32630 ? 
# 
loop_
_struct_ref.id 
_struct_ref.db_name 
_struct_ref.db_code 
_struct_ref.pdbx_db_accession 
_struct_ref.pdbx_db_isoform 
_struct_ref.entity_id 
_struct_ref.pdbx_seq_one_letter_code 
_struct_ref.pdbx_align_begin 
1 PDB 6A1Q 6A1Q ? 1 ? 1 
2 PDB 6A1Q 6A1Q ? 2 ? 1 
# 
loop_
_struct_ref_seq.align_id 
_struct_ref_seq.ref_id 
_struct_ref_seq.pdbx_PDB_id_code 
_struct_ref_seq.pdbx_strand_id 
_struct_ref_seq.seq_align_beg 
_struct_ref_seq.pdbx_seq_align_beg_ins_code 
_struct_ref_seq.seq_align_end 
_struct_ref_seq.pdbx_seq_align_end_ins_code 
_struct_ref_seq.pdbx_db_accession 
_struct_ref_seq.db_align_beg 
_struct_ref_seq.pdbx_db_align_beg_ins_code 
_struct_ref_seq.db_align_end 
_struct_ref_seq.pdbx_db_align_end_ins_code 
_struct_ref_seq.pdbx_auth_seq_align_beg 
_struct_ref_seq.pdbx_auth_seq_align_end 
1 1 6A1Q A 1 ? 4 ? 6A1Q 1 ? 4 ? 1 4 
2 2 6A1Q B 1 ? 4 ? 6A1Q 1 ? 4 ? 1 4 
3 1 6A1Q C 1 ? 4 ? 6A1Q 1 ? 4 ? 1 4 
4 2 6A1Q D 1 ? 4 ? 6A1Q 1 ? 4 ? 1 4 
5 1 6A1Q E 1 ? 4 ? 6A1Q 1 ? 4 ? 1 4 
6 2 6A1Q F 1 ? 4 ? 6A1Q 1 ? 4 ? 1 4 
# 
loop_
_chem_comp.id 
_chem_comp.type 
_chem_comp.mon_nstd_flag 
_chem_comp.name 
_chem_comp.pdbx_synonyms 
_chem_comp.formula 
_chem_comp.formula_weight 
DA  'DNA linking' y "2'-DEOXYADENOSINE-5'-MONOPHOSPHATE" ? 'C10 H14 N5 O6 P' 331.222 
DC  'DNA linking' y "2'-DEOXYCYTIDINE-5'-MONOPHOSPHATE"  ? 'C9 H14 N3 O7 P'  307.197 
DG  'DNA linking' y "2'-DEOXYGUANOSINE-5'-MONOPHOSPHATE" ? 'C10 H14 N5 O7 P' 347.221 
DT  'DNA linking' y "THYMIDINE-5'-MONOPHOSPHATE"         ? 'C10 H15 N2 O8 P' 322.208 
HOH non-polymer   . WATER                                ? 'H2 O'            18.015  
# 
_exptl.absorpt_coefficient_mu     ? 
_exptl.absorpt_correction_T_max   ? 
_exptl.absorpt_correction_T_min   ? 
_exptl.absorpt_correction_type    ? 
_exptl.absorpt_process_details    ? 
_exptl.entry_id                   6A1Q 
_exptl.crystals_number            1 
_exptl.details                    ? 
_exptl.method                     'X-RAY DIFFRACTION' 
_exptl.method_details             ? 
# 
_exptl_crystal.colour                      ? 
_exptl_crystal.density_diffrn              ? 
_exptl_crystal.density_Matthews            1.61 
_exptl_crystal.density_method              ? 
_exptl_crystal.density_percent_sol         23.61 
_exptl_crystal.description                 
;Authors state that the packing requirement imposes statistical disorder in the molecule leading to only a portion of the molecule to be present in asymmetric unit. Hence the terminal phosphate atoms appears to be in close contact with the symmetry related terminal oxygens.
;
_exptl_crystal.F_000                       ? 
_exptl_crystal.id                          1 
_exptl_crystal.preparation                 ? 
_exptl_crystal.size_max                    ? 
_exptl_crystal.size_mid                    ? 
_exptl_crystal.size_min                    ? 
_exptl_crystal.size_rad                    ? 
_exptl_crystal.colour_lustre               ? 
_exptl_crystal.colour_modifier             ? 
_exptl_crystal.colour_primary              ? 
_exptl_crystal.density_meas                ? 
_exptl_crystal.density_meas_esd            ? 
_exptl_crystal.density_meas_gt             ? 
_exptl_crystal.density_meas_lt             ? 
_exptl_crystal.density_meas_temp           ? 
_exptl_crystal.density_meas_temp_esd       ? 
_exptl_crystal.density_meas_temp_gt        ? 
_exptl_crystal.density_meas_temp_lt        ? 
_exptl_crystal.pdbx_crystal_image_url      ? 
_exptl_crystal.pdbx_crystal_image_format   ? 
_exptl_crystal.pdbx_mosaicity              ? 
_exptl_crystal.pdbx_mosaicity_esd          ? 
# 
_exptl_crystal_grow.apparatus       ? 
_exptl_crystal_grow.atmosphere      ? 
_exptl_crystal_grow.crystal_id      1 
_exptl_crystal_grow.details         ? 
_exptl_crystal_grow.method          'VAPOR DIFFUSION, HANGING DROP' 
_exptl_crystal_grow.method_ref      ? 
_exptl_crystal_grow.pH              7.0 
_exptl_crystal_grow.pressure        ? 
_exptl_crystal_grow.pressure_esd    ? 
_exptl_crystal_grow.seeding         ? 
_exptl_crystal_grow.seeding_ref     ? 
_exptl_crystal_grow.temp            293 
_exptl_crystal_grow.temp_details    ? 
_exptl_crystal_grow.temp_esd        ? 
_exptl_crystal_grow.time            ? 
_exptl_crystal_grow.pdbx_details    '1mM DNA, 50mM sodium cacodylate trihydrate buffer, 200mM MgSO4, 50% MPD.' 
_exptl_crystal_grow.pdbx_pH_range   ? 
# 
_diffrn.ambient_environment    ? 
_diffrn.ambient_temp           293 
_diffrn.ambient_temp_details   ? 
_diffrn.ambient_temp_esd       ? 
_diffrn.crystal_id             1 
_diffrn.crystal_support        ? 
_diffrn.crystal_treatment      ? 
_diffrn.details                ? 
_diffrn.id                     1 
_diffrn.ambient_pressure       ? 
_diffrn.ambient_pressure_esd   ? 
_diffrn.ambient_pressure_gt    ? 
_diffrn.ambient_pressure_lt    ? 
_diffrn.ambient_temp_gt        ? 
_diffrn.ambient_temp_lt        ? 
# 
_diffrn_detector.details                      ? 
_diffrn_detector.detector                     'IMAGE PLATE' 
_diffrn_detector.diffrn_id                    1 
_diffrn_detector.type                         'MAR scanner 345 mm plate' 
_diffrn_detector.area_resol_mean              ? 
_diffrn_detector.dtime                        ? 
_diffrn_detector.pdbx_frames_total            ? 
_diffrn_detector.pdbx_collection_time_total   ? 
_diffrn_detector.pdbx_collection_date         2009-07-01 
# 
_diffrn_radiation.collimation                      ? 
_diffrn_radiation.diffrn_id                        1 
_diffrn_radiation.filter_edge                      ? 
_diffrn_radiation.inhomogeneity                    ? 
_diffrn_radiation.monochromator                    ? 
_diffrn_radiation.polarisn_norm                    ? 
_diffrn_radiation.polarisn_ratio                   ? 
_diffrn_radiation.probe                            ? 
_diffrn_radiation.type                             ? 
_diffrn_radiation.xray_symbol                      ? 
_diffrn_radiation.wavelength_id                    1 
_diffrn_radiation.pdbx_monochromatic_or_laue_m_l   M 
_diffrn_radiation.pdbx_wavelength_list             ? 
_diffrn_radiation.pdbx_wavelength                  ? 
_diffrn_radiation.pdbx_diffrn_protocol             'SINGLE WAVELENGTH' 
_diffrn_radiation.pdbx_analyzer                    ? 
_diffrn_radiation.pdbx_scattering_type             x-ray 
# 
_diffrn_radiation_wavelength.id           1 
_diffrn_radiation_wavelength.wavelength   1.5418 
_diffrn_radiation_wavelength.wt           1.0 
# 
_diffrn_source.current                     ? 
_diffrn_source.details                     ? 
_diffrn_source.diffrn_id                   1 
_diffrn_source.power                       ? 
_diffrn_source.size                        ? 
_diffrn_source.source                      'ROTATING ANODE' 
_diffrn_source.target                      ? 
_diffrn_source.type                        'BRUKER AXS MICROSTAR' 
_diffrn_source.voltage                     ? 
_diffrn_source.take-off_angle              ? 
_diffrn_source.pdbx_wavelength_list        1.5418 
_diffrn_source.pdbx_wavelength             ? 
_diffrn_source.pdbx_synchrotron_beamline   ? 
_diffrn_source.pdbx_synchrotron_site       ? 
# 
_reflns.B_iso_Wilson_estimate            ? 
_reflns.entry_id                         6A1Q 
_reflns.data_reduction_details           ? 
_reflns.data_reduction_method            ? 
_reflns.d_resolution_high                2.500 
_reflns.d_resolution_low                 16.560 
_reflns.details                          ? 
_reflns.limit_h_max                      ? 
_reflns.limit_h_min                      ? 
_reflns.limit_k_max                      ? 
_reflns.limit_k_min                      ? 
_reflns.limit_l_max                      ? 
_reflns.limit_l_min                      ? 
_reflns.number_all                       ? 
_reflns.number_obs                       2962 
_reflns.observed_criterion               ? 
_reflns.observed_criterion_F_max         ? 
_reflns.observed_criterion_F_min         ? 
_reflns.observed_criterion_I_max         ? 
_reflns.observed_criterion_I_min         ? 
_reflns.observed_criterion_sigma_F       ? 
_reflns.observed_criterion_sigma_I       ? 
_reflns.percent_possible_obs             95.900 
_reflns.R_free_details                   ? 
_reflns.Rmerge_F_all                     ? 
_reflns.Rmerge_F_obs                     ? 
_reflns.Friedel_coverage                 ? 
_reflns.number_gt                        ? 
_reflns.threshold_expression             ? 
_reflns.pdbx_redundancy                  2.602 
_reflns.pdbx_Rmerge_I_obs                0.061 
_reflns.pdbx_Rmerge_I_all                ? 
_reflns.pdbx_Rsym_value                  ? 
_reflns.pdbx_netI_over_av_sigmaI         ? 
_reflns.pdbx_netI_over_sigmaI            9.130 
_reflns.pdbx_res_netI_over_av_sigmaI_2   ? 
_reflns.pdbx_res_netI_over_sigmaI_2      ? 
_reflns.pdbx_chi_squared                 1.020 
_reflns.pdbx_scaling_rejects             ? 
_reflns.pdbx_d_res_high_opt              ? 
_reflns.pdbx_d_res_low_opt               ? 
_reflns.pdbx_d_res_opt_method            ? 
_reflns.phase_calculation_details        ? 
_reflns.pdbx_Rrim_I_all                  0.076 
_reflns.pdbx_Rpim_I_all                  ? 
_reflns.pdbx_d_opt                       ? 
_reflns.pdbx_number_measured_all         7706 
_reflns.pdbx_diffrn_id                   1 
_reflns.pdbx_ordinal                     1 
_reflns.pdbx_CC_half                     0.996 
_reflns.pdbx_R_split                     ? 
# 
loop_
_reflns_shell.d_res_high 
_reflns_shell.d_res_low 
_reflns_shell.meanI_over_sigI_all 
_reflns_shell.meanI_over_sigI_obs 
_reflns_shell.number_measured_all 
_reflns_shell.number_measured_obs 
_reflns_shell.number_possible 
_reflns_shell.number_unique_all 
_reflns_shell.number_unique_obs 
_reflns_shell.percent_possible_all 
_reflns_shell.percent_possible_obs 
_reflns_shell.Rmerge_F_all 
_reflns_shell.Rmerge_F_obs 
_reflns_shell.Rmerge_I_all 
_reflns_shell.Rmerge_I_obs 
_reflns_shell.meanI_over_sigI_gt 
_reflns_shell.meanI_over_uI_all 
_reflns_shell.meanI_over_uI_gt 
_reflns_shell.number_measured_gt 
_reflns_shell.number_unique_gt 
_reflns_shell.percent_possible_gt 
_reflns_shell.Rmerge_F_gt 
_reflns_shell.Rmerge_I_gt 
_reflns_shell.pdbx_redundancy 
_reflns_shell.pdbx_Rsym_value 
_reflns_shell.pdbx_chi_squared 
_reflns_shell.pdbx_netI_over_sigmaI_all 
_reflns_shell.pdbx_netI_over_sigmaI_obs 
_reflns_shell.pdbx_Rrim_I_all 
_reflns_shell.pdbx_Rpim_I_all 
_reflns_shell.pdbx_rejects 
_reflns_shell.pdbx_ordinal 
_reflns_shell.pdbx_diffrn_id 
_reflns_shell.pdbx_CC_half 
_reflns_shell.pdbx_R_split 
2.500 2.650  ? 4.370  ? ? ? ? 462 95.100 ? ? ? ? 0.144 ? ? ? ? ? ? ? ? 2.619 ? ? ? ? 0.181 ? ? 1 1 0.987 ? 
2.650 2.830  ? 5.760  ? ? ? ? 440 94.800 ? ? ? ? 0.126 ? ? ? ? ? ? ? ? 2.618 ? ? ? ? 0.157 ? ? 2 1 0.984 ? 
2.830 3.050  ? 7.680  ? ? ? ? 431 96.600 ? ? ? ? 0.085 ? ? ? ? ? ? ? ? 2.589 ? ? ? ? 0.105 ? ? 3 1 0.994 ? 
3.050 3.320  ? 7.920  ? ? ? ? 356 95.700 ? ? ? ? 0.063 ? ? ? ? ? ? ? ? 2.638 ? ? ? ? 0.079 ? ? 4 1 0.996 ? 
3.320 3.700  ? 11.590 ? ? ? ? 358 96.800 ? ? ? ? 0.063 ? ? ? ? ? ? ? ? 2.587 ? ? ? ? 0.076 ? ? 5 1 0.999 ? 
3.700 4.240  ? 13.160 ? ? ? ? 305 96.500 ? ? ? ? 0.051 ? ? ? ? ? ? ? ? 2.600 ? ? ? ? 0.064 ? ? 6 1 0.994 ? 
4.240 5.100  ? 13.580 ? ? ? ? 277 97.500 ? ? ? ? 0.052 ? ? ? ? ? ? ? ? 2.574 ? ? ? ? 0.065 ? ? 7 1 0.994 ? 
5.100 6.900  ? 13.810 ? ? ? ? 196 97.000 ? ? ? ? 0.052 ? ? ? ? ? ? ? ? 2.566 ? ? ? ? 0.066 ? ? 8 1 0.991 ? 
6.900 16.560 ? 12.680 ? ? ? ? 137 91.300 ? ? ? ? 0.057 ? ? ? ? ? ? ? ? 2.584 ? ? ? ? 0.071 ? ? 9 1 0.997 ? 
# 
_refine.aniso_B[1][1]                            ? 
_refine.aniso_B[1][2]                            ? 
_refine.aniso_B[1][3]                            ? 
_refine.aniso_B[2][2]                            ? 
_refine.aniso_B[2][3]                            ? 
_refine.aniso_B[3][3]                            ? 
_refine.B_iso_max                                ? 
_refine.B_iso_mean                               ? 
_refine.B_iso_min                                ? 
_refine.correlation_coeff_Fo_to_Fc               ? 
_refine.correlation_coeff_Fo_to_Fc_free          ? 
_refine.details                                  
;It has to be noted that limited resolution data was available to refine the highly disordered molecules. The atomic coordinates are best interpreted for the data to a resolution of 2.5 A and the electron density map is justified for this highly disordered in packing Z-type helices in which exocyclic atoms of the pyrimidine bases and backbone phosphate groups are refined with partial occupancies.
;
_refine.diff_density_max                         ? 
_refine.diff_density_max_esd                     ? 
_refine.diff_density_min                         ? 
_refine.diff_density_min_esd                     ? 
_refine.diff_density_rms                         ? 
_refine.diff_density_rms_esd                     ? 
_refine.entry_id                                 6A1Q 
_refine.pdbx_refine_id                           'X-RAY DIFFRACTION' 
_refine.ls_abs_structure_details                 ? 
_refine.ls_abs_structure_Flack                   ? 
_refine.ls_abs_structure_Flack_esd               ? 
_refine.ls_abs_structure_Rogers                  ? 
_refine.ls_abs_structure_Rogers_esd              ? 
_refine.ls_d_res_high                            2.501 
_refine.ls_d_res_low                             16.560 
_refine.ls_extinction_coef                       ? 
_refine.ls_extinction_coef_esd                   ? 
_refine.ls_extinction_expression                 ? 
_refine.ls_extinction_method                     ? 
_refine.ls_goodness_of_fit_all                   ? 
_refine.ls_goodness_of_fit_all_esd               ? 
_refine.ls_goodness_of_fit_obs                   ? 
_refine.ls_goodness_of_fit_obs_esd               ? 
_refine.ls_hydrogen_treatment                    ? 
_refine.ls_matrix_type                           ? 
_refine.ls_number_constraints                    ? 
_refine.ls_number_parameters                     ? 
_refine.ls_number_reflns_all                     ? 
_refine.ls_number_reflns_obs                     2961 
_refine.ls_number_reflns_R_free                  304 
_refine.ls_number_reflns_R_work                  ? 
_refine.ls_number_restraints                     ? 
_refine.ls_percent_reflns_obs                    96.01 
_refine.ls_percent_reflns_R_free                 10.27 
_refine.ls_R_factor_all                          ? 
_refine.ls_R_factor_obs                          0.2714 
_refine.ls_R_factor_R_free                       0.2761 
_refine.ls_R_factor_R_free_error                 ? 
_refine.ls_R_factor_R_free_error_details         ? 
_refine.ls_R_factor_R_work                       0.2741 
_refine.ls_R_Fsqd_factor_obs                     ? 
_refine.ls_R_I_factor_obs                        ? 
_refine.ls_redundancy_reflns_all                 ? 
_refine.ls_redundancy_reflns_obs                 ? 
_refine.ls_restrained_S_all                      ? 
_refine.ls_restrained_S_obs                      ? 
_refine.ls_shift_over_esd_max                    ? 
_refine.ls_shift_over_esd_mean                   ? 
_refine.ls_structure_factor_coef                 ? 
_refine.ls_weighting_details                     ? 
_refine.ls_weighting_scheme                      ? 
_refine.ls_wR_factor_all                         ? 
_refine.ls_wR_factor_obs                         ? 
_refine.ls_wR_factor_R_free                      ? 
_refine.ls_wR_factor_R_work                      ? 
_refine.occupancy_max                            ? 
_refine.occupancy_min                            ? 
_refine.solvent_model_details                    ? 
_refine.solvent_model_param_bsol                 ? 
_refine.solvent_model_param_ksol                 ? 
_refine.ls_R_factor_gt                           ? 
_refine.ls_goodness_of_fit_gt                    ? 
_refine.ls_goodness_of_fit_ref                   ? 
_refine.ls_shift_over_su_max                     ? 
_refine.ls_shift_over_su_max_lt                  ? 
_refine.ls_shift_over_su_mean                    ? 
_refine.ls_shift_over_su_mean_lt                 ? 
_refine.pdbx_ls_sigma_I                          ? 
_refine.pdbx_ls_sigma_F                          2.02 
_refine.pdbx_ls_sigma_Fsqd                       ? 
_refine.pdbx_data_cutoff_high_absF               ? 
_refine.pdbx_data_cutoff_high_rms_absF           ? 
_refine.pdbx_data_cutoff_low_absF                ? 
_refine.pdbx_isotropic_thermal_model             ? 
_refine.pdbx_ls_cross_valid_method               'FREE R-VALUE' 
_refine.pdbx_method_to_determine_struct          'MOLECULAR REPLACEMENT' 
_refine.pdbx_starting_model                      3P4J 
_refine.pdbx_stereochemistry_target_values       ? 
_refine.pdbx_R_Free_selection_details            ? 
_refine.pdbx_stereochem_target_val_spec_case     ? 
_refine.pdbx_overall_ESU_R                       ? 
_refine.pdbx_overall_ESU_R_Free                  ? 
_refine.pdbx_solvent_vdw_probe_radii             1.11 
_refine.pdbx_solvent_ion_probe_radii             ? 
_refine.pdbx_solvent_shrinkage_radii             0.90 
_refine.pdbx_real_space_R                        ? 
_refine.pdbx_density_correlation                 ? 
_refine.pdbx_pd_number_of_powder_patterns        ? 
_refine.pdbx_pd_number_of_points                 ? 
_refine.pdbx_pd_meas_number_of_points            ? 
_refine.pdbx_pd_proc_ls_prof_R_factor            ? 
_refine.pdbx_pd_proc_ls_prof_wR_factor           ? 
_refine.pdbx_pd_Marquardt_correlation_coeff      ? 
_refine.pdbx_pd_Fsqrd_R_factor                   ? 
_refine.pdbx_pd_ls_matrix_band_width             ? 
_refine.pdbx_overall_phase_error                 35.40 
_refine.pdbx_overall_SU_R_free_Cruickshank_DPI   ? 
_refine.pdbx_overall_SU_R_free_Blow_DPI          ? 
_refine.pdbx_overall_SU_R_Blow_DPI               ? 
_refine.pdbx_TLS_residual_ADP_flag               ? 
_refine.pdbx_diffrn_id                           1 
_refine.overall_SU_B                             ? 
_refine.overall_SU_ML                            ? 
_refine.overall_SU_R_Cruickshank_DPI             ? 
_refine.overall_SU_R_free                        ? 
_refine.overall_FOM_free_R_set                   ? 
_refine.overall_FOM_work_R_set                   ? 
_refine.pdbx_average_fsc_overall                 ? 
_refine.pdbx_average_fsc_work                    ? 
_refine.pdbx_average_fsc_free                    ? 
# 
_refine_hist.pdbx_refine_id                   'X-RAY DIFFRACTION' 
_refine_hist.cycle_id                         LAST 
_refine_hist.pdbx_number_atoms_protein        0 
_refine_hist.pdbx_number_atoms_nucleic_acid   492 
_refine_hist.pdbx_number_atoms_ligand         0 
_refine_hist.number_atoms_solvent             1 
_refine_hist.number_atoms_total               493 
_refine_hist.d_res_high                       2.501 
_refine_hist.d_res_low                        16.560 
# 
loop_
_refine_ls_restr.pdbx_refine_id 
_refine_ls_restr.criterion 
_refine_ls_restr.dev_ideal 
_refine_ls_restr.dev_ideal_target 
_refine_ls_restr.number 
_refine_ls_restr.rejects 
_refine_ls_restr.type 
_refine_ls_restr.weight 
_refine_ls_restr.pdbx_restraint_function 
'X-RAY DIFFRACTION' ? 0.014  ? 546 ? f_bond_d           ? ? 
'X-RAY DIFFRACTION' ? 1.646  ? 828 ? f_angle_d          ? ? 
'X-RAY DIFFRACTION' ? 32.466 ? 222 ? f_dihedral_angle_d ? ? 
'X-RAY DIFFRACTION' ? 0.116  ? 96  ? f_chiral_restr     ? ? 
'X-RAY DIFFRACTION' ? 0.009  ? 24  ? f_plane_restr      ? ? 
# 
loop_
_refine_ls_shell.pdbx_refine_id 
_refine_ls_shell.d_res_high 
_refine_ls_shell.d_res_low 
_refine_ls_shell.number_reflns_all 
_refine_ls_shell.number_reflns_obs 
_refine_ls_shell.number_reflns_R_free 
_refine_ls_shell.number_reflns_R_work 
_refine_ls_shell.percent_reflns_obs 
_refine_ls_shell.percent_reflns_R_free 
_refine_ls_shell.R_factor_all 
_refine_ls_shell.R_factor_obs 
_refine_ls_shell.R_factor_R_free 
_refine_ls_shell.R_factor_R_free_error 
_refine_ls_shell.R_factor_R_work 
_refine_ls_shell.redundancy_reflns_all 
_refine_ls_shell.redundancy_reflns_obs 
_refine_ls_shell.wR_factor_all 
_refine_ls_shell.wR_factor_obs 
_refine_ls_shell.wR_factor_R_free 
_refine_ls_shell.wR_factor_R_work 
_refine_ls_shell.pdbx_total_number_of_bins_used 
_refine_ls_shell.pdbx_phase_error 
_refine_ls_shell.pdbx_fsc_work 
_refine_ls_shell.pdbx_fsc_free 
'X-RAY DIFFRACTION' 2.5147 3.1601  . . 137 1292 86.00 . . . 0.3416 . 0.3519 . . . . . . . . . . 
'X-RAY DIFFRACTION' 3.1601 12.6742 . . 164 1299 86.00 . . . 0.2615 . 0.2353 . . . . . . . . . . 
# 
_struct.entry_id                     6A1Q 
_struct.title                        'Crystal structures of disordered Z-type helices' 
_struct.pdbx_model_details           ? 
_struct.pdbx_formula_weight          ? 
_struct.pdbx_formula_weight_method   ? 
_struct.pdbx_model_type_details      ? 
_struct.pdbx_CASP_flag               N 
# 
_struct_keywords.entry_id        6A1Q 
_struct_keywords.text            
'Tetradecamer sequence, alternate pyr-pur repeat, left handed Z-DNA duplex, discontinuous helices, P3(2), DNA' 
_struct_keywords.pdbx_keywords   DNA 
# 
loop_
_struct_asym.id 
_struct_asym.pdbx_blank_PDB_chainid_flag 
_struct_asym.pdbx_modified 
_struct_asym.entity_id 
_struct_asym.details 
A N N 1 ? 
B N N 2 ? 
C N N 1 ? 
D N N 2 ? 
E N N 1 ? 
F N N 2 ? 
G N N 3 ? 
# 
loop_
_struct_conn.id 
_struct_conn.conn_type_id 
_struct_conn.pdbx_leaving_atom_flag 
_struct_conn.pdbx_PDB_id 
_struct_conn.ptnr1_label_asym_id 
_struct_conn.ptnr1_label_comp_id 
_struct_conn.ptnr1_label_seq_id 
_struct_conn.ptnr1_label_atom_id 
_struct_conn.pdbx_ptnr1_label_alt_id 
_struct_conn.pdbx_ptnr1_PDB_ins_code 
_struct_conn.pdbx_ptnr1_standard_comp_id 
_struct_conn.ptnr1_symmetry 
_struct_conn.ptnr2_label_asym_id 
_struct_conn.ptnr2_label_comp_id 
_struct_conn.ptnr2_label_seq_id 
_struct_conn.ptnr2_label_atom_id 
_struct_conn.pdbx_ptnr2_label_alt_id 
_struct_conn.pdbx_ptnr2_PDB_ins_code 
_struct_conn.ptnr1_auth_asym_id 
_struct_conn.ptnr1_auth_comp_id 
_struct_conn.ptnr1_auth_seq_id 
_struct_conn.ptnr2_auth_asym_id 
_struct_conn.ptnr2_auth_comp_id 
_struct_conn.ptnr2_auth_seq_id 
_struct_conn.ptnr2_symmetry 
_struct_conn.pdbx_ptnr3_label_atom_id 
_struct_conn.pdbx_ptnr3_label_seq_id 
_struct_conn.pdbx_ptnr3_label_comp_id 
_struct_conn.pdbx_ptnr3_label_asym_id 
_struct_conn.pdbx_ptnr3_label_alt_id 
_struct_conn.pdbx_ptnr3_PDB_ins_code 
_struct_conn.details 
_struct_conn.pdbx_dist_value 
_struct_conn.pdbx_value_order 
_struct_conn.pdbx_role 
covale1  covale none ? F DC 1 OP2 ? ? ? 1_555 F DA 4 "C3'" ? ? F DC 1 F DA 4 3_855 ? ? ? ? ? ? ?            1.434 ? ? 
hydrog1  hydrog ?    ? A DT 1 N3  ? ? ? 1_555 B DA 4 N1    ? ? A DT 1 B DA 4 1_555 ? ? ? ? ? ? WATSON-CRICK ?     ? ? 
hydrog2  hydrog ?    ? A DT 1 O4  ? ? ? 1_555 B DA 4 N6    ? ? A DT 1 B DA 4 1_555 ? ? ? ? ? ? WATSON-CRICK ?     ? ? 
hydrog3  hydrog ?    ? A DG 2 N1  ? ? ? 1_555 B DC 3 N3    ? ? A DG 2 B DC 3 1_555 ? ? ? ? ? ? WATSON-CRICK ?     ? ? 
hydrog4  hydrog ?    ? A DG 2 N2  ? ? ? 1_555 B DC 3 O2    ? ? A DG 2 B DC 3 1_555 ? ? ? ? ? ? WATSON-CRICK ?     ? ? 
hydrog5  hydrog ?    ? A DG 2 O6  ? ? ? 1_555 B DC 3 N4    ? ? A DG 2 B DC 3 1_555 ? ? ? ? ? ? WATSON-CRICK ?     ? ? 
hydrog6  hydrog ?    ? A DT 3 N3  ? ? ? 1_555 B DA 2 N1    ? ? A DT 3 B DA 2 1_555 ? ? ? ? ? ? WATSON-CRICK ?     ? ? 
hydrog7  hydrog ?    ? A DT 3 O4  ? ? ? 1_555 B DA 2 N6    ? ? A DT 3 B DA 2 1_555 ? ? ? ? ? ? WATSON-CRICK ?     ? ? 
hydrog8  hydrog ?    ? A DG 4 N1  ? ? ? 1_555 B DC 1 N3    ? ? A DG 4 B DC 1 1_555 ? ? ? ? ? ? WATSON-CRICK ?     ? ? 
hydrog9  hydrog ?    ? A DG 4 N2  ? ? ? 1_555 B DC 1 O2    ? ? A DG 4 B DC 1 1_555 ? ? ? ? ? ? WATSON-CRICK ?     ? ? 
hydrog10 hydrog ?    ? A DG 4 O6  ? ? ? 1_555 B DC 1 N4    ? ? A DG 4 B DC 1 1_555 ? ? ? ? ? ? WATSON-CRICK ?     ? ? 
hydrog11 hydrog ?    ? C DT 1 N3  ? ? ? 1_555 D DA 4 N1    ? ? C DT 1 D DA 4 1_555 ? ? ? ? ? ? WATSON-CRICK ?     ? ? 
hydrog12 hydrog ?    ? C DT 1 O4  ? ? ? 1_555 D DA 4 N6    ? ? C DT 1 D DA 4 1_555 ? ? ? ? ? ? WATSON-CRICK ?     ? ? 
hydrog13 hydrog ?    ? C DG 2 N1  ? ? ? 1_555 D DC 3 N3    ? ? C DG 2 D DC 3 1_555 ? ? ? ? ? ? WATSON-CRICK ?     ? ? 
hydrog14 hydrog ?    ? C DG 2 N2  ? ? ? 1_555 D DC 3 O2    ? ? C DG 2 D DC 3 1_555 ? ? ? ? ? ? WATSON-CRICK ?     ? ? 
hydrog15 hydrog ?    ? C DG 2 O6  ? ? ? 1_555 D DC 3 N4    ? ? C DG 2 D DC 3 1_555 ? ? ? ? ? ? WATSON-CRICK ?     ? ? 
hydrog16 hydrog ?    ? C DT 3 N3  ? ? ? 1_555 D DA 2 N1    ? ? C DT 3 D DA 2 1_555 ? ? ? ? ? ? WATSON-CRICK ?     ? ? 
hydrog17 hydrog ?    ? C DT 3 O4  ? ? ? 1_555 D DA 2 N6    ? ? C DT 3 D DA 2 1_555 ? ? ? ? ? ? WATSON-CRICK ?     ? ? 
hydrog18 hydrog ?    ? C DG 4 N1  ? ? ? 1_555 D DC 1 N3    ? ? C DG 4 D DC 1 1_555 ? ? ? ? ? ? WATSON-CRICK ?     ? ? 
hydrog19 hydrog ?    ? C DG 4 N2  ? ? ? 1_555 D DC 1 O2    ? ? C DG 4 D DC 1 1_555 ? ? ? ? ? ? WATSON-CRICK ?     ? ? 
hydrog20 hydrog ?    ? C DG 4 O6  ? ? ? 1_555 D DC 1 N4    ? ? C DG 4 D DC 1 1_555 ? ? ? ? ? ? WATSON-CRICK ?     ? ? 
hydrog21 hydrog ?    ? E DT 1 N3  ? ? ? 1_555 F DA 4 N1    ? ? E DT 1 F DA 4 1_555 ? ? ? ? ? ? WATSON-CRICK ?     ? ? 
hydrog22 hydrog ?    ? E DT 1 O4  ? ? ? 1_555 F DA 4 N6    ? ? E DT 1 F DA 4 1_555 ? ? ? ? ? ? WATSON-CRICK ?     ? ? 
hydrog23 hydrog ?    ? E DG 2 N1  ? ? ? 1_555 F DC 3 N3    ? ? E DG 2 F DC 3 1_555 ? ? ? ? ? ? WATSON-CRICK ?     ? ? 
hydrog24 hydrog ?    ? E DG 2 N2  ? ? ? 1_555 F DC 3 O2    ? ? E DG 2 F DC 3 1_555 ? ? ? ? ? ? WATSON-CRICK ?     ? ? 
hydrog25 hydrog ?    ? E DG 2 O6  ? ? ? 1_555 F DC 3 N4    ? ? E DG 2 F DC 3 1_555 ? ? ? ? ? ? WATSON-CRICK ?     ? ? 
hydrog26 hydrog ?    ? E DT 3 N3  ? ? ? 1_555 F DA 2 N1    ? ? E DT 3 F DA 2 1_555 ? ? ? ? ? ? WATSON-CRICK ?     ? ? 
hydrog27 hydrog ?    ? E DT 3 O4  ? ? ? 1_555 F DA 2 N6    ? ? E DT 3 F DA 2 1_555 ? ? ? ? ? ? WATSON-CRICK ?     ? ? 
hydrog28 hydrog ?    ? E DG 4 N1  ? ? ? 1_555 F DC 1 N3    ? ? E DG 4 F DC 1 1_555 ? ? ? ? ? ? WATSON-CRICK ?     ? ? 
hydrog29 hydrog ?    ? E DG 4 N2  ? ? ? 1_555 F DC 1 O2    ? ? E DG 4 F DC 1 1_555 ? ? ? ? ? ? WATSON-CRICK ?     ? ? 
hydrog30 hydrog ?    ? E DG 4 O6  ? ? ? 1_555 F DC 1 N4    ? ? E DG 4 F DC 1 1_555 ? ? ? ? ? ? WATSON-CRICK ?     ? ? 
# 
loop_
_struct_conn_type.id 
_struct_conn_type.criteria 
_struct_conn_type.reference 
covale ? ? 
hydrog ? ? 
# 
_atom_sites.entry_id                    6A1Q 
_atom_sites.fract_transf_matrix[1][1]   0.00728017 
_atom_sites.fract_transf_matrix[1][2]   0.02512469 
_atom_sites.fract_transf_matrix[1][3]   -0.02706985 
_atom_sites.fract_transf_matrix[2][1]   -0.00225522 
_atom_sites.fract_transf_matrix[2][2]   0.03683745 
_atom_sites.fract_transf_matrix[2][3]   0.00741026 
_atom_sites.fract_transf_matrix[3][1]   0.02276736 
_atom_sites.fract_transf_matrix[3][2]   0.00013661 
_atom_sites.fract_transf_matrix[3][3]   0.00624985 
_atom_sites.fract_transf_vector[1]      1.040112 
_atom_sites.fract_transf_vector[2]      -0.619948 
_atom_sites.fract_transf_vector[3]      -0.060307 
# 
loop_
_atom_type.symbol 
C 
N 
O 
P 
# 
loop_
_atom_site.group_PDB 
_atom_site.id 
_atom_site.type_symbol 
_atom_site.label_atom_id 
_atom_site.label_alt_id 
_atom_site.label_comp_id 
_atom_site.label_asym_id 
_atom_site.label_entity_id 
_atom_site.label_seq_id 
_atom_site.pdbx_PDB_ins_code 
_atom_site.Cartn_x 
_atom_site.Cartn_y 
_atom_site.Cartn_z 
_atom_site.occupancy 
_atom_site.B_iso_or_equiv 
_atom_site.pdbx_formal_charge 
_atom_site.auth_seq_id 
_atom_site.auth_comp_id 
_atom_site.auth_asym_id 
_atom_site.auth_atom_id 
_atom_site.pdbx_PDB_model_num 
ATOM   1   P P     . DT  A 1 1 ? -7.722 16.025  -6.815  0.93 37.67 ? 1   DT  A P     1 
ATOM   2   O OP1   . DT  A 1 1 ? -8.172 17.058  -7.727  0.93 39.87 ? 1   DT  A OP1   1 
ATOM   3   O OP2   . DT  A 1 1 ? -6.859 16.382  -5.690  0.93 35.70 ? 1   DT  A OP2   1 
ATOM   4   O "O5'" . DT  A 1 1 ? -6.826 15.144  -7.771  1.00 46.00 ? 1   DT  A "O5'" 1 
ATOM   5   C "C5'" . DT  A 1 1 ? -7.282 13.873  -8.199  1.00 39.66 ? 1   DT  A "C5'" 1 
ATOM   6   C "C4'" . DT  A 1 1 ? -6.355 12.785  -7.711  1.00 30.60 ? 1   DT  A "C4'" 1 
ATOM   7   O "O4'" . DT  A 1 1 ? -6.047 12.917  -6.303  1.00 24.14 ? 1   DT  A "O4'" 1 
ATOM   8   C "C3'" . DT  A 1 1 ? -6.947 11.394  -7.885  1.00 28.67 ? 1   DT  A "C3'" 1 
ATOM   9   O "O3'" . DT  A 1 1 ? -6.009 10.576  -8.561  1.00 34.24 ? 1   DT  A "O3'" 1 
ATOM   10  C "C2'" . DT  A 1 1 ? -7.132 10.902  -6.466  1.00 22.80 ? 1   DT  A "C2'" 1 
ATOM   11  C "C1'" . DT  A 1 1 ? -6.026 11.627  -5.744  1.00 16.15 ? 1   DT  A "C1'" 1 
ATOM   12  N N1    . DT  A 1 1 ? -6.264 11.731  -4.303  1.00 17.75 ? 1   DT  A N1    1 
ATOM   13  C C2    . DT  A 1 1 ? -6.422 10.566  -3.589  1.00 17.12 ? 1   DT  A C2    1 
ATOM   14  O O2    . DT  A 1 1 ? -6.352 9.462   -4.093  1.00 17.33 ? 1   DT  A O2    1 
ATOM   15  N N3    . DT  A 1 1 ? -6.688 10.744  -2.256  1.00 16.24 ? 1   DT  A N3    1 
ATOM   16  C C4    . DT  A 1 1 ? -6.818 11.939  -1.584  1.00 15.95 ? 1   DT  A C4    1 
ATOM   17  O O4    . DT  A 1 1 ? -7.054 11.940  -0.383  1.00 15.16 ? 1   DT  A O4    1 
ATOM   18  C C5    . DT  A 1 1 ? -6.647 13.119  -2.395  1.00 16.66 ? 1   DT  A C5    1 
ATOM   19  C C7    . DT  A 1 1 ? -6.753 14.465  -1.752  0.14 16.43 ? 1   DT  A C7    1 
ATOM   20  C C6    . DT  A 1 1 ? -6.387 12.957  -3.696  1.00 17.51 ? 1   DT  A C6    1 
ATOM   21  P P     . DG  A 1 2 ? -5.797 10.723  -10.101 0.93 42.02 ? 2   DG  A P     1 
ATOM   22  O OP1   . DG  A 1 2 ? -7.053 11.153  -10.719 0.93 46.43 ? 2   DG  A OP1   1 
ATOM   23  O OP2   . DG  A 1 2 ? -5.142 9.511   -10.565 0.93 46.32 ? 2   DG  A OP2   1 
ATOM   24  O "O5'" . DG  A 1 2 ? -4.717 11.874  -10.198 1.00 42.54 ? 2   DG  A "O5'" 1 
ATOM   25  C "C5'" . DG  A 1 2 ? -3.337 11.550  -10.261 1.00 36.47 ? 2   DG  A "C5'" 1 
ATOM   26  C "C4'" . DG  A 1 2 ? -2.522 12.786  -9.988  1.00 32.06 ? 2   DG  A "C4'" 1 
ATOM   27  O "O4'" . DG  A 1 2 ? -3.101 13.563  -8.936  1.00 28.92 ? 2   DG  A "O4'" 1 
ATOM   28  C "C3'" . DG  A 1 2 ? -1.118 12.523  -9.490  1.00 31.94 ? 2   DG  A "C3'" 1 
ATOM   29  O "O3'" . DG  A 1 2 ? -0.287 12.208  -10.591 1.00 39.75 ? 2   DG  A "O3'" 1 
ATOM   30  C "C2'" . DG  A 1 2 ? -0.754 13.852  -8.857  1.00 28.67 ? 2   DG  A "C2'" 1 
ATOM   31  C "C1'" . DG  A 1 2 ? -2.105 14.475  -8.515  1.00 28.71 ? 2   DG  A "C1'" 1 
ATOM   32  N N9    . DG  A 1 2 ? -2.308 14.747  -7.101  1.00 29.31 ? 2   DG  A N9    1 
ATOM   33  C C8    . DG  A 1 2 ? -2.476 15.979  -6.523  1.00 30.49 ? 2   DG  A C8    1 
ATOM   34  N N7    . DG  A 1 2 ? -2.609 15.922  -5.227  1.00 31.49 ? 2   DG  A N7    1 
ATOM   35  C C5    . DG  A 1 2 ? -2.517 14.572  -4.932  1.00 30.80 ? 2   DG  A C5    1 
ATOM   36  C C6    . DG  A 1 2 ? -2.604 13.895  -3.687  1.00 30.78 ? 2   DG  A C6    1 
ATOM   37  O O6    . DG  A 1 2 ? -2.769 14.374  -2.561  1.00 26.26 ? 2   DG  A O6    1 
ATOM   38  N N1    . DG  A 1 2 ? -2.452 12.523  -3.841  1.00 36.85 ? 2   DG  A N1    1 
ATOM   39  C C2    . DG  A 1 2 ? -2.251 11.883  -5.037  1.00 32.05 ? 2   DG  A C2    1 
ATOM   40  N N2    . DG  A 1 2 ? -2.134 10.554  -4.983  0.86 31.02 ? 2   DG  A N2    1 
ATOM   41  N N3    . DG  A 1 2 ? -2.172 12.501  -6.203  1.00 33.90 ? 2   DG  A N3    1 
ATOM   42  C C4    . DG  A 1 2 ? -2.311 13.835  -6.078  1.00 31.10 ? 2   DG  A C4    1 
ATOM   43  P P     . DT  A 1 3 ? 0.128  10.726  -10.889 0.93 50.75 ? 3   DT  A P     1 
ATOM   44  O OP1   . DT  A 1 3 ? 1.250  10.734  -11.828 0.93 59.98 ? 3   DT  A OP1   1 
ATOM   45  O OP2   . DT  A 1 3 ? -1.080 9.952   -11.182 0.93 49.92 ? 3   DT  A OP2   1 
ATOM   46  O "O5'" . DT  A 1 3 ? 0.750  10.282  -9.512  1.00 49.64 ? 3   DT  A "O5'" 1 
ATOM   47  C "C5'" . DT  A 1 3 ? 2.125  9.904   -9.381  1.00 45.39 ? 3   DT  A "C5'" 1 
ATOM   48  C "C4'" . DT  A 1 3 ? 2.265  9.129   -8.097  1.00 34.89 ? 3   DT  A "C4'" 1 
ATOM   49  O "O4'" . DT  A 1 3 ? 2.510  10.060  -7.026  1.00 24.80 ? 3   DT  A "O4'" 1 
ATOM   50  C "C3'" . DT  A 1 3 ? 0.981  8.391   -7.718  1.00 33.91 ? 3   DT  A "C3'" 1 
ATOM   51  O "O3'" . DT  A 1 3 ? 1.283  7.126   -7.170  1.00 40.42 ? 3   DT  A "O3'" 1 
ATOM   52  C "C2'" . DT  A 1 3 ? 0.353  9.295   -6.683  1.00 25.71 ? 3   DT  A "C2'" 1 
ATOM   53  C "C1'" . DT  A 1 3 ? 1.587  9.818   -5.997  1.00 20.59 ? 3   DT  A "C1'" 1 
ATOM   54  N N1    . DT  A 1 3 ? 1.394  11.062  -5.277  1.00 23.36 ? 3   DT  A N1    1 
ATOM   55  C C2    . DT  A 1 3 ? 1.079  10.986  -3.943  1.00 22.43 ? 3   DT  A C2    1 
ATOM   56  O O2    . DT  A 1 3 ? 0.950  9.935   -3.352  1.00 21.90 ? 3   DT  A O2    1 
ATOM   57  N N3    . DT  A 1 3 ? 0.932  12.196  -3.321  1.00 22.16 ? 3   DT  A N3    1 
ATOM   58  C C4    . DT  A 1 3 ? 1.078  13.446  -3.884  1.00 22.70 ? 3   DT  A C4    1 
ATOM   59  O O4    . DT  A 1 3 ? 0.932  14.447  -3.193  1.00 22.36 ? 3   DT  A O4    1 
ATOM   60  C C5    . DT  A 1 3 ? 1.406  13.453  -5.288  1.00 23.65 ? 3   DT  A C5    1 
ATOM   61  C C7    . DT  A 1 3 ? 1.575  14.764  -5.987  0.14 24.29 ? 3   DT  A C7    1 
ATOM   62  C C6    . DT  A 1 3 ? 1.548  12.275  -5.907  1.00 23.93 ? 3   DT  A C6    1 
ATOM   63  P P     . DG  A 1 4 ? 1.031  5.853   -8.000  0.93 27.49 ? 4   DG  A P     1 
ATOM   64  O OP1   . DG  A 1 4 ? 0.122  6.213   -9.079  0.93 40.07 ? 4   DG  A OP1   1 
ATOM   65  O OP2   . DG  A 1 4 ? 0.717  4.770   -7.085  0.93 26.48 ? 4   DG  A OP2   1 
ATOM   66  O "O5'" . DG  A 1 4 ? 2.428  5.560   -8.682  1.00 29.14 ? 4   DG  A "O5'" 1 
ATOM   67  C "C5'" . DG  A 1 4 ? 3.546  5.004   -7.980  1.00 27.56 ? 4   DG  A "C5'" 1 
ATOM   68  C "C4'" . DG  A 1 4 ? 4.819  5.299   -8.736  1.00 27.69 ? 4   DG  A "C4'" 1 
ATOM   69  O "O4'" . DG  A 1 4 ? 4.733  6.640   -9.258  1.00 27.61 ? 4   DG  A "O4'" 1 
ATOM   70  C "C3'" . DG  A 1 4 ? 6.095  5.290   -7.895  1.00 30.06 ? 4   DG  A "C3'" 1 
ATOM   71  O "O3'" . DG  A 1 4 ? 6.707  3.995   -7.705  1.00 40.46 ? 4   DG  A "O3'" 1 
ATOM   72  C "C2'" . DG  A 1 4 ? 6.992  6.259   -8.642  1.00 29.34 ? 4   DG  A "C2'" 1 
ATOM   73  C "C1'" . DG  A 1 4 ? 6.024  7.193   -9.374  1.00 29.39 ? 4   DG  A "C1'" 1 
ATOM   74  N N9    . DG  A 1 4 ? 5.975  8.565   -8.882  1.00 27.14 ? 4   DG  A N9    1 
ATOM   75  C C8    . DG  A 1 4 ? 6.251  9.695   -9.609  1.00 30.68 ? 4   DG  A C8    1 
ATOM   76  N N7    . DG  A 1 4 ? 6.174  10.790  -8.905  1.00 26.55 ? 4   DG  A N7    1 
ATOM   77  C C5    . DG  A 1 4 ? 5.843  10.357  -7.631  1.00 22.55 ? 4   DG  A C5    1 
ATOM   78  C C6    . DG  A 1 4 ? 5.607  11.096  -6.441  1.00 15.49 ? 4   DG  A C6    1 
ATOM   79  O O6    . DG  A 1 4 ? 5.665  12.315  -6.269  1.00 12.69 ? 4   DG  A O6    1 
ATOM   80  N N1    . DG  A 1 4 ? 5.300  10.261  -5.373  1.00 14.45 ? 4   DG  A N1    1 
ATOM   81  C C2    . DG  A 1 4 ? 5.209  8.896   -5.446  1.00 13.70 ? 4   DG  A C2    1 
ATOM   82  N N2    . DG  A 1 4 ? 4.889  8.270   -4.314  0.86 12.19 ? 4   DG  A N2    1 
ATOM   83  N N3    . DG  A 1 4 ? 5.415  8.194   -6.549  1.00 20.47 ? 4   DG  A N3    1 
ATOM   84  C C4    . DG  A 1 4 ? 5.728  8.984   -7.597  1.00 25.77 ? 4   DG  A C4    1 
ATOM   85  P P     . DC  B 2 1 ? 2.919  14.564  1.743   0.93 48.47 ? 1   DC  B P     1 
ATOM   86  O OP1   . DC  B 2 1 ? 2.211  15.720  1.194   0.93 51.27 ? 1   DC  B OP1   1 
ATOM   87  O OP2   . DC  B 2 1 ? 4.153  14.723  2.536   0.93 49.71 ? 1   DC  B OP2   1 
ATOM   88  O "O5'" . DC  B 2 1 ? 1.912  13.467  2.280   1.00 48.39 ? 1   DC  B "O5'" 1 
ATOM   89  C "C5'" . DC  B 2 1 ? 2.404  12.364  3.042   1.00 43.85 ? 1   DC  B "C5'" 1 
ATOM   90  C "C4'" . DC  B 2 1 ? 2.328  11.063  2.276   1.00 34.02 ? 1   DC  B "C4'" 1 
ATOM   91  O "O4'" . DC  B 2 1 ? 2.157  11.277  0.856   1.00 27.57 ? 1   DC  B "O4'" 1 
ATOM   92  C "C3'" . DC  B 2 1 ? 3.584  10.216  2.408   1.00 36.88 ? 1   DC  B "C3'" 1 
ATOM   93  O "O3'" . DC  B 2 1 ? 3.170  8.859   2.417   1.00 37.75 ? 1   DC  B "O3'" 1 
ATOM   94  C "C2'" . DC  B 2 1 ? 4.341  10.542  1.139   1.00 27.95 ? 1   DC  B "C2'" 1 
ATOM   95  C "C1'" . DC  B 2 1 ? 3.210  10.660  0.150   1.00 22.13 ? 1   DC  B "C1'" 1 
ATOM   96  N N1    . DC  B 2 1 ? 3.501  11.480  -1.023  1.00 20.64 ? 1   DC  B N1    1 
ATOM   97  C C2    . DC  B 2 1 ? 3.842  10.850  -2.218  1.00 19.29 ? 1   DC  B C2    1 
ATOM   98  O O2    . DC  B 2 1 ? 3.900  9.618   -2.248  1.00 17.62 ? 1   DC  B O2    1 
ATOM   99  N N3    . DC  B 2 1 ? 4.117  11.600  -3.303  1.00 26.14 ? 1   DC  B N3    1 
ATOM   100 C C4    . DC  B 2 1 ? 4.051  12.929  -3.229  1.00 24.21 ? 1   DC  B C4    1 
ATOM   101 N N4    . DC  B 2 1 ? 4.315  13.629  -4.329  1.00 24.08 ? 1   DC  B N4    1 
ATOM   102 C C5    . DC  B 2 1 ? 3.709  13.599  -2.023  1.00 22.84 ? 1   DC  B C5    1 
ATOM   103 C C6    . DC  B 2 1 ? 3.436  12.841  -0.956  1.00 22.97 ? 1   DC  B C6    1 
ATOM   104 P P     . DA  B 2 2 ? 3.373  7.989   3.679   0.93 44.29 ? 2   DA  B P     1 
ATOM   105 O OP1   . DA  B 2 2 ? 4.421  8.598   4.484   0.93 52.69 ? 2   DA  B OP1   1 
ATOM   106 O OP2   . DA  B 2 2 ? 3.519  6.603   3.250   0.93 38.38 ? 2   DA  B OP2   1 
ATOM   107 O "O5'" . DA  B 2 2 ? 1.999  8.174   4.433   1.00 36.85 ? 2   DA  B "O5'" 1 
ATOM   108 C "C5'" . DA  B 2 2 ? 0.795  7.727   3.823   1.00 37.77 ? 2   DA  B "C5'" 1 
ATOM   109 C "C4'" . DA  B 2 2 ? -0.381 8.387   4.496   1.00 39.76 ? 2   DA  B "C4'" 1 
ATOM   110 O "O4'" . DA  B 2 2 ? -0.209 9.798   4.349   1.00 39.81 ? 2   DA  B "O4'" 1 
ATOM   111 C "C3'" . DA  B 2 2 ? -1.712 8.081   3.831   1.00 46.20 ? 2   DA  B "C3'" 1 
ATOM   112 O "O3'" . DA  B 2 2 ? -2.280 6.914   4.429   1.00 57.19 ? 2   DA  B "O3'" 1 
ATOM   113 C "C2'" . DA  B 2 2 ? -2.507 9.363   4.027   1.00 41.94 ? 2   DA  B "C2'" 1 
ATOM   114 C "C1'" . DA  B 2 2 ? -1.459 10.435  4.292   1.00 40.10 ? 2   DA  B "C1'" 1 
ATOM   115 N N9    . DA  B 2 2 ? -1.360 11.507  3.311   1.00 26.83 ? 2   DA  B N9    1 
ATOM   116 C C8    . DA  B 2 2 ? -1.598 12.835  3.538   1.00 27.15 ? 2   DA  B C8    1 
ATOM   117 N N7    . DA  B 2 2 ? -1.415 13.592  2.487   1.00 26.91 ? 2   DA  B N7    1 
ATOM   118 C C5    . DA  B 2 2 ? -0.999 12.705  1.507   1.00 26.42 ? 2   DA  B C5    1 
ATOM   119 C C6    . DA  B 2 2 ? -0.629 12.886  0.166   1.00 25.98 ? 2   DA  B C6    1 
ATOM   120 N N6    . DA  B 2 2 ? -0.626 14.069  -0.447  1.00 25.98 ? 2   DA  B N6    1 
ATOM   121 N N1    . DA  B 2 2 ? -0.272 11.792  -0.540  1.00 25.53 ? 2   DA  B N1    1 
ATOM   122 C C2    . DA  B 2 2 ? -0.284 10.605  0.072   1.00 25.53 ? 2   DA  B C2    1 
ATOM   123 N N3    . DA  B 2 2 ? -0.603 10.309  1.328   1.00 25.92 ? 2   DA  B N3    1 
ATOM   124 C C4    . DA  B 2 2 ? -0.954 11.417  2.002   1.00 26.35 ? 2   DA  B C4    1 
ATOM   125 P P     . DC  B 2 3 ? -2.715 5.678   3.611   0.93 48.70 ? 3   DC  B P     1 
ATOM   126 O OP1   . DC  B 2 3 ? -3.932 5.205   4.261   0.93 46.30 ? 3   DC  B OP1   1 
ATOM   127 O OP2   . DC  B 2 3 ? -1.561 4.812   3.357   0.93 48.76 ? 3   DC  B OP2   1 
ATOM   128 O "O5'" . DC  B 2 3 ? -3.300 6.197   2.242   1.00 42.15 ? 3   DC  B "O5'" 1 
ATOM   129 C "C5'" . DC  B 2 3 ? -4.292 5.345   1.652   1.00 32.82 ? 3   DC  B "C5'" 1 
ATOM   130 C "C4'" . DC  B 2 3 ? -4.311 5.507   0.158   1.00 23.33 ? 3   DC  B "C4'" 1 
ATOM   131 O "O4'" . DC  B 2 3 ? -4.683 6.869   -0.096  1.00 21.41 ? 3   DC  B "O4'" 1 
ATOM   132 C "C3'" . DC  B 2 3 ? -2.954 5.303   -0.504  1.00 21.20 ? 3   DC  B "C3'" 1 
ATOM   133 O "O3'" . DC  B 2 3 ? -3.095 4.518   -1.689  1.00 23.43 ? 3   DC  B "O3'" 1 
ATOM   134 C "C2'" . DC  B 2 3 ? -2.483 6.720   -0.776  1.00 18.09 ? 3   DC  B "C2'" 1 
ATOM   135 C "C1'" . DC  B 2 3 ? -3.788 7.436   -1.013  1.00 18.13 ? 3   DC  B "C1'" 1 
ATOM   136 N N1    . DC  B 2 3 ? -3.795 8.885   -0.805  1.00 18.41 ? 3   DC  B N1    1 
ATOM   137 C C2    . DC  B 2 3 ? -3.368 9.715   -1.838  1.00 17.99 ? 3   DC  B C2    1 
ATOM   138 O O2    . DC  B 2 3 ? -2.958 9.204   -2.885  1.00 17.51 ? 3   DC  B O2    1 
ATOM   139 N N3    . DC  B 2 3 ? -3.372 11.051  -1.653  1.00 18.25 ? 3   DC  B N3    1 
ATOM   140 C C4    . DC  B 2 3 ? -3.809 11.564  -0.504  1.00 18.99 ? 3   DC  B C4    1 
ATOM   141 N N4    . DC  B 2 3 ? -3.822 12.885  -0.379  1.00 19.51 ? 3   DC  B N4    1 
ATOM   142 C C5    . DC  B 2 3 ? -4.265 10.741  0.560   1.00 19.87 ? 3   DC  B C5    1 
ATOM   143 C C6    . DC  B 2 3 ? -4.250 9.420   0.365   1.00 19.29 ? 3   DC  B C6    1 
ATOM   144 P P     . DA  B 2 4 ? -2.868 2.971   -1.646  0.93 29.62 ? 4   DA  B P     1 
ATOM   145 O OP1   . DA  B 2 4 ? -2.585 2.608   -0.264  0.93 43.32 ? 4   DA  B OP1   1 
ATOM   146 O OP2   . DA  B 2 4 ? -1.909 2.630   -2.670  0.93 24.49 ? 4   DA  B OP2   1 
ATOM   147 O "O5'" . DA  B 2 4 ? -4.282 2.363   -2.050  1.00 29.86 ? 4   DA  B "O5'" 1 
ATOM   148 C "C5'" . DA  B 2 4 ? -5.516 3.094   -1.908  1.00 27.78 ? 4   DA  B "C5'" 1 
ATOM   149 C "C4'" . DA  B 2 4 ? -6.530 2.340   -1.075  1.00 25.66 ? 4   DA  B "C4'" 1 
ATOM   150 O "O4'" . DA  B 2 4 ? -6.413 2.813   0.277   1.00 26.54 ? 4   DA  B "O4'" 1 
ATOM   151 C "C3'" . DA  B 2 4 ? -7.997 2.582   -1.440  1.00 29.41 ? 4   DA  B "C3'" 1 
ATOM   152 O "O3'" . DA  B 2 4 ? -8.605 1.658   -2.348  1.00 31.48 ? 4   DA  B "O3'" 1 
ATOM   153 C "C2'" . DA  B 2 4 ? -8.696 2.433   -0.110  1.00 27.38 ? 4   DA  B "C2'" 1 
ATOM   154 C "C1'" . DA  B 2 4 ? -7.692 3.040   0.837   1.00 27.14 ? 4   DA  B "C1'" 1 
ATOM   155 N N9    . DA  B 2 4 ? -7.842 4.474   1.057   1.00 23.73 ? 4   DA  B N9    1 
ATOM   156 C C8    . DA  B 2 4 ? -8.132 5.096   2.241   1.00 24.24 ? 4   DA  B C8    1 
ATOM   157 N N7    . DA  B 2 4 ? -8.214 6.398   2.149   1.00 24.43 ? 4   DA  B N7    1 
ATOM   158 C C5    . DA  B 2 4 ? -7.949 6.653   0.813   1.00 24.02 ? 4   DA  B C5    1 
ATOM   159 C C6    . DA  B 2 4 ? -7.873 7.843   0.079   1.00 23.98 ? 4   DA  B C6    1 
ATOM   160 N N6    . DA  B 2 4 ? -8.065 9.049   0.608   1.00 24.37 ? 4   DA  B N6    1 
ATOM   161 N N1    . DA  B 2 4 ? -7.586 7.753   -1.236  1.00 23.51 ? 4   DA  B N1    1 
ATOM   162 C C2    . DA  B 2 4 ? -7.400 6.543   -1.768  1.00 23.12 ? 4   DA  B C2    1 
ATOM   163 N N3    . DA  B 2 4 ? -7.436 5.352   -1.180  1.00 23.11 ? 4   DA  B N3    1 
ATOM   164 C C4    . DA  B 2 4 ? -7.721 5.478   0.128   1.00 23.58 ? 4   DA  B C4    1 
ATOM   165 P P     . DT  C 1 1 ? -3.010 -1.067  1.872   0.93 78.10 ? 1   DT  C P     1 
ATOM   166 O OP1   . DT  C 1 1 ? -2.146 -0.995  0.681   0.93 83.65 ? 1   DT  C OP1   1 
ATOM   167 O OP2   . DT  C 1 1 ? -4.305 -1.756  1.811   0.93 78.60 ? 1   DT  C OP2   1 
ATOM   168 O "O5'" . DT  C 1 1 ? -2.036 -1.797  2.888   1.00 72.24 ? 1   DT  C "O5'" 1 
ATOM   169 C "C5'" . DT  C 1 1 ? -2.078 -3.222  3.075   1.00 66.63 ? 1   DT  C "C5'" 1 
ATOM   170 C "C4'" . DT  C 1 1 ? -2.140 -3.598  4.538   1.00 55.88 ? 1   DT  C "C4'" 1 
ATOM   171 O "O4'" . DT  C 1 1 ? -1.833 -2.471  5.393   1.00 51.14 ? 1   DT  C "O4'" 1 
ATOM   172 C "C3'" . DT  C 1 1 ? -3.493 -4.130  5.000   1.00 51.72 ? 1   DT  C "C3'" 1 
ATOM   173 O "O3'" . DT  C 1 1 ? -3.327 -5.226  5.878   1.00 51.54 ? 1   DT  C "O3'" 1 
ATOM   174 C "C2'" . DT  C 1 1 ? -4.048 -2.999  5.833   1.00 47.68 ? 1   DT  C "C2'" 1 
ATOM   175 C "C1'" . DT  C 1 1 ? -2.793 -2.389  6.411   1.00 47.66 ? 1   DT  C "C1'" 1 
ATOM   176 N N1    . DT  C 1 1 ? -2.937 -0.986  6.776   1.00 33.83 ? 1   DT  C N1    1 
ATOM   177 C C2    . DT  C 1 1 ? -3.282 -0.706  8.072   1.00 33.33 ? 1   DT  C C2    1 
ATOM   178 O O2    . DT  C 1 1 ? -3.441 -1.566  8.912   1.00 33.00 ? 1   DT  C O2    1 
ATOM   179 N N3    . DT  C 1 1 ? -3.436 0.627   8.347   1.00 33.26 ? 1   DT  C N3    1 
ATOM   180 C C4    . DT  C 1 1 ? -3.292 1.682   7.468   1.00 33.63 ? 1   DT  C C4    1 
ATOM   181 O O4    . DT  C 1 1 ? -3.458 2.830   7.858   1.00 33.51 ? 1   DT  C O4    1 
ATOM   182 C C5    . DT  C 1 1 ? -2.944 1.313   6.119   1.00 34.14 ? 1   DT  C C5    1 
ATOM   183 C C7    . DT  C 1 1 ? -2.770 2.390   5.097   0.14 34.57 ? 1   DT  C C7    1 
ATOM   184 C C6    . DT  C 1 1 ? -2.790 0.014   5.843   1.00 34.21 ? 1   DT  C C6    1 
ATOM   185 P P     . DG  C 1 2 ? -3.442 -6.648  5.271   0.93 40.59 ? 2   DG  C P     1 
ATOM   186 O OP1   . DG  C 1 2 ? -4.403 -6.568  4.176   0.93 55.40 ? 2   DG  C OP1   1 
ATOM   187 O OP2   . DG  C 1 2 ? -3.692 -7.608  6.347   0.93 37.90 ? 2   DG  C OP2   1 
ATOM   188 O "O5'" . DG  C 1 2 ? -2.033 -6.821  4.559   1.00 35.13 ? 2   DG  C "O5'" 1 
ATOM   189 C "C5'" . DG  C 1 2 ? -0.914 -7.448  5.218   1.00 29.34 ? 2   DG  C "C5'" 1 
ATOM   190 C "C4'" . DG  C 1 2 ? 0.314  -7.443  4.336   1.00 25.63 ? 2   DG  C "C4'" 1 
ATOM   191 O "O4'" . DG  C 1 2 ? 0.330  -6.247  3.548   1.00 23.62 ? 2   DG  C "O4'" 1 
ATOM   192 C "C3'" . DG  C 1 2 ? 1.622  -7.439  5.110   1.00 26.41 ? 2   DG  C "C3'" 1 
ATOM   193 O "O3'" . DG  C 1 2 ? 2.119  -8.771  5.173   1.00 32.53 ? 2   DG  C "O3'" 1 
ATOM   194 C "C2'" . DG  C 1 2 ? 2.542  -6.539  4.307   1.00 22.64 ? 2   DG  C "C2'" 1 
ATOM   195 C "C1'" . DG  C 1 2 ? 1.629  -5.731  3.407   1.00 21.41 ? 2   DG  C "C1'" 1 
ATOM   196 N N9    . DG  C 1 2 ? 1.557  -4.306  3.682   1.00 21.30 ? 2   DG  C N9    1 
ATOM   197 C C8    . DG  C 1 2 ? 1.741  -3.286  2.786   1.00 21.67 ? 2   DG  C C8    1 
ATOM   198 N N7    . DG  C 1 2 ? 1.588  -2.105  3.315   1.00 21.47 ? 2   DG  C N7    1 
ATOM   199 C C5    . DG  C 1 2 ? 1.245  -2.363  4.632   1.00 21.23 ? 2   DG  C C5    1 
ATOM   200 C C6    . DG  C 1 2 ? 0.928  -1.473  5.691   1.00 22.70 ? 2   DG  C C6    1 
ATOM   201 O O6    . DG  C 1 2 ? 0.901  -0.241  5.679   1.00 22.99 ? 2   DG  C O6    1 
ATOM   202 N N1    . DG  C 1 2 ? 0.639  -2.157  6.864   1.00 21.03 ? 2   DG  C N1    1 
ATOM   203 C C2    . DG  C 1 2 ? 0.653  -3.520  7.003   1.00 20.98 ? 2   DG  C C2    1 
ATOM   204 N N2    . DG  C 1 2 ? 0.347  -3.991  8.210   0.86 20.86 ? 2   DG  C N2    1 
ATOM   205 N N3    . DG  C 1 2 ? 0.926  -4.361  6.020   1.00 21.05 ? 2   DG  C N3    1 
ATOM   206 C C4    . DG  C 1 2 ? 1.216  -3.718  4.872   1.00 21.17 ? 2   DG  C C4    1 
ATOM   207 P P     . DT  C 1 3 ? 3.369  -9.063  6.032   0.93 37.33 ? 3   DT  C P     1 
ATOM   208 O OP1   . DT  C 1 3 ? 4.347  -8.034  5.690   0.93 36.26 ? 3   DT  C OP1   1 
ATOM   209 O OP2   . DT  C 1 3 ? 3.717  -10.461 5.848   0.93 45.43 ? 3   DT  C OP2   1 
ATOM   210 O "O5'" . DT  C 1 3 ? 2.814  -8.909  7.510   1.00 27.86 ? 3   DT  C "O5'" 1 
ATOM   211 C "C5'" . DT  C 1 3 ? 3.584  -9.306  8.629   1.00 25.98 ? 3   DT  C "C5'" 1 
ATOM   212 C "C4'" . DT  C 1 3 ? 3.688  -8.154  9.597   1.00 24.65 ? 3   DT  C "C4'" 1 
ATOM   213 O "O4'" . DT  C 1 3 ? 4.259  -7.021  8.924   1.00 24.95 ? 3   DT  C "O4'" 1 
ATOM   214 C "C3'" . DT  C 1 3 ? 2.348  -7.676  10.152  1.00 26.75 ? 3   DT  C "C3'" 1 
ATOM   215 O "O3'" . DT  C 1 3 ? 2.357  -7.683  11.568  1.00 27.87 ? 3   DT  C "O3'" 1 
ATOM   216 C "C2'" . DT  C 1 3 ? 2.278  -6.219  9.755   1.00 27.59 ? 3   DT  C "C2'" 1 
ATOM   217 C "C1'" . DT  C 1 3 ? 3.720  -5.876  9.517   1.00 21.52 ? 3   DT  C "C1'" 1 
ATOM   218 N N1    . DT  C 1 3 ? 3.923  -4.762  8.609   1.00 20.69 ? 3   DT  C N1    1 
ATOM   219 C C2    . DT  C 1 3 ? 3.806  -3.494  9.121   1.00 24.53 ? 3   DT  C C2    1 
ATOM   220 O O2    . DT  C 1 3 ? 3.556  -3.269  10.290  1.00 22.11 ? 3   DT  C O2    1 
ATOM   221 N N3    . DT  C 1 3 ? 3.987  -2.492  8.205   1.00 26.19 ? 3   DT  C N3    1 
ATOM   222 C C4    . DT  C 1 3 ? 4.279  -2.628  6.865   1.00 23.91 ? 3   DT  C C4    1 
ATOM   223 O O4    . DT  C 1 3 ? 4.439  -1.635  6.171   1.00 24.04 ? 3   DT  C O4    1 
ATOM   224 C C5    . DT  C 1 3 ? 4.372  -3.985  6.394   1.00 21.99 ? 3   DT  C C5    1 
ATOM   225 C C7    . DT  C 1 3 ? 4.678  -4.232  4.951   0.14 21.87 ? 3   DT  C C7    1 
ATOM   226 C C6    . DT  C 1 3 ? 4.186  -4.972  7.276   1.00 20.94 ? 3   DT  C C6    1 
ATOM   227 P P     . DG  C 1 4 ? 1.969  -8.987  12.385  0.93 30.14 ? 4   DG  C P     1 
ATOM   228 O OP1   . DG  C 1 4 ? 1.117  -9.813  11.554  0.93 38.72 ? 4   DG  C OP1   1 
ATOM   229 O OP2   . DG  C 1 4 ? 1.544  -8.612  13.733  0.93 25.39 ? 4   DG  C OP2   1 
ATOM   230 O "O5'" . DG  C 1 4 ? 3.277  -9.876  12.339  1.00 23.27 ? 4   DG  C "O5'" 1 
ATOM   231 C "C5'" . DG  C 1 4 ? 4.423  -9.727  13.185  1.00 20.10 ? 4   DG  C "C5'" 1 
ATOM   232 C "C4'" . DG  C 1 4 ? 5.504  -10.672 12.710  1.00 20.12 ? 4   DG  C "C4'" 1 
ATOM   233 O "O4'" . DG  C 1 4 ? 5.564  -10.579 11.279  1.00 20.23 ? 4   DG  C "O4'" 1 
ATOM   234 C "C3'" . DG  C 1 4 ? 6.917  -10.351 13.177  1.00 25.01 ? 4   DG  C "C3'" 1 
ATOM   235 O "O3'" . DG  C 1 4 ? 7.243  -10.964 14.431  1.00 27.34 ? 4   DG  C "O3'" 1 
ATOM   236 C "C2'" . DG  C 1 4 ? 7.780  -10.840 12.025  1.00 20.41 ? 4   DG  C "C2'" 1 
ATOM   237 C "C1'" . DG  C 1 4 ? 6.853  -10.863 10.815  1.00 20.23 ? 4   DG  C "C1'" 1 
ATOM   238 N N9    . DG  C 1 4 ? 7.144  -9.929  9.734   1.00 22.03 ? 4   DG  C N9    1 
ATOM   239 C C8    . DG  C 1 4 ? 7.384  -10.248 8.423   1.00 22.55 ? 4   DG  C C8    1 
ATOM   240 N N7    . DG  C 1 4 ? 7.612  -9.205  7.673   1.00 22.82 ? 4   DG  C N7    1 
ATOM   241 C C5    . DG  C 1 4 ? 7.488  -8.130  8.538   1.00 22.45 ? 4   DG  C C5    1 
ATOM   242 C C6    . DG  C 1 4 ? 7.604  -6.735  8.293   1.00 22.53 ? 4   DG  C C6    1 
ATOM   243 O O6    . DG  C 1 4 ? 7.855  -6.158  7.232   1.00 22.95 ? 4   DG  C O6    1 
ATOM   244 N N1    . DG  C 1 4 ? 7.387  -5.993  9.447   1.00 22.07 ? 4   DG  C N1    1 
ATOM   245 C C2    . DG  C 1 4 ? 7.098  -6.525  10.677  1.00 21.59 ? 4   DG  C C2    1 
ATOM   246 N N2    . DG  C 1 4 ? 6.915  -5.650  11.665  0.86 21.20 ? 4   DG  C N2    1 
ATOM   247 N N3    . DG  C 1 4 ? 6.978  -7.819  10.919  1.00 21.52 ? 4   DG  C N3    1 
ATOM   248 C C4    . DG  C 1 4 ? 7.188  -8.560  9.811   1.00 21.97 ? 4   DG  C C4    1 
ATOM   249 P P     . DC  D 2 1 ? 9.868  3.776   12.107  0.93 54.54 ? 1   DC  D P     1 
ATOM   250 O OP1   . DC  D 2 1 ? 10.107 4.554   10.887  0.93 54.76 ? 1   DC  D OP1   1 
ATOM   251 O OP2   . DC  D 2 1 ? 10.620 2.539   12.338  0.93 55.72 ? 1   DC  D OP2   1 
ATOM   252 O "O5'" . DC  D 2 1 ? 8.325  3.412   12.178  1.00 49.56 ? 1   DC  D "O5'" 1 
ATOM   253 C "C5'" . DC  D 2 1 ? 7.620  2.867   11.048  1.00 46.23 ? 1   DC  D "C5'" 1 
ATOM   254 C "C4'" . DC  D 2 1 ? 6.663  1.819   11.555  1.00 35.64 ? 1   DC  D "C4'" 1 
ATOM   255 O "O4'" . DC  D 2 1 ? 6.332  0.895   10.495  1.00 28.41 ? 1   DC  D "O4'" 1 
ATOM   256 C "C3'" . DC  D 2 1 ? 7.291  0.979   12.658  1.00 34.09 ? 1   DC  D "C3'" 1 
ATOM   257 O "O3'" . DC  D 2 1 ? 6.356  0.739   13.704  1.00 35.72 ? 1   DC  D "O3'" 1 
ATOM   258 C "C2'" . DC  D 2 1 ? 7.740  -0.265  11.922  1.00 27.43 ? 1   DC  D "C2'" 1 
ATOM   259 C "C1'" . DC  D 2 1 ? 6.614  -0.411  10.931  1.00 19.60 ? 1   DC  D "C1'" 1 
ATOM   260 N N1    . DC  D 2 1 ? 6.917  -1.232  9.762   1.00 17.79 ? 1   DC  D N1    1 
ATOM   261 C C2    . DC  D 2 1 ? 6.985  -2.610  9.933   1.00 17.77 ? 1   DC  D C2    1 
ATOM   262 O O2    . DC  D 2 1 ? 6.809  -3.078  11.059  1.00 17.99 ? 1   DC  D O2    1 
ATOM   263 N N3    . DC  D 2 1 ? 7.242  -3.395  8.870   1.00 17.53 ? 1   DC  D N3    1 
ATOM   264 C C4    . DC  D 2 1 ? 7.508  -2.846  7.687   1.00 17.32 ? 1   DC  D C4    1 
ATOM   265 N N4    . DC  D 2 1 ? 7.703  -3.665  6.659   1.00 17.11 ? 1   DC  D N4    1 
ATOM   266 C C5    . DC  D 2 1 ? 7.401  -1.446  7.469   1.00 17.32 ? 1   DC  D C5    1 
ATOM   267 C C6    . DC  D 2 1 ? 7.122  -0.679  8.531   1.00 17.56 ? 1   DC  D C6    1 
ATOM   268 P P     . DA  D 2 2 ? 6.256  1.748   14.900  0.93 36.33 ? 2   DA  D P     1 
ATOM   269 O OP1   . DA  D 2 2 ? 7.601  2.301   15.122  0.93 44.07 ? 2   DA  D OP1   1 
ATOM   270 O OP2   . DA  D 2 2 ? 5.569  1.088   16.019  0.93 33.28 ? 2   DA  D OP2   1 
ATOM   271 O "O5'" . DA  D 2 2 ? 5.359  2.914   14.283  1.00 33.24 ? 2   DA  D "O5'" 1 
ATOM   272 C "C5'" . DA  D 2 2 ? 3.960  3.040   14.563  1.00 28.53 ? 2   DA  D "C5'" 1 
ATOM   273 C "C4'" . DA  D 2 2 ? 3.301  4.022   13.623  1.00 26.08 ? 2   DA  D "C4'" 1 
ATOM   274 O "O4'" . DA  D 2 2 ? 3.969  4.041   12.344  1.00 24.52 ? 2   DA  D "O4'" 1 
ATOM   275 C "C3'" . DA  D 2 2 ? 1.851  3.712   13.267  1.00 25.91 ? 2   DA  D "C3'" 1 
ATOM   276 O "O3'" . DA  D 2 2 ? 0.869  4.117   14.225  1.00 34.04 ? 2   DA  D "O3'" 1 
ATOM   277 C "C2'" . DA  D 2 2 ? 1.658  4.464   11.962  1.00 21.71 ? 2   DA  D "C2'" 1 
ATOM   278 C "C1'" . DA  D 2 2 ? 3.067  4.579   11.380  1.00 21.66 ? 2   DA  D "C1'" 1 
ATOM   279 N N9    . DA  D 2 2 ? 3.253  3.866   10.117  1.00 19.22 ? 2   DA  D N9    1 
ATOM   280 C C8    . DA  D 2 2 ? 3.454  4.425   8.883   1.00 18.17 ? 2   DA  D C8    1 
ATOM   281 N N7    . DA  D 2 2 ? 3.553  3.550   7.917   1.00 16.40 ? 2   DA  D N7    1 
ATOM   282 C C5    . DA  D 2 2 ? 3.382  2.330   8.553   1.00 15.16 ? 2   DA  D C5    1 
ATOM   283 C C6    . DA  D 2 2 ? 3.384  1.011   8.081   1.00 15.42 ? 2   DA  D C6    1 
ATOM   284 N N6    . DA  D 2 2 ? 3.550  0.685   6.802   1.00 5.63  ? 2   DA  D N6    1 
ATOM   285 N N1    . DA  D 2 2 ? 3.176  0.025   8.977   1.00 17.19 ? 2   DA  D N1    1 
ATOM   286 C C2    . DA  D 2 2 ? 2.985  0.353   10.255  1.00 18.23 ? 2   DA  D C2    1 
ATOM   287 N N3    . DA  D 2 2 ? 2.964  1.553   10.821  1.00 18.98 ? 2   DA  D N3    1 
ATOM   288 C C4    . DA  D 2 2 ? 3.169  2.512   9.905   1.00 18.17 ? 2   DA  D C4    1 
ATOM   289 P P     . DC  D 2 3 ? 0.152  3.017   15.116  0.93 45.11 ? 3   DC  D P     1 
ATOM   290 O OP1   . DC  D 2 3 ? -0.321 3.652   16.336  0.93 61.29 ? 3   DC  D OP1   1 
ATOM   291 O OP2   . DC  D 2 3 ? 1.033  1.868   15.205  0.93 42.45 ? 3   DC  D OP2   1 
ATOM   292 O "O5'" . DC  D 2 3 ? -1.109 2.525   14.288  1.00 35.32 ? 3   DC  D "O5'" 1 
ATOM   293 C "C5'" . DC  D 2 3 ? -2.024 1.605   14.919  1.00 29.18 ? 3   DC  D "C5'" 1 
ATOM   294 C "C4'" . DC  D 2 3 ? -1.994 0.216   14.321  1.00 22.44 ? 3   DC  D "C4'" 1 
ATOM   295 O "O4'" . DC  D 2 3 ? -2.077 0.303   12.888  1.00 19.82 ? 3   DC  D "O4'" 1 
ATOM   296 C "C3'" . DC  D 2 3 ? -0.775 -0.659  14.614  1.00 24.17 ? 3   DC  D "C3'" 1 
ATOM   297 O "O3'" . DC  D 2 3 ? -1.215 -2.013  14.719  1.00 19.87 ? 3   DC  D "O3'" 1 
ATOM   298 C "C2'" . DC  D 2 3 ? 0.021  -0.573  13.324  1.00 20.65 ? 3   DC  D "C2'" 1 
ATOM   299 C "C1'" . DC  D 2 3 ? -1.100 -0.517  12.309  1.00 14.61 ? 3   DC  D "C1'" 1 
ATOM   300 N N1    . DC  D 2 3 ? -0.767 0.061   11.013  1.00 11.32 ? 3   DC  D N1    1 
ATOM   301 C C2    . DC  D 2 3 ? -0.481 -0.783  9.940   1.00 10.78 ? 3   DC  D C2    1 
ATOM   302 O O2    . DC  D 2 3 ? -0.467 -2.005  10.125  1.00 10.56 ? 3   DC  D O2    1 
ATOM   303 N N3    . DC  D 2 3 ? -0.199 -0.243  8.739   1.00 10.54 ? 3   DC  D N3    1 
ATOM   304 C C4    . DC  D 2 3 ? -0.205 1.079   8.583   1.00 10.81 ? 3   DC  D C4    1 
ATOM   305 N N4    . DC  D 2 3 ? 0.075  1.565   7.378   1.00 10.58 ? 3   DC  D N4    1 
ATOM   306 C C5    . DC  D 2 3 ? -0.522 1.960   9.651   1.00 11.37 ? 3   DC  D C5    1 
ATOM   307 C C6    . DC  D 2 3 ? -0.802 1.414   10.837  1.00 11.61 ? 3   DC  D C6    1 
ATOM   308 P P     . DA  D 2 4 ? -1.222 -2.773  16.101  0.93 25.06 ? 4   DA  D P     1 
ATOM   309 O OP1   . DA  D 2 4 ? -0.029 -2.375  16.830  0.93 39.17 ? 4   DA  D OP1   1 
ATOM   310 O OP2   . DA  D 2 4 ? -1.449 -4.184  15.838  0.93 20.84 ? 4   DA  D OP2   1 
ATOM   311 O "O5'" . DA  D 2 4 ? -2.511 -2.187  16.824  1.00 23.23 ? 4   DA  D "O5'" 1 
ATOM   312 C "C5'" . DA  D 2 4 ? -3.800 -2.794  16.675  1.00 19.32 ? 4   DA  D "C5'" 1 
ATOM   313 C "C4'" . DA  D 2 4 ? -4.908 -1.806  16.945  1.00 19.18 ? 4   DA  D "C4'" 1 
ATOM   314 O "O4'" . DA  D 2 4 ? -4.565 -0.508  16.437  1.00 18.98 ? 4   DA  D "O4'" 1 
ATOM   315 C "C3'" . DA  D 2 4 ? -6.231 -2.120  16.261  1.00 21.26 ? 4   DA  D "C3'" 1 
ATOM   316 O "O3'" . DA  D 2 4 ? -7.039 -3.045  16.984  1.00 27.82 ? 4   DA  D "O3'" 1 
ATOM   317 C "C2'" . DA  D 2 4 ? -6.907 -0.765  16.209  1.00 20.17 ? 4   DA  D "C2'" 1 
ATOM   318 C "C1'" . DA  D 2 4 ? -5.762 0.230   16.263  1.00 19.72 ? 4   DA  D "C1'" 1 
ATOM   319 N N9    . DA  D 2 4 ? -5.616 1.049   15.068  1.00 20.73 ? 4   DA  D N9    1 
ATOM   320 C C8    . DA  D 2 4 ? -5.707 2.414   15.000  1.00 20.78 ? 4   DA  D C8    1 
ATOM   321 N N7    . DA  D 2 4 ? -5.512 2.898   13.801  1.00 20.51 ? 4   DA  D N7    1 
ATOM   322 C C5    . DA  D 2 4 ? -5.300 1.774   13.019  1.00 20.28 ? 4   DA  D C5    1 
ATOM   323 C C6    . DA  D 2 4 ? -5.042 1.611   11.650  1.00 19.96 ? 4   DA  D C6    1 
ATOM   324 N N6    . DA  D 2 4 ? -4.964 2.625   10.790  1.00 19.81 ? 4   DA  D N6    1 
ATOM   325 N N1    . DA  D 2 4 ? -4.878 0.355   11.187  1.00 19.82 ? 4   DA  D N1    1 
ATOM   326 C C2    . DA  D 2 4 ? -5.000 -0.662  12.042  1.00 19.98 ? 4   DA  D C2    1 
ATOM   327 N N3    . DA  D 2 4 ? -5.210 -0.637  13.354  1.00 20.27 ? 4   DA  D N3    1 
ATOM   328 C C4    . DA  D 2 4 ? -5.368 0.626   13.784  1.00 20.42 ? 4   DA  D C4    1 
ATOM   329 P P     . DT  E 1 1 ? -6.603 -1.250  -10.400 0.93 37.53 ? 1   DT  E P     1 
ATOM   330 O OP1   . DT  E 1 1 ? -5.686 -1.348  -9.258  0.93 34.54 ? 1   DT  E OP1   1 
ATOM   331 O OP2   . DT  E 1 1 ? -6.755 0.034   -11.071 0.93 41.55 ? 1   DT  E OP2   1 
ATOM   332 O "O5'" . DT  E 1 1 ? -6.066 -2.223  -11.527 1.00 38.66 ? 1   DT  E "O5'" 1 
ATOM   333 C "C5'" . DT  E 1 1 ? -6.513 -3.563  -11.555 1.00 34.09 ? 1   DT  E "C5'" 1 
ATOM   334 C "C4'" . DT  E 1 1 ? -5.389 -4.483  -11.158 1.00 27.03 ? 1   DT  E "C4'" 1 
ATOM   335 O "O4'" . DT  E 1 1 ? -5.067 -4.385  -9.754  1.00 20.08 ? 1   DT  E "O4'" 1 
ATOM   336 C "C3'" . DT  E 1 1 ? -5.703 -5.947  -11.415 1.00 26.08 ? 1   DT  E "C3'" 1 
ATOM   337 O "O3'" . DT  E 1 1 ? -4.558 -6.419  -12.099 1.00 28.19 ? 1   DT  E "O3'" 1 
ATOM   338 C "C2'" . DT  E 1 1 ? -5.870 -6.526  -10.029 1.00 19.78 ? 1   DT  E "C2'" 1 
ATOM   339 C "C1'" . DT  E 1 1 ? -4.918 -5.680  -9.229  1.00 18.98 ? 1   DT  E "C1'" 1 
ATOM   340 N N1    . DT  E 1 1 ? -5.234 -5.640  -7.798  1.00 18.09 ? 1   DT  E N1    1 
ATOM   341 C C2    . DT  E 1 1 ? -5.324 -6.833  -7.121  1.00 17.87 ? 1   DT  E C2    1 
ATOM   342 O O2    . DT  E 1 1 ? -5.154 -7.913  -7.650  1.00 17.91 ? 1   DT  E O2    1 
ATOM   343 N N3    . DT  E 1 1 ? -5.644 -6.714  -5.796  1.00 17.61 ? 1   DT  E N3    1 
ATOM   344 C C4    . DT  E 1 1 ? -5.887 -5.551  -5.098  1.00 17.55 ? 1   DT  E C4    1 
ATOM   345 O O4    . DT  E 1 1 ? -6.156 -5.601  -3.905  1.00 17.31 ? 1   DT  E O4    1 
ATOM   346 C C5    . DT  E 1 1 ? -5.774 -4.338  -5.868  1.00 17.79 ? 1   DT  E C5    1 
ATOM   347 C C7    . DT  E 1 1 ? -6.009 -3.025  -5.195  0.14 17.74 ? 1   DT  E C7    1 
ATOM   348 C C6    . DT  E 1 1 ? -5.451 -4.442  -7.160  1.00 18.04 ? 1   DT  E C6    1 
ATOM   349 P P     . DG  E 1 2 ? -4.647 -6.805  -13.620 0.93 45.44 ? 2   DG  E P     1 
ATOM   350 O OP1   . DG  E 1 2 ? -5.850 -6.195  -14.182 0.93 52.82 ? 2   DG  E OP1   1 
ATOM   351 O OP2   . DG  E 1 2 ? -4.464 -8.247  -13.727 0.93 46.79 ? 2   DG  E OP2   1 
ATOM   352 O "O5'" . DG  E 1 2 ? -3.358 -6.115  -14.220 1.00 45.26 ? 2   DG  E "O5'" 1 
ATOM   353 C "C5'" . DG  E 1 2 ? -2.167 -6.091  -13.455 1.00 38.74 ? 2   DG  E "C5'" 1 
ATOM   354 C "C4'" . DG  E 1 2 ? -1.564 -4.711  -13.437 1.00 36.03 ? 2   DG  E "C4'" 1 
ATOM   355 O "O4'" . DG  E 1 2 ? -2.257 -3.887  -12.494 1.00 35.02 ? 2   DG  E "O4'" 1 
ATOM   356 C "C3'" . DG  E 1 2 ? -0.132 -4.698  -12.940 1.00 35.13 ? 2   DG  E "C3'" 1 
ATOM   357 O "O3'" . DG  E 1 2 ? 0.755  -5.018  -13.997 1.00 41.08 ? 2   DG  E "O3'" 1 
ATOM   358 C "C2'" . DG  E 1 2 ? 0.035  -3.271  -12.459 1.00 34.45 ? 2   DG  E "C2'" 1 
ATOM   359 C "C1'" . DG  E 1 2 ? -1.386 -2.841  -12.102 1.00 36.40 ? 2   DG  E "C1'" 1 
ATOM   360 N N9    . DG  E 1 2 ? -1.572 -2.602  -10.680 1.00 29.37 ? 2   DG  E N9    1 
ATOM   361 C C8    . DG  E 1 2 ? -1.762 -1.390  -10.068 1.00 29.25 ? 2   DG  E C8    1 
ATOM   362 N N7    . DG  E 1 2 ? -1.846 -1.479  -8.770  1.00 28.30 ? 2   DG  E N7    1 
ATOM   363 C C5    . DG  E 1 2 ? -1.693 -2.831  -8.509  1.00 27.76 ? 2   DG  E C5    1 
ATOM   364 C C6    . DG  E 1 2 ? -1.699 -3.536  -7.277  1.00 26.71 ? 2   DG  E C6    1 
ATOM   365 O O6    . DG  E 1 2 ? -1.837 -3.089  -6.132  1.00 26.01 ? 2   DG  E O6    1 
ATOM   366 N N1    . DG  E 1 2 ? -1.494 -4.896  -7.467  1.00 26.50 ? 2   DG  E N1    1 
ATOM   367 C C2    . DG  E 1 2 ? -1.318 -5.502  -8.684  1.00 27.21 ? 2   DG  E C2    1 
ATOM   368 N N2    . DG  E 1 2 ? -1.138 -6.824  -8.663  0.86 26.87 ? 2   DG  E N2    1 
ATOM   369 N N3    . DG  E 1 2 ? -1.310 -4.860  -9.837  1.00 28.20 ? 2   DG  E N3    1 
ATOM   370 C C4    . DG  E 1 2 ? -1.498 -3.534  -9.677  1.00 28.41 ? 2   DG  E C4    1 
ATOM   371 P P     . DT  E 1 3 ? 1.031  -6.516  -14.412 0.93 50.05 ? 3   DT  E P     1 
ATOM   372 O OP1   . DT  E 1 3 ? 2.143  -6.550  -15.355 0.93 62.48 ? 3   DT  E OP1   1 
ATOM   373 O OP2   . DT  E 1 3 ? -0.238 -7.141  -14.772 0.93 50.44 ? 3   DT  E OP2   1 
ATOM   374 O "O5'" . DT  E 1 3 ? 1.581  -7.129  -13.072 1.00 52.91 ? 3   DT  E "O5'" 1 
ATOM   375 C "C5'" . DT  E 1 3 ? 2.952  -7.518  -12.901 1.00 47.84 ? 3   DT  E "C5'" 1 
ATOM   376 C "C4'" . DT  E 1 3 ? 3.047  -8.361  -11.656 1.00 40.82 ? 3   DT  E "C4'" 1 
ATOM   377 O "O4'" . DT  E 1 3 ? 3.385  -7.516  -10.535 1.00 33.63 ? 3   DT  E "O4'" 1 
ATOM   378 C "C3'" . DT  E 1 3 ? 1.719  -9.016  -11.286 1.00 39.28 ? 3   DT  E "C3'" 1 
ATOM   379 O "O3'" . DT  E 1 3 ? 1.987  -10.225 -10.624 1.00 42.15 ? 3   DT  E "O3'" 1 
ATOM   380 C "C2'" . DT  E 1 3 ? 1.134  -8.044  -10.286 1.00 34.22 ? 3   DT  E "C2'" 1 
ATOM   381 C "C1'" . DT  E 1 3 ? 2.380  -7.631  -9.550  1.00 29.40 ? 3   DT  E "C1'" 1 
ATOM   382 N N1    . DT  E 1 3 ? 2.274  -6.352  -8.872  1.00 23.25 ? 3   DT  E N1    1 
ATOM   383 C C2    . DT  E 1 3 ? 2.135  -6.367  -7.508  1.00 22.27 ? 3   DT  E C2    1 
ATOM   384 O O2    . DT  E 1 3 ? 2.109  -7.392  -6.856  1.00 21.57 ? 3   DT  E O2    1 
ATOM   385 N N3    . DT  E 1 3 ? 2.042  -5.131  -6.930  1.00 22.16 ? 3   DT  E N3    1 
ATOM   386 C C4    . DT  E 1 3 ? 2.072  -3.909  -7.564  1.00 22.89 ? 3   DT  E C4    1 
ATOM   387 O O4    . DT  E 1 3 ? 1.991  -2.879  -6.908  1.00 22.69 ? 3   DT  E O4    1 
ATOM   388 C C5    . DT  E 1 3 ? 2.213  -3.966  -8.997  1.00 23.89 ? 3   DT  E C5    1 
ATOM   389 C C7    . DT  E 1 3 ? 2.259  -2.688  -9.772  0.14 24.74 ? 3   DT  E C7    1 
ATOM   390 C C6    . DT  E 1 3 ? 2.304  -5.170  -9.573  1.00 24.01 ? 3   DT  E C6    1 
ATOM   391 P P     . DG  E 1 4 ? 1.817  -11.587 -11.370 0.93 32.43 ? 4   DG  E P     1 
ATOM   392 O OP1   . DG  E 1 4 ? 0.896  -11.369 -12.479 0.93 43.50 ? 4   DG  E OP1   1 
ATOM   393 O OP2   . DG  E 1 4 ? 1.528  -12.616 -10.383 0.93 30.96 ? 4   DG  E OP2   1 
ATOM   394 O "O5'" . DG  E 1 4 ? 3.229  -11.828 -12.047 1.00 26.45 ? 4   DG  E "O5'" 1 
ATOM   395 C "C5'" . DG  E 1 4 ? 4.367  -12.353 -11.347 1.00 22.27 ? 4   DG  E "C5'" 1 
ATOM   396 C "C4'" . DG  E 1 4 ? 5.623  -12.133 -12.156 1.00 22.79 ? 4   DG  E "C4'" 1 
ATOM   397 O "O4'" . DG  E 1 4 ? 5.544  -10.832 -12.766 1.00 23.77 ? 4   DG  E "O4'" 1 
ATOM   398 C "C3'" . DG  E 1 4 ? 6.920  -12.091 -11.354 1.00 23.76 ? 4   DG  E "C3'" 1 
ATOM   399 O "O3'" . DG  E 1 4 ? 7.508  -13.367 -11.043 1.00 33.00 ? 4   DG  E "O3'" 1 
ATOM   400 C "C2'" . DG  E 1 4 ? 7.812  -11.240 -12.235 1.00 22.53 ? 4   DG  E "C2'" 1 
ATOM   401 C "C1'" . DG  E 1 4 ? 6.839  -10.306 -12.949 1.00 23.74 ? 4   DG  E "C1'" 1 
ATOM   402 N N9    . DG  E 1 4 ? 6.842  -8.926  -12.477 1.00 24.89 ? 4   DG  E N9    1 
ATOM   403 C C8    . DG  E 1 4 ? 7.162  -7.815  -13.216 1.00 28.83 ? 4   DG  E C8    1 
ATOM   404 N N7    . DG  E 1 4 ? 7.143  -6.713  -12.522 1.00 27.78 ? 4   DG  E N7    1 
ATOM   405 C C5    . DG  E 1 4 ? 6.803  -7.120  -11.240 1.00 25.79 ? 4   DG  E C5    1 
ATOM   406 C C6    . DG  E 1 4 ? 6.610  -6.361  -10.052 1.00 22.03 ? 4   DG  E C6    1 
ATOM   407 O O6    . DG  E 1 4 ? 6.721  -5.144  -9.888  1.00 22.19 ? 4   DG  E O6    1 
ATOM   408 N N1    . DG  E 1 4 ? 6.283  -7.175  -8.975  1.00 22.30 ? 4   DG  E N1    1 
ATOM   409 C C2    . DG  E 1 4 ? 6.136  -8.537  -9.035  1.00 20.60 ? 4   DG  E C2    1 
ATOM   410 N N2    . DG  E 1 4 ? 5.802  -9.141  -7.895  0.86 19.38 ? 4   DG  E N2    1 
ATOM   411 N N3    . DG  E 1 4 ? 6.297  -9.253  -10.134 1.00 23.89 ? 4   DG  E N3    1 
ATOM   412 C C4    . DG  E 1 4 ? 6.624  -8.485  -11.194 1.00 26.71 ? 4   DG  E C4    1 
ATOM   413 P P     . DC  F 2 1 ? 4.345  -2.499  -1.167  0.93 43.70 ? 1   DC  F P     1 
ATOM   414 O OP1   . DC  F 2 1 ? 4.758  -2.903  0.174   0.93 46.41 ? 1   DC  F OP1   1 
ATOM   415 O OP2   . DC  F 2 1 ? 5.369  -2.055  -2.123  0.93 38.28 ? 1   DC  F OP2   1 
ATOM   416 O "O5'" . DC  F 2 1 ? 3.383  -3.636  -1.728  1.00 42.32 ? 1   DC  F "O5'" 1 
ATOM   417 C "C5'" . DC  F 2 1 ? 2.949  -4.711  -0.872  1.00 42.58 ? 1   DC  F "C5'" 1 
ATOM   418 C "C4'" . DC  F 2 1 ? 3.181  -6.081  -1.473  1.00 30.23 ? 1   DC  F "C4'" 1 
ATOM   419 O "O4'" . DC  F 2 1 ? 3.113  -6.012  -2.911  1.00 23.78 ? 1   DC  F "O4'" 1 
ATOM   420 C "C3'" . DC  F 2 1 ? 4.531  -6.726  -1.166  1.00 29.86 ? 1   DC  F "C3'" 1 
ATOM   421 O "O3'" . DC  F 2 1 ? 4.420  -8.148  -1.178  1.00 27.62 ? 1   DC  F "O3'" 1 
ATOM   422 C "C2'" . DC  F 2 1 ? 5.357  -6.353  -2.376  1.00 23.79 ? 1   DC  F "C2'" 1 
ATOM   423 C "C1'" . DC  F 2 1 ? 4.323  -6.495  -3.462  1.00 20.81 ? 1   DC  F "C1'" 1 
ATOM   424 N N1    . DC  F 2 1 ? 4.592  -5.719  -4.659  1.00 16.84 ? 1   DC  F N1    1 
ATOM   425 C C2    . DC  F 2 1 ? 4.985  -6.382  -5.816  1.00 18.97 ? 1   DC  F C2    1 
ATOM   426 O O2    . DC  F 2 1 ? 5.124  -7.609  -5.783  1.00 16.65 ? 1   DC  F O2    1 
ATOM   427 N N3    . DC  F 2 1 ? 5.230  -5.667  -6.933  1.00 25.72 ? 1   DC  F N3    1 
ATOM   428 C C4    . DC  F 2 1 ? 5.069  -4.345  -6.926  1.00 19.20 ? 1   DC  F C4    1 
ATOM   429 N N4    . DC  F 2 1 ? 5.304  -3.684  -8.056  1.00 18.13 ? 1   DC  F N4    1 
ATOM   430 C C5    . DC  F 2 1 ? 4.678  -3.641  -5.756  1.00 17.45 ? 1   DC  F C5    1 
ATOM   431 C C6    . DC  F 2 1 ? 4.438  -4.363  -4.658  1.00 17.89 ? 1   DC  F C6    1 
ATOM   432 P P     . DA  F 2 2 ? 4.273  -8.919  0.156   0.93 38.28 ? 2   DA  F P     1 
ATOM   433 O OP1   . DA  F 2 2 ? 5.295  -8.435  1.073   0.93 39.69 ? 2   DA  F OP1   1 
ATOM   434 O OP2   . DA  F 2 2 ? 4.183  -10.339 -0.128  0.93 35.45 ? 2   DA  F OP2   1 
ATOM   435 O "O5'" . DA  F 2 2 ? 2.883  -8.394  0.687   1.00 32.90 ? 2   DA  F "O5'" 1 
ATOM   436 C "C5'" . DA  F 2 2 ? 1.738  -9.253  0.714   1.00 35.17 ? 2   DA  F "C5'" 1 
ATOM   437 C "C4'" . DA  F 2 2 ? 0.486  -8.507  1.109   1.00 37.83 ? 2   DA  F "C4'" 1 
ATOM   438 O "O4'" . DA  F 2 2 ? 0.619  -7.110  0.810   1.00 36.96 ? 2   DA  F "O4'" 1 
ATOM   439 C "C3'" . DA  F 2 2 ? -0.744 -8.941  0.331   1.00 41.81 ? 2   DA  F "C3'" 1 
ATOM   440 O "O3'" . DA  F 2 2 ? -1.321 -10.127 0.891   1.00 47.65 ? 2   DA  F "O3'" 1 
ATOM   441 C "C2'" . DA  F 2 2 ? -1.616 -7.695  0.335   1.00 39.02 ? 2   DA  F "C2'" 1 
ATOM   442 C "C1'" . DA  F 2 2 ? -0.644 -6.544  0.579   1.00 39.33 ? 2   DA  F "C1'" 1 
ATOM   443 N N9    . DA  F 2 2 ? -0.498 -5.567  -0.492  1.00 24.41 ? 2   DA  F N9    1 
ATOM   444 C C8    . DA  F 2 2 ? -0.889 -4.255  -0.464  1.00 24.55 ? 2   DA  F C8    1 
ATOM   445 N N7    . DA  F 2 2 ? -0.624 -3.599  -1.566  1.00 24.19 ? 2   DA  F N7    1 
ATOM   446 C C5    . DA  F 2 2 ? 0.003  -4.539  -2.370  1.00 23.77 ? 2   DA  F C5    1 
ATOM   447 C C6    . DA  F 2 2 ? 0.540  -4.470  -3.665  1.00 23.26 ? 2   DA  F C6    1 
ATOM   448 N N6    . DA  F 2 2 ? 0.519  -3.368  -4.416  1.00 23.07 ? 2   DA  F N6    1 
ATOM   449 N N1    . DA  F 2 2 ? 1.087  -5.590  -4.178  1.00 22.95 ? 2   DA  F N1    1 
ATOM   450 C C2    . DA  F 2 2 ? 1.094  -6.698  -3.433  1.00 23.14 ? 2   DA  F C2    1 
ATOM   451 N N3    . DA  F 2 2 ? 0.632  -6.886  -2.201  1.00 23.61 ? 2   DA  F N3    1 
ATOM   452 C C4    . DA  F 2 2 ? 0.094  -5.754  -1.718  1.00 23.91 ? 2   DA  F C4    1 
ATOM   453 P P     . DC  F 2 3 ? -1.188 -11.488 0.098   0.93 47.79 ? 3   DC  F P     1 
ATOM   454 O OP1   . DC  F 2 3 ? -1.978 -12.508 0.800   0.93 47.42 ? 3   DC  F OP1   1 
ATOM   455 O OP2   . DC  F 2 3 ? 0.233  -11.732 -0.161  0.93 51.94 ? 3   DC  F OP2   1 
ATOM   456 O "O5'" . DC  F 2 3 ? -1.896 -11.169 -1.281  1.00 39.04 ? 3   DC  F "O5'" 1 
ATOM   457 C "C5'" . DC  F 2 3 ? -3.077 -11.865 -1.675  1.00 32.38 ? 3   DC  F "C5'" 1 
ATOM   458 C "C4'" . DC  F 2 3 ? -3.250 -11.791 -3.172  1.00 22.60 ? 3   DC  F "C4'" 1 
ATOM   459 O "O4'" . DC  F 2 3 ? -3.688 -10.469 -3.551  1.00 19.48 ? 3   DC  F "O4'" 1 
ATOM   460 C "C3'" . DC  F 2 3 ? -1.967 -12.040 -3.951  1.00 24.15 ? 3   DC  F "C3'" 1 
ATOM   461 O "O3'" . DC  F 2 3 ? -2.292 -12.781 -5.126  1.00 26.91 ? 3   DC  F "O3'" 1 
ATOM   462 C "C2'" . DC  F 2 3 ? -1.478 -10.635 -4.249  1.00 18.08 ? 3   DC  F "C2'" 1 
ATOM   463 C "C1'" . DC  F 2 3 ? -2.780 -9.913  -4.480  1.00 14.44 ? 3   DC  F "C1'" 1 
ATOM   464 N N1    . DC  F 2 3 ? -2.770 -8.457  -4.289  1.00 20.64 ? 3   DC  F N1    1 
ATOM   465 C C2    . DC  F 2 3 ? -2.327 -7.637  -5.327  1.00 20.31 ? 3   DC  F C2    1 
ATOM   466 O O2    . DC  F 2 3 ? -1.906 -8.157  -6.366  1.00 19.85 ? 3   DC  F O2    1 
ATOM   467 N N3    . DC  F 2 3 ? -2.338 -6.300  -5.160  1.00 20.49 ? 3   DC  F N3    1 
ATOM   468 C C4    . DC  F 2 3 ? -2.789 -5.774  -4.024  1.00 20.98 ? 3   DC  F C4    1 
ATOM   469 N N4    . DC  F 2 3 ? -2.791 -4.451  -3.910  1.00 21.15 ? 3   DC  F N4    1 
ATOM   470 C C5    . DC  F 2 3 ? -3.255 -6.584  -2.953  1.00 21.34 ? 3   DC  F C5    1 
ATOM   471 C C6    . DC  F 2 3 ? -3.242 -7.908  -3.132  1.00 21.15 ? 3   DC  F C6    1 
ATOM   472 P P     . DA  F 2 4 ? -2.007 -14.321 -5.178  0.93 30.30 ? 4   DA  F P     1 
ATOM   473 O OP1   . DA  F 2 4 ? -1.610 -14.735 -3.846  0.93 35.55 ? 4   DA  F OP1   1 
ATOM   474 O OP2   . DA  F 2 4 ? -1.103 -14.575 -6.279  0.93 30.26 ? 4   DA  F OP2   1 
ATOM   475 O "O5'" . DA  F 2 4 ? -3.431 -14.961 -5.500  1.00 27.41 ? 4   DA  F "O5'" 1 
ATOM   476 C "C5'" . DA  F 2 4 ? -4.675 -14.244 -5.375  1.00 22.13 ? 4   DA  F "C5'" 1 
ATOM   477 C "C4'" . DA  F 2 4 ? -5.638 -14.951 -4.445  1.00 21.01 ? 4   DA  F "C4'" 1 
ATOM   478 O "O4'" . DA  F 2 4 ? -5.402 -14.387 -3.148  1.00 21.58 ? 4   DA  F "O4'" 1 
ATOM   479 C "C3'" . DA  F 2 4 ? -7.133 -14.716 -4.707  1.00 28.35 ? 4   DA  F "C3'" 1 
ATOM   480 O "O3'" . DA  F 2 4 ? -7.871 -15.659 -5.508  1.00 32.93 ? 4   DA  F "O3'" 1 
ATOM   481 C "C2'" . DA  F 2 4 ? -7.719 -14.758 -3.315  1.00 25.33 ? 4   DA  F "C2'" 1 
ATOM   482 C "C1'" . DA  F 2 4 ? -6.619 -14.146 -2.475  1.00 24.11 ? 4   DA  F "C1'" 1 
ATOM   483 N N9    . DA  F 2 4 ? -6.751 -12.708 -2.267  1.00 24.50 ? 4   DA  F N9    1 
ATOM   484 C C8    . DA  F 2 4 ? -7.068 -12.081 -1.092  1.00 24.77 ? 4   DA  F C8    1 
ATOM   485 N N7    . DA  F 2 4 ? -7.167 -10.779 -1.198  1.00 26.66 ? 4   DA  F N7    1 
ATOM   486 C C5    . DA  F 2 4 ? -6.900 -10.534 -2.535  1.00 27.49 ? 4   DA  F C5    1 
ATOM   487 C C6    . DA  F 2 4 ? -6.832 -9.348  -3.282  1.00 27.31 ? 4   DA  F C6    1 
ATOM   488 N N6    . DA  F 2 4 ? -7.040 -8.137  -2.767  1.00 26.24 ? 4   DA  F N6    1 
ATOM   489 N N1    . DA  F 2 4 ? -6.544 -9.449  -4.596  1.00 29.59 ? 4   DA  F N1    1 
ATOM   490 C C2    . DA  F 2 4 ? -6.325 -10.663 -5.110  1.00 26.97 ? 4   DA  F C2    1 
ATOM   491 N N3    . DA  F 2 4 ? -6.356 -11.848 -4.511  1.00 27.19 ? 4   DA  F N3    1 
ATOM   492 C C4    . DA  F 2 4 ? -6.651 -11.714 -3.207  1.00 25.51 ? 4   DA  F C4    1 
HETATM 493 O O     . HOH G 3 . ? 6.703  2.916   8.959   1.00 76.72 ? 101 HOH D O     1 
# 
loop_
_atom_site_anisotrop.id 
_atom_site_anisotrop.type_symbol 
_atom_site_anisotrop.pdbx_label_atom_id 
_atom_site_anisotrop.pdbx_label_alt_id 
_atom_site_anisotrop.pdbx_label_comp_id 
_atom_site_anisotrop.pdbx_label_asym_id 
_atom_site_anisotrop.pdbx_label_seq_id 
_atom_site_anisotrop.pdbx_PDB_ins_code 
_atom_site_anisotrop.U[1][1] 
_atom_site_anisotrop.U[2][2] 
_atom_site_anisotrop.U[3][3] 
_atom_site_anisotrop.U[1][2] 
_atom_site_anisotrop.U[1][3] 
_atom_site_anisotrop.U[2][3] 
_atom_site_anisotrop.pdbx_auth_seq_id 
_atom_site_anisotrop.pdbx_auth_comp_id 
_atom_site_anisotrop.pdbx_auth_asym_id 
_atom_site_anisotrop.pdbx_auth_atom_id 
1   P P     . DT A 1 ? 0.4451 0.4806 0.5055 0.0433  0.0263  0.1055  1 DT A P     
2   O OP1   . DT A 1 ? 0.4700 0.5093 0.5355 0.0439  0.0275  0.1083  1 DT A OP1   
3   O OP2   . DT A 1 ? 0.4185 0.4556 0.4823 0.0427  0.0290  0.1043  1 DT A OP2   
4   O "O5'" . DT A 1 ? 0.5543 0.5875 0.6060 0.0454  0.0247  0.1050  1 DT A "O5'" 
5   C "C5'" . DT A 1 ? 0.4783 0.5067 0.5220 0.0456  0.0209  0.1038  1 DT A "C5'" 
6   C "C4'" . DT A 1 ? 0.3670 0.3918 0.4039 0.0459  0.0199  0.1013  1 DT A "C4'" 
7   O "O4'" . DT A 1 ? 0.2841 0.3091 0.3242 0.0445  0.0216  0.0998  1 DT A "O4'" 
8   C "C3'" . DT A 1 ? 0.3468 0.3663 0.3760 0.0458  0.0159  0.0997  1 DT A "C3'" 
9   O "O3'" . DT A 1 ? 0.4205 0.4381 0.4425 0.0475  0.0147  0.0989  1 DT A "O3'" 
10  C "C2'" . DT A 1 ? 0.2733 0.2904 0.3025 0.0438  0.0155  0.0975  1 DT A "C2'" 
11  C "C1'" . DT A 1 ? 0.1868 0.2070 0.2202 0.0439  0.0190  0.0973  1 DT A "C1'" 
12  N N1    . DT A 1 ? 0.2058 0.2257 0.2431 0.0419  0.0200  0.0959  1 DT A N1    
13  C C2    . DT A 1 ? 0.2011 0.2164 0.2329 0.0409  0.0176  0.0935  1 DT A C2    
14  O O2    . DT A 1 ? 0.2076 0.2191 0.2317 0.0416  0.0149  0.0925  1 DT A O2    
15  N N3    . DT A 1 ? 0.1886 0.2040 0.2245 0.0390  0.0187  0.0924  1 DT A N3    
16  C C4    . DT A 1 ? 0.1806 0.2000 0.2253 0.0380  0.0217  0.0932  1 DT A C4    
17  O O4    . DT A 1 ? 0.1698 0.1888 0.2174 0.0363  0.0223  0.0919  1 DT A O4    
18  C C5    . DT A 1 ? 0.1862 0.2103 0.2363 0.0391  0.0241  0.0958  1 DT A C5    
19  C C7    . DT A 1 ? 0.1783 0.2074 0.2384 0.0381  0.0274  0.0969  1 DT A C7    
20  C C6    . DT A 1 ? 0.1983 0.2225 0.2445 0.0409  0.0231  0.0970  1 DT A C6    
21  P P     . DG A 2 ? 0.5193 0.5383 0.5390 0.0495  0.0142  0.1006  2 DG A P     
22  O OP1   . DG A 2 ? 0.5739 0.5938 0.5964 0.0492  0.0132  0.1025  2 DG A OP1   
23  O OP2   . DG A 2 ? 0.5776 0.5932 0.5890 0.0506  0.0119  0.0991  2 DG A OP2   
24  O "O5'" . DG A 2 ? 0.5224 0.5464 0.5474 0.0505  0.0181  0.1020  2 DG A "O5'" 
25  C "C5'" . DG A 2 ? 0.4467 0.4708 0.4681 0.0519  0.0191  0.1011  2 DG A "C5'" 
26  C "C4'" . DG A 2 ? 0.3871 0.4159 0.4150 0.0522  0.0232  0.1022  2 DG A "C4'" 
27  O "O4'" . DG A 2 ? 0.3443 0.3751 0.3795 0.0503  0.0250  0.1025  2 DG A "O4'" 
28  C "C3'" . DG A 2 ? 0.3864 0.4152 0.4121 0.0529  0.0247  0.1006  2 DG A "C3'" 
29  O "O3'" . DG A 2 ? 0.4868 0.5158 0.5078 0.0551  0.0244  0.1010  2 DG A "O3'" 
30  C "C2'" . DG A 2 ? 0.3405 0.3740 0.3747 0.0524  0.0287  0.1017  2 DG A "C2'" 
31  C "C1'" . DG A 2 ? 0.3387 0.3733 0.3789 0.0508  0.0286  0.1028  2 DG A "C1'" 
32  N N9    . DG A 2 ? 0.3447 0.3795 0.3895 0.0488  0.0299  0.1018  2 DG A N9    
33  C C8    . DG A 2 ? 0.3553 0.3943 0.4089 0.0478  0.0329  0.1029  2 DG A C8    
34  N N7    . DG A 2 ? 0.3673 0.4056 0.4235 0.0462  0.0335  0.1014  2 DG A N7    
35  C C5    . DG A 2 ? 0.3628 0.3961 0.4112 0.0460  0.0307  0.0991  2 DG A C5    
36  C C6    . DG A 2 ? 0.3640 0.3944 0.4111 0.0444  0.0299  0.0967  2 DG A C6    
37  O O6    . DG A 2 ? 0.3045 0.3362 0.3570 0.0428  0.0316  0.0961  2 DG A O6    
38  N N1    . DG A 2 ? 0.4455 0.4710 0.4837 0.0447  0.0268  0.0949  2 DG A N1    
39  C C2    . DG A 2 ? 0.3874 0.4113 0.4192 0.0464  0.0248  0.0953  2 DG A C2    
40  N N2    . DG A 2 ? 0.3785 0.3977 0.4024 0.0465  0.0220  0.0933  2 DG A N2    
41  N N3    . DG A 2 ? 0.4095 0.4361 0.4426 0.0479  0.0256  0.0974  2 DG A N3    
42  C C4    . DG A 2 ? 0.3697 0.4009 0.4111 0.0476  0.0285  0.0992  2 DG A C4    
43  P P     . DT A 3 ? 0.6306 0.6552 0.6425 0.0558  0.0215  0.0989  3 DT A P     
44  O OP1   . DT A 3 ? 0.7479 0.7741 0.7570 0.0580  0.0223  0.0994  3 DT A OP1   
45  O OP2   . DT A 3 ? 0.6224 0.6434 0.6308 0.0550  0.0179  0.0986  3 DT A OP2   
46  O "O5'" . DT A 3 ? 0.6173 0.6403 0.6284 0.0547  0.0221  0.0965  3 DT A "O5'" 
47  C "C5'" . DT A 3 ? 0.5647 0.5876 0.5725 0.0558  0.0232  0.0952  3 DT A "C5'" 
48  C "C4'" . DT A 3 ? 0.4333 0.4531 0.4390 0.0544  0.0225  0.0926  3 DT A "C4'" 
49  O "O4'" . DT A 3 ? 0.3024 0.3250 0.3148 0.0534  0.0256  0.0927  3 DT A "O4'" 
50  C "C3'" . DT A 3 ? 0.4229 0.4389 0.4265 0.0527  0.0194  0.0918  3 DT A "C3'" 
51  O "O3'" . DT A 3 ? 0.5088 0.5206 0.5063 0.0521  0.0173  0.0892  3 DT A "O3'" 
52  C "C2'" . DT A 3 ? 0.3160 0.3338 0.3270 0.0508  0.0212  0.0923  3 DT A "C2'" 
53  C "C1'" . DT A 3 ? 0.2493 0.2697 0.2631 0.0512  0.0245  0.0916  3 DT A "C1'" 
54  N N1    . DT A 3 ? 0.2804 0.3045 0.3027 0.0501  0.0275  0.0927  3 DT A N1    
55  C C2    . DT A 3 ? 0.2681 0.2912 0.2930 0.0482  0.0278  0.0913  3 DT A C2    
56  O O2    . DT A 3 ? 0.2644 0.2834 0.2843 0.0474  0.0256  0.0893  3 DT A O2    
57  N N3    . DT A 3 ? 0.2606 0.2876 0.2938 0.0473  0.0308  0.0924  3 DT A N3    
58  C C4    . DT A 3 ? 0.2639 0.2956 0.3031 0.0482  0.0334  0.0947  3 DT A C4    
59  O O4    . DT A 3 ? 0.2560 0.2909 0.3028 0.0473  0.0359  0.0954  3 DT A O4    
60  C C5    . DT A 3 ? 0.2766 0.3092 0.3128 0.0502  0.0329  0.0961  3 DT A C5    
61  C C7    . DT A 3 ? 0.2810 0.3186 0.3233 0.0512  0.0357  0.0987  3 DT A C7    
62  C C6    . DT A 3 ? 0.2840 0.3129 0.3121 0.0511  0.0300  0.0951  3 DT A C6    
63  P P     . DG A 4 ? 0.3490 0.3570 0.3386 0.0527  0.0136  0.0884  4 DG A P     
64  O OP1   . DG A 4 ? 0.5077 0.5165 0.4984 0.0532  0.0125  0.0905  4 DG A OP1   
65  O OP2   . DG A 4 ? 0.3389 0.3426 0.3247 0.0512  0.0114  0.0860  4 DG A OP2   
66  O "O5'" . DG A 4 ? 0.3708 0.3797 0.3566 0.0549  0.0145  0.0880  4 DG A "O5'" 
67  C "C5'" . DG A 4 ? 0.3521 0.3600 0.3352 0.0550  0.0153  0.0859  4 DG A "C5'" 
68  C "C4'" . DG A 4 ? 0.3530 0.3636 0.3353 0.0572  0.0172  0.0865  4 DG A "C4'" 
69  O "O4'" . DG A 4 ? 0.3486 0.3635 0.3369 0.0579  0.0197  0.0890  4 DG A "O4'" 
70  C "C3'" . DG A 4 ? 0.3828 0.3941 0.3652 0.0575  0.0196  0.0850  4 DG A "C3'" 
71  O "O3'" . DG A 4 ? 0.5178 0.5257 0.4937 0.0577  0.0178  0.0826  4 DG A "O3'" 
72  C "C2'" . DG A 4 ? 0.3712 0.3869 0.3566 0.0595  0.0225  0.0866  4 DG A "C2'" 
73  C "C1'" . DG A 4 ? 0.3697 0.3877 0.3595 0.0594  0.0227  0.0892  4 DG A "C1'" 
74  N N9    . DG A 4 ? 0.3372 0.3592 0.3349 0.0589  0.0259  0.0908  4 DG A N9    
75  C C8    . DG A 4 ? 0.3791 0.4053 0.3813 0.0602  0.0282  0.0930  4 DG A C8    
76  N N7    . DG A 4 ? 0.3234 0.3528 0.3327 0.0593  0.0309  0.0939  4 DG A N7    
77  C C5    . DG A 4 ? 0.2735 0.3004 0.2831 0.0575  0.0303  0.0921  4 DG A C5    
78  C C6    . DG A 4 ? 0.1813 0.2099 0.1972 0.0558  0.0324  0.0920  4 DG A C6    
79  O O6    . DG A 4 ? 0.1423 0.1749 0.1652 0.0557  0.0353  0.0936  4 DG A O6    
80  N N1    . DG A 4 ? 0.1701 0.1951 0.1837 0.0542  0.0308  0.0898  4 DG A N1    
81  C C2    . DG A 4 ? 0.1647 0.1851 0.1707 0.0540  0.0276  0.0880  4 DG A C2    
82  N N2    . DG A 4 ? 0.1470 0.1645 0.1519 0.0523  0.0265  0.0860  4 DG A N2    
83  N N3    . DG A 4 ? 0.2528 0.2718 0.2531 0.0555  0.0257  0.0880  4 DG A N3    
84  C C4    . DG A 4 ? 0.3181 0.3405 0.3204 0.0572  0.0272  0.0901  4 DG A C4    
85  P P     . DC B 1 ? 0.5936 0.7176 0.5302 -0.0637 -0.0411 -0.0588 1 DC B P     
86  O OP1   . DC B 1 ? 0.6288 0.7510 0.5680 -0.0626 -0.0397 -0.0606 1 DC B OP1   
87  O OP2   . DC B 1 ? 0.6084 0.7350 0.5454 -0.0644 -0.0404 -0.0605 1 DC B OP2   
88  O "O5'" . DC B 1 ? 0.5922 0.7197 0.5268 -0.0650 -0.0429 -0.0567 1 DC B "O5'" 
89  C "C5'" . DC B 1 ? 0.5346 0.6646 0.4670 -0.0661 -0.0441 -0.0550 1 DC B "C5'" 
90  C "C4'" . DC B 1 ? 0.4126 0.5382 0.3418 -0.0656 -0.0459 -0.0511 1 DC B "C4'" 
91  O "O4'" . DC B 1 ? 0.3331 0.4528 0.2615 -0.0645 -0.0462 -0.0503 1 DC B "O4'" 
92  C "C3'" . DC B 1 ? 0.4499 0.5737 0.3775 -0.0655 -0.0464 -0.0494 1 DC B "C3'" 
93  O "O3'" . DC B 1 ? 0.4621 0.5845 0.3875 -0.0654 -0.0478 -0.0457 1 DC B "O3'" 
94  C "C2'" . DC B 1 ? 0.3391 0.4576 0.2654 -0.0649 -0.0466 -0.0497 1 DC B "C2'" 
95  C "C1'" . DC B 1 ? 0.2665 0.3815 0.1927 -0.0639 -0.0470 -0.0486 1 DC B "C1'" 
96  N N1    . DC B 1 ? 0.2494 0.3583 0.1766 -0.0622 -0.0459 -0.0491 1 DC B N1    
97  C C2    . DC B 1 ? 0.2352 0.3376 0.1602 -0.0612 -0.0468 -0.0466 1 DC B C2    
98  O O2    . DC B 1 ? 0.2152 0.3172 0.1372 -0.0617 -0.0486 -0.0439 1 DC B O2    
99  N N3    . DC B 1 ? 0.3234 0.4203 0.2494 -0.0595 -0.0458 -0.0472 1 DC B N3    
100 C C4    . DC B 1 ? 0.2977 0.3953 0.2270 -0.0589 -0.0439 -0.0501 1 DC B C4    
101 N N4    . DC B 1 ? 0.2976 0.3896 0.2278 -0.0573 -0.0430 -0.0506 1 DC B N4    
102 C C5    . DC B 1 ? 0.2773 0.3815 0.2091 -0.0599 -0.0429 -0.0528 1 DC B C5    
103 C C6    . DC B 1 ? 0.2776 0.3872 0.2082 -0.0616 -0.0438 -0.0522 1 DC B C6    
104 P P     . DA B 2 ? 0.5438 0.6697 0.4695 -0.0658 -0.0477 -0.0444 2 DA B P     
105 O OP1   . DA B 2 ? 0.6486 0.7773 0.5760 -0.0663 -0.0463 -0.0467 2 DA B OP1   
106 O OP2   . DA B 2 ? 0.4710 0.5932 0.3939 -0.0654 -0.0492 -0.0406 2 DA B OP2   
107 O "O5'" . DA B 2 ? 0.4475 0.5777 0.3748 -0.0664 -0.0474 -0.0448 2 DA B "O5'" 
108 C "C5'" . DA B 2 ? 0.4601 0.5886 0.3863 -0.0661 -0.0486 -0.0429 2 DA B "C5'" 
109 C "C4'" . DA B 2 ? 0.4832 0.6161 0.4115 -0.0667 -0.0479 -0.0446 2 DA B "C4'" 
110 O "O4'" . DA B 2 ? 0.4826 0.6169 0.4131 -0.0667 -0.0466 -0.0481 2 DA B "O4'" 
111 C "C3'" . DA B 2 ? 0.5655 0.6969 0.4930 -0.0664 -0.0489 -0.0429 2 DA B "C3'" 
112 O "O3'" . DA B 2 ? 0.7046 0.8371 0.6312 -0.0666 -0.0497 -0.0402 2 DA B "O3'" 
113 C "C2'" . DA B 2 ? 0.5096 0.6443 0.4396 -0.0667 -0.0479 -0.0460 2 DA B "C2'" 
114 C "C1'" . DA B 2 ? 0.4853 0.6214 0.4171 -0.0669 -0.0464 -0.0493 2 DA B "C1'" 
115 N N9    . DA B 2 ? 0.3178 0.4516 0.2502 -0.0665 -0.0459 -0.0515 2 DA B N9    
116 C C8    . DA B 2 ? 0.3199 0.4565 0.2550 -0.0667 -0.0445 -0.0552 2 DA B C8    
117 N N7    . DA B 2 ? 0.3183 0.4501 0.2541 -0.0654 -0.0437 -0.0560 2 DA B N7    
118 C C5    . DA B 2 ? 0.3148 0.4411 0.2479 -0.0647 -0.0451 -0.0531 2 DA B C5    
119 C C6    . DA B 2 ? 0.3118 0.4311 0.2443 -0.0632 -0.0449 -0.0521 2 DA B C6    
120 N N6    . DA B 2 ? 0.3118 0.4283 0.2469 -0.0619 -0.0432 -0.0541 2 DA B N6    
121 N N1    . DA B 2 ? 0.3085 0.4237 0.2379 -0.0629 -0.0464 -0.0491 2 DA B N1    
122 C C2    . DA B 2 ? 0.3083 0.4264 0.2354 -0.0642 -0.0481 -0.0471 2 DA B C2    
123 N N3    . DA B 2 ? 0.3111 0.4350 0.2386 -0.0654 -0.0481 -0.0475 2 DA B N3    
124 C C4    . DA B 2 ? 0.3141 0.4424 0.2447 -0.0658 -0.0467 -0.0507 2 DA B C4    
125 P P     . DC B 3 ? 0.5995 0.7275 0.5235 -0.0659 -0.0514 -0.0365 3 DC B P     
126 O OP1   . DC B 3 ? 0.5679 0.6987 0.4924 -0.0663 -0.0517 -0.0353 3 DC B OP1   
127 O OP2   . DC B 3 ? 0.6019 0.7266 0.5241 -0.0655 -0.0520 -0.0346 3 DC B OP2   
128 O "O5'" . DC B 3 ? 0.5181 0.6422 0.4413 -0.0654 -0.0520 -0.0366 3 DC B "O5'" 
129 C "C5'" . DC B 3 ? 0.4014 0.5229 0.3229 -0.0650 -0.0534 -0.0338 3 DC B "C5'" 
130 C "C4'" . DC B 3 ? 0.2835 0.3997 0.2033 -0.0643 -0.0542 -0.0331 3 DC B "C4'" 
131 O "O4'" . DC B 3 ? 0.2581 0.3757 0.1797 -0.0644 -0.0533 -0.0362 3 DC B "O4'" 
132 C "C3'" . DC B 3 ? 0.2584 0.3705 0.1766 -0.0637 -0.0545 -0.0326 3 DC B "C3'" 
133 O "O3'" . DC B 3 ? 0.2893 0.3958 0.2050 -0.0629 -0.0559 -0.0297 3 DC B "O3'" 
134 C "C2'" . DC B 3 ? 0.2183 0.3309 0.1380 -0.0639 -0.0534 -0.0361 3 DC B "C2'" 
135 C "C1'" . DC B 3 ? 0.2180 0.3320 0.1389 -0.0641 -0.0532 -0.0373 3 DC B "C1'" 
136 N N1    . DC B 3 ? 0.2197 0.3367 0.1432 -0.0644 -0.0518 -0.0411 3 DC B N1    
137 C C2    . DC B 3 ? 0.2158 0.3273 0.1405 -0.0628 -0.0506 -0.0420 3 DC B C2    
138 O O2    . DC B 3 ? 0.2124 0.3181 0.1350 -0.0619 -0.0514 -0.0399 3 DC B O2    
139 N N3    . DC B 3 ? 0.2176 0.3303 0.1456 -0.0623 -0.0486 -0.0452 3 DC B N3    
140 C C4    . DC B 3 ? 0.2242 0.3432 0.1542 -0.0634 -0.0478 -0.0474 3 DC B C4    
141 N N4    . DC B 3 ? 0.2294 0.3494 0.1627 -0.0629 -0.0459 -0.0505 3 DC B N4    
142 C C5    . DC B 3 ? 0.2339 0.3584 0.1626 -0.0650 -0.0490 -0.0466 3 DC B C5    
143 C C6    . DC B 3 ? 0.2281 0.3507 0.1541 -0.0651 -0.0507 -0.0432 3 DC B C6    
144 P P     . DA B 4 ? 0.3693 0.4734 0.2830 -0.0625 -0.0570 -0.0261 4 DA B P     
145 O OP1   . DA B 4 ? 0.5409 0.6494 0.4558 -0.0631 -0.0563 -0.0264 4 DA B OP1   
146 O OP2   . DA B 4 ? 0.3067 0.4055 0.2183 -0.0618 -0.0577 -0.0248 4 DA B OP2   
147 O "O5'" . DA B 4 ? 0.3729 0.4759 0.2859 -0.0622 -0.0580 -0.0238 4 DA B "O5'" 
148 C "C5'" . DA B 4 ? 0.3450 0.4508 0.2594 -0.0626 -0.0577 -0.0253 4 DA B "C5'" 
149 C "C4'" . DA B 4 ? 0.3171 0.4258 0.2320 -0.0629 -0.0580 -0.0238 4 DA B "C4'" 
150 O "O4'" . DA B 4 ? 0.3257 0.4401 0.2428 -0.0637 -0.0567 -0.0260 4 DA B "O4'" 
151 C "C3'" . DA B 4 ? 0.3643 0.4734 0.2795 -0.0629 -0.0584 -0.0236 4 DA B "C3'" 
152 O "O3'" . DA B 4 ? 0.3927 0.4973 0.3059 -0.0621 -0.0597 -0.0205 4 DA B "O3'" 
153 C "C2'" . DA B 4 ? 0.3363 0.4507 0.2532 -0.0636 -0.0578 -0.0240 4 DA B "C2'" 
154 C "C1'" . DA B 4 ? 0.3316 0.4496 0.2500 -0.0642 -0.0565 -0.0265 4 DA B "C1'" 
155 N N9    . DA B 4 ? 0.2865 0.4079 0.2073 -0.0647 -0.0554 -0.0300 4 DA B N9    
156 C C8    . DA B 4 ? 0.2904 0.4172 0.2135 -0.0655 -0.0542 -0.0323 4 DA B C8    
157 N N7    . DA B 4 ? 0.2916 0.4202 0.2164 -0.0658 -0.0532 -0.0354 4 DA B N7    
158 C C5    . DA B 4 ? 0.2885 0.4124 0.2120 -0.0651 -0.0539 -0.0352 4 DA B C5    
159 C C6    . DA B 4 ? 0.2880 0.4108 0.2123 -0.0650 -0.0533 -0.0376 4 DA B C6    
160 N N6    . DA B 4 ? 0.2907 0.4174 0.2177 -0.0654 -0.0519 -0.0410 4 DA B N6    
161 N N1    . DA B 4 ? 0.2846 0.4018 0.2068 -0.0643 -0.0541 -0.0366 4 DA B N1    
162 C C2    . DA B 4 ? 0.2818 0.3951 0.2017 -0.0637 -0.0554 -0.0331 4 DA B C2    
163 N N3    . DA B 4 ? 0.2819 0.3957 0.2007 -0.0637 -0.0561 -0.0306 4 DA B N3    
164 C C4    . DA B 4 ? 0.2853 0.4045 0.2062 -0.0644 -0.0551 -0.0318 4 DA B C4    
165 P P     . DT C 1 ? 0.8959 1.0855 0.9861 0.0912  -0.0914 -0.0312 1 DT C P     
166 O OP1   . DT C 1 ? 0.9661 1.1564 1.0556 0.0933  -0.0907 -0.0302 1 DT C OP1   
167 O OP2   . DT C 1 ? 0.9027 1.0926 0.9913 0.0908  -0.0923 -0.0325 1 DT C OP2   
168 O "O5'" . DT C 1 ? 0.8230 1.0094 0.9122 0.0891  -0.0927 -0.0323 1 DT C "O5'" 
169 C "C5'" . DT C 1 ? 0.7537 0.9378 0.8400 0.0876  -0.0944 -0.0341 1 DT C "C5'" 
170 C "C4'" . DT C 1 ? 0.6184 0.8002 0.7048 0.0849  -0.0955 -0.0354 1 DT C "C4'" 
171 O "O4'" . DT C 1 ? 0.5573 0.7394 0.6466 0.0845  -0.0946 -0.0344 1 DT C "O4'" 
172 C "C3'" . DT C 1 ? 0.5660 0.7475 0.6516 0.0836  -0.0964 -0.0367 1 DT C "C3'" 
173 O "O3'" . DT C 1 ? 0.5654 0.7438 0.6492 0.0811  -0.0980 -0.0383 1 DT C "O3'" 
174 C "C2'" . DT C 1 ? 0.5135 0.6962 0.6019 0.0831  -0.0956 -0.0361 1 DT C "C2'" 
175 C "C1'" . DT C 1 ? 0.5130 0.6947 0.6030 0.0828  -0.0951 -0.0353 1 DT C "C1'" 
176 N N1    . DT C 1 ? 0.3362 0.5197 0.4294 0.0834  -0.0937 -0.0340 1 DT C N1    
177 C C2    . DT C 1 ? 0.3298 0.5124 0.4244 0.0814  -0.0940 -0.0345 1 DT C C2    
178 O O2    . DT C 1 ? 0.3268 0.5070 0.4199 0.0791  -0.0954 -0.0361 1 DT C O2    
179 N N3    . DT C 1 ? 0.3273 0.5117 0.4249 0.0821  -0.0926 -0.0332 1 DT C N3    
180 C C4    . DT C 1 ? 0.3305 0.5174 0.4299 0.0844  -0.0909 -0.0314 1 DT C C4    
181 O O4    . DT C 1 ? 0.3276 0.5158 0.4299 0.0848  -0.0896 -0.0303 1 DT C O4    
182 C C5    . DT C 1 ? 0.3372 0.5249 0.4350 0.0864  -0.0906 -0.0309 1 DT C C5    
183 C C7    . DT C 1 ? 0.3413 0.5315 0.4408 0.0890  -0.0888 -0.0288 1 DT C C7    
184 C C6    . DT C 1 ? 0.3397 0.5257 0.4345 0.0857  -0.0920 -0.0321 1 DT C C6    
185 P P     . DG C 2 ? 0.4282 0.6053 0.5087 0.0809  -0.0991 -0.0396 2 DG C P     
186 O OP1   . DG C 2 ? 0.6151 0.7947 0.6952 0.0828  -0.0987 -0.0392 2 DG C OP1   
187 O OP2   . DG C 2 ? 0.3955 0.5698 0.4747 0.0782  -0.1005 -0.0412 2 DG C OP2   
188 O "O5'" . DG C 2 ? 0.3595 0.5361 0.4394 0.0821  -0.0989 -0.0388 2 DG C "O5'" 
189 C "C5'" . DG C 2 ? 0.2874 0.4611 0.3663 0.0806  -0.0997 -0.0395 2 DG C "C5'" 
190 C "C4'" . DG C 2 ? 0.2405 0.4145 0.3191 0.0822  -0.0993 -0.0385 2 DG C "C4'" 
191 O "O4'" . DG C 2 ? 0.2134 0.3903 0.2940 0.0846  -0.0977 -0.0368 2 DG C "O4'" 
192 C "C3'" . DG C 2 ? 0.2510 0.4227 0.3299 0.0810  -0.0995 -0.0385 2 DG C "C3'" 
193 O "O3'" . DG C 2 ? 0.3302 0.4993 0.4066 0.0799  -0.1008 -0.0397 2 DG C "O3'" 
194 C "C2'" . DG C 2 ? 0.2022 0.3757 0.2825 0.0832  -0.0981 -0.0369 2 DG C "C2'" 
195 C "C1'" . DG C 2 ? 0.1851 0.3618 0.2666 0.0853  -0.0970 -0.0358 2 DG C "C1'" 
196 N N9    . DG C 2 ? 0.1820 0.3607 0.2666 0.0860  -0.0956 -0.0344 2 DG C N9    
197 C C8    . DG C 2 ? 0.1853 0.3664 0.2715 0.0883  -0.0940 -0.0326 2 DG C C8    
198 N N7    . DG C 2 ? 0.1815 0.3637 0.2704 0.0884  -0.0929 -0.0316 2 DG C N7    
199 C C5    . DG C 2 ? 0.1790 0.3596 0.2682 0.0861  -0.0939 -0.0328 2 DG C C5    
200 C C6    . DG C 2 ? 0.1968 0.3775 0.2883 0.0851  -0.0934 -0.0324 2 DG C C6    
201 O O6    . DG C 2 ? 0.1989 0.3814 0.2931 0.0861  -0.0920 -0.0310 2 DG C O6    
202 N N1    . DG C 2 ? 0.1767 0.3551 0.2674 0.0826  -0.0948 -0.0340 2 DG C N1    
203 C C2    . DG C 2 ? 0.1777 0.3539 0.2657 0.0811  -0.0963 -0.0356 2 DG C C2    
204 N N2    . DG C 2 ? 0.1771 0.3510 0.2646 0.0786  -0.0975 -0.0370 2 DG C N2    
205 N N3    . DG C 2 ? 0.1794 0.3553 0.2651 0.0821  -0.0968 -0.0359 2 DG C N3    
206 C C4    . DG C 2 ? 0.1800 0.3581 0.2664 0.0846  -0.0956 -0.0345 2 DG C C4    
207 P P     . DT C 3 ? 0.3920 0.5583 0.4681 0.0783  -0.1013 -0.0401 3 DT C P     
208 O OP1   . DT C 3 ? 0.3773 0.5450 0.4553 0.0799  -0.1001 -0.0385 3 DT C OP1   
209 O OP2   . DT C 3 ? 0.4962 0.6603 0.5696 0.0775  -0.1025 -0.0413 3 DT C OP2   
210 O "O5'" . DT C 3 ? 0.2722 0.4372 0.3493 0.0758  -0.1018 -0.0409 3 DT C "O5'" 
211 C "C5'" . DT C 3 ? 0.2495 0.4113 0.3261 0.0736  -0.1026 -0.0417 3 DT C "C5'" 
212 C "C4'" . DT C 3 ? 0.2317 0.3938 0.3111 0.0730  -0.1019 -0.0410 3 DT C "C4'" 
213 O "O4'" . DT C 3 ? 0.2339 0.3985 0.3154 0.0752  -0.1005 -0.0393 3 DT C "O4'" 
214 C "C3'" . DT C 3 ? 0.2575 0.4207 0.3381 0.0722  -0.1018 -0.0412 3 DT C "C3'" 
215 O "O3'" . DT C 3 ? 0.2723 0.4332 0.3534 0.0697  -0.1024 -0.0421 3 DT C "O3'" 
216 C "C2'" . DT C 3 ? 0.2661 0.4325 0.3496 0.0742  -0.1002 -0.0396 3 DT C "C2'" 
217 C "C1'" . DT C 3 ? 0.1892 0.3553 0.2733 0.0751  -0.0997 -0.0386 3 DT C "C1'" 
218 N N1    . DT C 3 ? 0.1769 0.3460 0.2630 0.0777  -0.0982 -0.0368 3 DT C N1    
219 C C2    . DT C 3 ? 0.2241 0.3946 0.3132 0.0779  -0.0971 -0.0357 3 DT C C2    
220 O O2    . DT C 3 ? 0.1935 0.3628 0.2836 0.0760  -0.0974 -0.0363 3 DT C O2    
221 N N3    . DT C 3 ? 0.2437 0.4169 0.3345 0.0803  -0.0955 -0.0340 3 DT C N3    
222 C C4    . DT C 3 ? 0.2147 0.3891 0.3045 0.0825  -0.0950 -0.0332 3 DT C C4    
223 O O4    . DT C 3 ? 0.2151 0.3918 0.3066 0.0845  -0.0935 -0.0316 3 DT C O4    
224 C C5    . DT C 3 ? 0.1920 0.3650 0.2787 0.0821  -0.0963 -0.0345 3 DT C C5    
225 C C7    . DT C 3 ? 0.1904 0.3647 0.2757 0.0843  -0.0959 -0.0339 3 DT C C7    
226 C C6    . DT C 3 ? 0.1801 0.3505 0.2652 0.0797  -0.0977 -0.0362 3 DT C C6    
227 P P     . DG C 4 ? 0.3030 0.4606 0.3816 0.0670  -0.1038 -0.0439 4 DG C P     
228 O OP1   . DG C 4 ? 0.4121 0.5704 0.4887 0.0676  -0.1043 -0.0444 4 DG C OP1   
229 O OP2   . DG C 4 ? 0.2428 0.3993 0.3227 0.0648  -0.1040 -0.0444 4 DG C OP2   
230 O "O5'" . DG C 4 ? 0.2174 0.3726 0.2942 0.0665  -0.1045 -0.0443 4 DG C "O5'" 
231 C "C5'" . DG C 4 ? 0.1778 0.3308 0.2551 0.0653  -0.1046 -0.0442 4 DG C "C5'" 
232 C "C4'" . DG C 4 ? 0.1793 0.3305 0.2545 0.0655  -0.1051 -0.0445 4 DG C "C4'" 
233 O "O4'" . DG C 4 ? 0.1800 0.3337 0.2550 0.0681  -0.1045 -0.0436 4 DG C "O4'" 
234 C "C3'" . DG C 4 ? 0.2414 0.3914 0.3174 0.0651  -0.1049 -0.0441 4 DG C "C3'" 
235 O "O3'" . DG C 4 ? 0.2725 0.4188 0.3475 0.0623  -0.1057 -0.0451 4 DG C "O3'" 
236 C "C2'" . DG C 4 ? 0.1835 0.3339 0.2582 0.0669  -0.1048 -0.0437 4 DG C "C2'" 
237 C "C1'" . DG C 4 ? 0.1805 0.3335 0.2547 0.0689  -0.1045 -0.0433 4 DG C "C1'" 
238 N N9    . DG C 4 ? 0.2017 0.3579 0.2775 0.0717  -0.1033 -0.0418 4 DG C N9    
239 C C8    . DG C 4 ? 0.2082 0.3657 0.2828 0.0737  -0.1030 -0.0413 4 DG C C8    
240 N N7    . DG C 4 ? 0.2102 0.3704 0.2867 0.0759  -0.1018 -0.0398 4 DG C N7    
241 C C5    . DG C 4 ? 0.2045 0.3652 0.2835 0.0753  -0.1012 -0.0392 4 DG C C5    
242 C C6    . DG C 4 ? 0.2036 0.3669 0.2854 0.0770  -0.0997 -0.0375 4 DG C C6    
243 O O6    . DG C 4 ? 0.2080 0.3735 0.2906 0.0792  -0.0987 -0.0362 4 DG C O6    
244 N N1    . DG C 4 ? 0.1973 0.3602 0.2811 0.0756  -0.0995 -0.0375 4 DG C N1    
245 C C2    . DG C 4 ? 0.1922 0.3526 0.2754 0.0730  -0.1006 -0.0389 4 DG C C2    
246 N N2    . DG C 4 ? 0.1866 0.3471 0.2720 0.0720  -0.1002 -0.0386 4 DG C N2    
247 N N3    . DG C 4 ? 0.1930 0.3510 0.2736 0.0714  -0.1019 -0.0404 4 DG C N3    
248 C C4    . DG C 4 ? 0.1993 0.3576 0.2779 0.0727  -0.1021 -0.0405 4 DG C C4    
249 P P     . DC D 1 ? 0.7038 0.7119 0.6566 -0.0283 -0.0113 -0.0153 1 DC D P     
250 O OP1   . DC D 1 ? 0.7057 0.7153 0.6599 -0.0279 -0.0116 -0.0146 1 DC D OP1   
251 O OP2   . DC D 1 ? 0.7193 0.7268 0.6710 -0.0284 -0.0112 -0.0147 1 DC D OP2   
252 O "O5'" . DC D 1 ? 0.6409 0.6491 0.5929 -0.0285 -0.0098 -0.0157 1 DC D "O5'" 
253 C "C5'" . DC D 1 ? 0.5984 0.6079 0.5503 -0.0282 -0.0085 -0.0151 1 DC D "C5'" 
254 C "C4'" . DC D 1 ? 0.4648 0.4738 0.4156 -0.0286 -0.0074 -0.0155 1 DC D "C4'" 
255 O "O4'" . DC D 1 ? 0.3729 0.3831 0.3236 -0.0283 -0.0064 -0.0148 1 DC D "O4'" 
256 C "C3'" . DC D 1 ? 0.4462 0.4536 0.3957 -0.0289 -0.0078 -0.0156 1 DC D "C3'" 
257 O "O3'" . DC D 1 ? 0.4673 0.4738 0.4160 -0.0295 -0.0073 -0.0165 1 DC D "O3'" 
258 C "C2'" . DC D 1 ? 0.3616 0.3696 0.3108 -0.0288 -0.0072 -0.0146 1 DC D "C2'" 
259 C "C1'" . DC D 1 ? 0.2619 0.2713 0.2115 -0.0286 -0.0061 -0.0146 1 DC D "C1'" 
260 N N1    . DC D 1 ? 0.2386 0.2490 0.1883 -0.0281 -0.0057 -0.0137 1 DC D N1    
261 C C2    . DC D 1 ? 0.2388 0.2487 0.1877 -0.0282 -0.0052 -0.0134 1 DC D C2    
262 O O2    . DC D 1 ? 0.2423 0.2510 0.1903 -0.0288 -0.0051 -0.0140 1 DC D O2    
263 N N3    . DC D 1 ? 0.2354 0.2463 0.1843 -0.0277 -0.0049 -0.0127 1 DC D N3    
264 C C4    . DC D 1 ? 0.2321 0.2443 0.1818 -0.0270 -0.0049 -0.0121 1 DC D C4    
265 N N4    . DC D 1 ? 0.2291 0.2422 0.1789 -0.0263 -0.0045 -0.0114 1 DC D N4    
266 C C5    . DC D 1 ? 0.2315 0.2444 0.1821 -0.0268 -0.0053 -0.0122 1 DC D C5    
267 C C6    . DC D 1 ? 0.2348 0.2468 0.1855 -0.0274 -0.0057 -0.0130 1 DC D C6    
268 P P     . DA D 2 ? 0.4753 0.4807 0.4241 -0.0297 -0.0082 -0.0174 2 DA D P     
269 O OP1   . DA D 2 ? 0.5735 0.5783 0.5228 -0.0295 -0.0096 -0.0173 2 DA D OP1   
270 O OP2   . DA D 2 ? 0.4376 0.4419 0.3851 -0.0301 -0.0077 -0.0180 2 DA D OP2   
271 O "O5'" . DA D 2 ? 0.4356 0.4420 0.3855 -0.0295 -0.0079 -0.0178 2 DA D "O5'" 
272 C "C5'" . DA D 2 ? 0.3759 0.3825 0.3256 -0.0298 -0.0071 -0.0185 2 DA D "C5'" 
273 C "C4'" . DA D 2 ? 0.3440 0.3519 0.2950 -0.0295 -0.0068 -0.0185 2 DA D "C4'" 
274 O "O4'" . DA D 2 ? 0.3236 0.3327 0.2753 -0.0290 -0.0069 -0.0175 2 DA D "O4'" 
275 C "C3'" . DA D 2 ? 0.3416 0.3505 0.2925 -0.0297 -0.0054 -0.0187 2 DA D "C3'" 
276 O "O3'" . DA D 2 ? 0.4448 0.4529 0.3954 -0.0300 -0.0052 -0.0195 2 DA D "O3'" 
277 C "C2'" . DA D 2 ? 0.2874 0.2979 0.2397 -0.0291 -0.0053 -0.0183 2 DA D "C2'" 
278 C "C1'" . DA D 2 ? 0.2865 0.2971 0.2392 -0.0288 -0.0061 -0.0175 2 DA D "C1'" 
279 N N9    . DA D 2 ? 0.2552 0.2672 0.2080 -0.0283 -0.0055 -0.0166 2 DA D N9    
280 C C8    . DA D 2 ? 0.2411 0.2544 0.1947 -0.0277 -0.0056 -0.0159 2 DA D C8    
281 N N7    . DA D 2 ? 0.2183 0.2327 0.1719 -0.0273 -0.0050 -0.0151 2 DA D N7    
282 C C5    . DA D 2 ? 0.2033 0.2168 0.1559 -0.0277 -0.0045 -0.0153 2 DA D C5    
283 C C6    . DA D 2 ? 0.2067 0.2205 0.1588 -0.0276 -0.0039 -0.0148 2 DA D C6    
284 N N6    . DA D 2 ? 0.0821 0.0972 0.0346 -0.0270 -0.0037 -0.0140 2 DA D N6    
285 N N1    . DA D 2 ? 0.2296 0.2424 0.1809 -0.0282 -0.0037 -0.0151 2 DA D N1    
286 C C2    . DA D 2 ? 0.2435 0.2549 0.1942 -0.0288 -0.0039 -0.0158 2 DA D C2    
287 N N3    . DA D 2 ? 0.2530 0.2640 0.2041 -0.0289 -0.0045 -0.0164 2 DA D N3    
288 C C4    . DA D 2 ? 0.2421 0.2541 0.1942 -0.0284 -0.0049 -0.0161 2 DA D C4    
289 P P     . DC D 3 ? 0.5857 0.5931 0.5350 -0.0305 -0.0045 -0.0198 3 DC D P     
290 O OP1   . DC D 3 ? 0.7913 0.7975 0.7401 -0.0307 -0.0048 -0.0209 3 DC D OP1   
291 O OP2   . DC D 3 ? 0.5525 0.5593 0.5010 -0.0306 -0.0046 -0.0192 3 DC D OP2   
292 O "O5'" . DC D 3 ? 0.4612 0.4699 0.4109 -0.0307 -0.0032 -0.0197 3 DC D "O5'" 
293 C "C5'" . DC D 3 ? 0.3838 0.3922 0.3328 -0.0311 -0.0024 -0.0200 3 DC D "C5'" 
294 C "C4'" . DC D 3 ? 0.2984 0.3072 0.2471 -0.0312 -0.0017 -0.0193 3 DC D "C4'" 
295 O "O4'" . DC D 3 ? 0.2643 0.2747 0.2140 -0.0308 -0.0015 -0.0188 3 DC D "O4'" 
296 C "C3'" . DC D 3 ? 0.3209 0.3288 0.2687 -0.0312 -0.0022 -0.0188 3 DC D "C3'" 
297 O "O3'" . DC D 3 ? 0.2667 0.2744 0.2139 -0.0317 -0.0015 -0.0187 3 DC D "O3'" 
298 C "C2'" . DC D 3 ? 0.2757 0.2847 0.2244 -0.0307 -0.0025 -0.0181 3 DC D "C2'" 
299 C "C1'" . DC D 3 ? 0.1983 0.2088 0.1479 -0.0306 -0.0017 -0.0180 3 DC D "C1'" 
300 N N1    . DC D 3 ? 0.1559 0.1678 0.1066 -0.0299 -0.0018 -0.0176 3 DC D N1    
301 C C2    . DC D 3 ? 0.1486 0.1614 0.0995 -0.0294 -0.0015 -0.0169 3 DC D C2    
302 O O2    . DC D 3 ? 0.1461 0.1585 0.0964 -0.0297 -0.0012 -0.0167 3 DC D O2    
303 N N3    . DC D 3 ? 0.1447 0.1590 0.0967 -0.0288 -0.0016 -0.0164 3 DC D N3    
304 C C4    . DC D 3 ? 0.1479 0.1624 0.1005 -0.0285 -0.0019 -0.0165 3 DC D C4    
305 N N4    . DC D 3 ? 0.1443 0.1601 0.0976 -0.0278 -0.0021 -0.0160 3 DC D N4    
306 C C5    . DC D 3 ? 0.1554 0.1690 0.1077 -0.0289 -0.0023 -0.0173 3 DC D C5    
307 C C6    . DC D 3 ? 0.1592 0.1715 0.1107 -0.0296 -0.0022 -0.0178 3 DC D C6    
308 P P     . DA D 4 ? 0.3334 0.3396 0.2792 -0.0321 -0.0015 -0.0190 4 DA D P     
309 O OP1   . DA D 4 ? 0.5127 0.5177 0.4580 -0.0320 -0.0025 -0.0191 4 DA D OP1   
310 O OP2   . DA D 4 ? 0.2800 0.2862 0.2255 -0.0324 -0.0009 -0.0187 4 DA D OP2   
311 O "O5'" . DA D 4 ? 0.3102 0.3163 0.2561 -0.0325 -0.0011 -0.0199 4 DA D "O5'" 
312 C "C5'" . DA D 4 ? 0.2605 0.2671 0.2064 -0.0329 -0.0002 -0.0201 4 DA D "C5'" 
313 C "C4'" . DA D 4 ? 0.2584 0.2655 0.2048 -0.0330 0.0001  -0.0207 4 DA D "C4'" 
314 O "O4'" . DA D 4 ? 0.2554 0.2631 0.2026 -0.0326 -0.0004 -0.0208 4 DA D "O4'" 
315 C "C3'" . DA D 4 ? 0.2841 0.2925 0.2313 -0.0332 0.0011  -0.0209 4 DA D "C3'" 
316 O "O3'" . DA D 4 ? 0.3676 0.3754 0.3139 -0.0339 0.0017  -0.0212 4 DA D "O3'" 
317 C "C2'" . DA D 4 ? 0.2699 0.2789 0.2177 -0.0331 0.0010  -0.0214 4 DA D "C2'" 
318 C "C1'" . DA D 4 ? 0.2642 0.2728 0.2122 -0.0326 0.0001  -0.0213 4 DA D "C1'" 
319 N N9    . DA D 4 ? 0.2762 0.2860 0.2255 -0.0320 -0.0001 -0.0210 4 DA D N9    
320 C C8    . DA D 4 ? 0.2766 0.2867 0.2265 -0.0318 -0.0004 -0.0214 4 DA D C8    
321 N N7    . DA D 4 ? 0.2723 0.2837 0.2233 -0.0313 -0.0005 -0.0210 4 DA D N7    
322 C C5    . DA D 4 ? 0.2691 0.2812 0.2202 -0.0313 -0.0001 -0.0204 4 DA D C5    
323 C C6    . DA D 4 ? 0.2644 0.2778 0.2163 -0.0308 0.0000  -0.0197 4 DA D C6    
324 N N6    . DA D 4 ? 0.2618 0.2762 0.2147 -0.0302 -0.0001 -0.0196 4 DA D N6    
325 N N1    . DA D 4 ? 0.2626 0.2763 0.2142 -0.0308 0.0004  -0.0192 4 DA D N1    
326 C C2    . DA D 4 ? 0.2652 0.2778 0.2159 -0.0314 0.0006  -0.0193 4 DA D C2    
327 N N3    . DA D 4 ? 0.2697 0.2810 0.2194 -0.0319 0.0005  -0.0199 4 DA D N3    
328 C C4    . DA D 4 ? 0.2715 0.2826 0.2215 -0.0318 0.0002  -0.0204 4 DA D C4    
329 P P     . DT E 1 ? 0.4493 0.4690 0.5078 0.0800  0.0289  0.1299  1 DT E P     
330 O OP1   . DT E 1 ? 0.4114 0.4305 0.4703 0.0786  0.0302  0.1283  1 DT E OP1   
331 O OP2   . DT E 1 ? 0.4972 0.5204 0.5609 0.0808  0.0320  0.1327  1 DT E OP2   
332 O "O5'" . DT E 1 ? 0.4662 0.4848 0.5178 0.0821  0.0262  0.1293  1 DT E "O5'" 
333 C "C5'" . DT E 1 ? 0.4114 0.4265 0.4573 0.0820  0.0219  0.1273  1 DT E "C5'" 
334 C "C4'" . DT E 1 ? 0.3243 0.3376 0.3652 0.0819  0.0208  0.1252  1 DT E "C4'" 
335 O "O4'" . DT E 1 ? 0.2358 0.2483 0.2789 0.0799  0.0220  0.1238  1 DT E "O4'" 
336 C "C3'" . DT E 1 ? 0.3156 0.3256 0.3499 0.0823  0.0162  0.1232  1 DT E "C3'" 
337 O "O3'" . DT E 1 ? 0.3437 0.3539 0.3734 0.0838  0.0159  0.1228  1 DT E "O3'" 
338 C "C2'" . DT E 1 ? 0.2368 0.2441 0.2707 0.0800  0.0150  0.1209  1 DT E "C2'" 
339 C "C1'" . DT E 1 ? 0.2248 0.2340 0.2626 0.0790  0.0189  0.1212  1 DT E "C1'" 
340 N N1    . DT E 1 ? 0.2130 0.2207 0.2535 0.0766  0.0193  0.1199  1 DT E N1    
341 C C2    . DT E 1 ? 0.2128 0.2171 0.2491 0.0755  0.0161  0.1174  1 DT E C2    
342 O O2    . DT E 1 ? 0.2160 0.2183 0.2464 0.0766  0.0131  0.1161  1 DT E O2    
343 N N3    . DT E 1 ? 0.2089 0.2121 0.2482 0.0733  0.0168  0.1162  1 DT E N3    
344 C C4    . DT E 1 ? 0.2051 0.2105 0.2513 0.0720  0.0202  0.1174  1 DT E C4    
345 O O4    . DT E 1 ? 0.2018 0.2060 0.2499 0.0700  0.0204  0.1161  1 DT E O4    
346 C C5    . DT E 1 ? 0.2054 0.2145 0.2560 0.0733  0.0234  0.1200  1 DT E C5    
347 C C7    . DT E 1 ? 0.2015 0.2131 0.2596 0.0719  0.0272  0.1215  1 DT E C7    
348 C C6    . DT E 1 ? 0.2093 0.2193 0.2568 0.0755  0.0228  0.1212  1 DT E C6    
349 P P     . DG E 2 ? 0.5633 0.5739 0.5894 0.0862  0.0141  0.1237  2 DG E P     
350 O OP1   . DG E 2 ? 0.6554 0.6672 0.6847 0.0866  0.0142  0.1256  2 DG E OP1   
351 O OP2   . DG E 2 ? 0.5835 0.5911 0.6029 0.0863  0.0103  0.1215  2 DG E OP2   
352 O "O5'" . DG E 2 ? 0.5598 0.5734 0.5865 0.0877  0.0172  0.1251  2 DG E "O5'" 
353 C "C5'" . DG E 2 ? 0.4773 0.4910 0.5037 0.0870  0.0190  0.1241  2 DG E "C5'" 
354 C "C4'" . DG E 2 ? 0.4401 0.4572 0.4717 0.0872  0.0234  0.1260  2 DG E "C4'" 
355 O "O4'" . DG E 2 ? 0.4250 0.4428 0.4626 0.0854  0.0253  0.1266  2 DG E "O4'" 
356 C "C3'" . DG E 2 ? 0.4288 0.4464 0.4595 0.0871  0.0253  0.1252  2 DG E "C3'" 
357 O "O3'" . DG E 2 ? 0.5052 0.5237 0.5319 0.0892  0.0250  0.1255  2 DG E "O3'" 
358 C "C2'" . DG E 2 ? 0.4169 0.4376 0.4544 0.0864  0.0296  0.1269  2 DG E "C2'" 
359 C "C1'" . DG E 2 ? 0.4402 0.4606 0.4820 0.0851  0.0294  0.1276  2 DG E "C1'" 
360 N N9    . DG E 2 ? 0.3503 0.3700 0.3957 0.0827  0.0305  0.1267  2 DG E N9    
361 C C8    . DG E 2 ? 0.3457 0.3676 0.3980 0.0816  0.0340  0.1280  2 DG E C8    
362 N N7    . DG E 2 ? 0.3334 0.3541 0.3877 0.0795  0.0343  0.1266  2 DG E N7    
363 C C5    . DG E 2 ? 0.3298 0.3471 0.3779 0.0792  0.0308  0.1241  2 DG E C5    
364 C C6    . DG E 2 ? 0.3178 0.3324 0.3646 0.0773  0.0294  0.1217  2 DG E C6    
365 O O6    . DG E 2 ? 0.3076 0.3222 0.3585 0.0753  0.0310  0.1213  2 DG E O6    
366 N N1    . DG E 2 ? 0.3184 0.3299 0.3583 0.0777  0.0257  0.1198  2 DG E N1    
367 C C2    . DG E 2 ? 0.3292 0.3405 0.3643 0.0798  0.0236  0.1200  2 DG E C2    
368 N N2    . DG E 2 ? 0.3279 0.3362 0.3568 0.0798  0.0201  0.1179  2 DG E N2    
369 N N3    . DG E 2 ? 0.3405 0.3544 0.3767 0.0816  0.0249  0.1222  2 DG E N3    
370 C C4    . DG E 2 ? 0.3401 0.3567 0.3828 0.0812  0.0285  0.1241  2 DG E C4    
371 P P     . DT E 3 ? 0.6222 0.6379 0.6415 0.0899  0.0211  0.1234  3 DT E P     
372 O OP1   . DT E 3 ? 0.7800 0.7973 0.7965 0.0920  0.0220  0.1239  3 DT E OP1   
373 O OP2   . DT E 3 ? 0.6283 0.6422 0.6460 0.0899  0.0178  0.1231  3 DT E OP2   
374 O "O5'" . DT E 3 ? 0.6596 0.6731 0.6775 0.0880  0.0206  0.1209  3 DT E "O5'" 
375 C "C5'" . DT E 3 ? 0.5965 0.6099 0.6113 0.0884  0.0212  0.1198  3 DT E "C5'" 
376 C "C4'" . DT E 3 ? 0.5092 0.5197 0.5221 0.0864  0.0196  0.1172  3 DT E "C4'" 
377 O "O4'" . DT E 3 ? 0.4162 0.4276 0.4339 0.0849  0.0227  0.1173  3 DT E "O4'" 
378 C "C3'" . DT E 3 ? 0.4908 0.4985 0.5031 0.0852  0.0163  0.1162  3 DT E "C3'" 
379 O "O3'" . DT E 3 ? 0.5297 0.5343 0.5375 0.0841  0.0136  0.1136  3 DT E "O3'" 
380 C "C2'" . DT E 3 ? 0.4244 0.4329 0.4429 0.0834  0.0186  0.1169  3 DT E "C2'" 
381 C "C1'" . DT E 3 ? 0.3625 0.3721 0.3823 0.0827  0.0215  0.1165  3 DT E "C1'" 
382 N N1    . DT E 3 ? 0.2816 0.2935 0.3082 0.0817  0.0253  0.1178  3 DT E N1    
383 C C2    . DT E 3 ? 0.2690 0.2794 0.2976 0.0795  0.0256  0.1165  3 DT E C2    
384 O O2    . DT E 3 ? 0.2624 0.2698 0.2875 0.0784  0.0230  0.1142  3 DT E O2    
385 N N3    . DT E 3 ? 0.2646 0.2774 0.2998 0.0785  0.0292  0.1178  3 DT E N3    
386 C C4    . DT E 3 ? 0.2712 0.2875 0.3111 0.0795  0.0323  0.1204  3 DT E C4    
387 O O4    . DT E 3 ? 0.2660 0.2840 0.3118 0.0783  0.0355  0.1214  3 DT E O4    
388 C C5    . DT E 3 ? 0.2844 0.3017 0.3215 0.0818  0.0317  0.1217  3 DT E C5    
389 C C7    . DT E 3 ? 0.2924 0.3135 0.3341 0.0830  0.0349  0.1245  3 DT E C7    
390 C C6    . DT E 3 ? 0.2888 0.3040 0.3196 0.0829  0.0282  0.1204  3 DT E C6    
391 P P     . DG E 4 ? 0.4095 0.4118 0.4109 0.0851  0.0096  0.1123  4 DG E P     
392 O OP1   . DG E 4 ? 0.5492 0.5525 0.5511 0.0864  0.0087  0.1139  4 DG E OP1   
393 O OP2   . DG E 4 ? 0.3929 0.3917 0.3916 0.0832  0.0068  0.1098  4 DG E OP2   
394 O "O5'" . DG E 4 ? 0.3345 0.3381 0.3325 0.0867  0.0104  0.1121  4 DG E "O5'" 
395 C "C5'" . DG E 4 ? 0.2828 0.2854 0.2782 0.0861  0.0106  0.1102  4 DG E "C5'" 
396 C "C4'" . DG E 4 ? 0.2892 0.2939 0.2830 0.0879  0.0124  0.1110  4 DG E "C4'" 
397 O "O4'" . DG E 4 ? 0.2989 0.3069 0.2972 0.0891  0.0156  0.1136  4 DG E "O4'" 
398 C "C3'" . DG E 4 ? 0.3014 0.3063 0.2949 0.0874  0.0144  0.1098  4 DG E "C3'" 
399 O "O3'" . DG E 4 ? 0.4211 0.4236 0.4093 0.0869  0.0120  0.1074  4 DG E "O3'" 
400 C "C2'" . DG E 4 ? 0.2843 0.2926 0.2791 0.0893  0.0175  0.1117  4 DG E "C2'" 
401 C "C1'" . DG E 4 ? 0.2977 0.3080 0.2964 0.0901  0.0185  0.1142  4 DG E "C1'" 
402 N N9    . DG E 4 ? 0.3093 0.3220 0.3143 0.0895  0.0223  0.1159  4 DG E N9    
403 C C8    . DG E 4 ? 0.3570 0.3731 0.3651 0.0909  0.0253  0.1183  4 DG E C8    
404 N N7    . DG E 4 ? 0.3413 0.3590 0.3551 0.0899  0.0285  0.1194  4 DG E N7    
405 C C5    . DG E 4 ? 0.3167 0.3320 0.3310 0.0877  0.0275  0.1175  4 DG E C5    
406 C C6    . DG E 4 ? 0.2672 0.2830 0.2867 0.0857  0.0297  0.1176  4 DG E C6    
407 O O6    . DG E 4 ? 0.2665 0.2849 0.2914 0.0855  0.0333  0.1194  4 DG E O6    
408 N N1    . DG E 4 ? 0.2723 0.2849 0.2902 0.0837  0.0276  0.1154  4 DG E N1    
409 C C2    . DG E 4 ? 0.2536 0.2632 0.2658 0.0837  0.0237  0.1134  4 DG E C2    
410 N N2    . DG E 4 ? 0.2393 0.2461 0.2508 0.0817  0.0221  0.1114  4 DG E N2    
411 N N3    . DG E 4 ? 0.2971 0.3063 0.3045 0.0855  0.0216  0.1133  4 DG E N3    
412 C C4    . DG E 4 ? 0.3313 0.3435 0.3401 0.0874  0.0237  0.1154  4 DG E C4    
413 P P     . DC F 1 ? 0.5899 0.5994 0.4710 -0.0715 0.0054  -0.0484 1 DC F P     
414 O OP1   . DC F 1 ? 0.6220 0.6388 0.5026 -0.0744 0.0044  -0.0492 1 DC F OP1   
415 O OP2   . DC F 1 ? 0.5228 0.5272 0.4043 -0.0690 0.0070  -0.0497 1 DC F OP2   
416 O "O5'" . DC F 1 ? 0.5748 0.5804 0.4528 -0.0707 0.0013  -0.0439 1 DC F "O5'" 
417 C "C5'" . DC F 1 ? 0.5776 0.5872 0.4532 -0.0729 -0.0022 -0.0415 1 DC F "C5'" 
418 C "C4'" . DC F 1 ? 0.4240 0.4292 0.2955 -0.0716 -0.0068 -0.0377 1 DC F "C4'" 
419 O "O4'" . DC F 1 ? 0.3452 0.3422 0.2161 -0.0684 -0.0069 -0.0364 1 DC F "O4'" 
420 C "C3'" . DC F 1 ? 0.4197 0.4258 0.2892 -0.0718 -0.0085 -0.0379 1 DC F "C3'" 
421 O "O3'" . DC F 1 ? 0.3930 0.3979 0.2586 -0.0719 -0.0133 -0.0341 1 DC F "O3'" 
422 C "C2'" . DC F 1 ? 0.3450 0.3445 0.2145 -0.0687 -0.0072 -0.0385 1 DC F "C2'" 
423 C "C1'" . DC F 1 ? 0.3095 0.3029 0.1783 -0.0667 -0.0082 -0.0360 1 DC F "C1'" 
424 N N1    . DC F 1 ? 0.2610 0.2481 0.1310 -0.0639 -0.0057 -0.0371 1 DC F N1    
425 C C2    . DC F 1 ? 0.2911 0.2711 0.1585 -0.0612 -0.0080 -0.0348 1 DC F C2    
426 O O2    . DC F 1 ? 0.2632 0.2423 0.1272 -0.0613 -0.0120 -0.0318 1 DC F O2    
427 N N3    . DC F 1 ? 0.3782 0.3524 0.2468 -0.0585 -0.0058 -0.0357 1 DC F N3    
428 C C4    . DC F 1 ? 0.2939 0.2693 0.1664 -0.0586 -0.0014 -0.0389 1 DC F C4    
429 N N4    . DC F 1 ? 0.2820 0.2514 0.1554 -0.0559 0.0007  -0.0398 1 DC F N4    
430 C C5    . DC F 1 ? 0.2685 0.2510 0.1435 -0.0613 0.0010  -0.0414 1 DC F C5    
431 C C6    . DC F 1 ? 0.2725 0.2608 0.1465 -0.0639 -0.0013 -0.0404 1 DC F C6    
432 P P     . DA F 2 ? 0.5261 0.5380 0.3904 -0.0750 -0.0157 -0.0333 2 DA F P     
433 O OP1   . DA F 2 ? 0.5416 0.5589 0.4074 -0.0765 -0.0136 -0.0365 2 DA F OP1   
434 O OP2   . DA F 2 ? 0.4924 0.5014 0.3532 -0.0742 -0.0204 -0.0291 2 DA F OP2   
435 O "O5'" . DA F 2 ? 0.4561 0.4716 0.3226 -0.0767 -0.0142 -0.0336 2 DA F "O5'" 
436 C "C5'" . DA F 2 ? 0.4854 0.5006 0.3500 -0.0772 -0.0174 -0.0301 2 DA F "C5'" 
437 C "C4'" . DA F 2 ? 0.5174 0.5356 0.3846 -0.0786 -0.0152 -0.0311 2 DA F "C4'" 
438 O "O4'" . DA F 2 ? 0.5053 0.5230 0.3762 -0.0778 -0.0106 -0.0345 2 DA F "O4'" 
439 C "C3'" . DA F 2 ? 0.5696 0.5833 0.4356 -0.0773 -0.0172 -0.0278 2 DA F "C3'" 
440 O "O3'" . DA F 2 ? 0.6437 0.6596 0.5070 -0.0789 -0.0213 -0.0247 2 DA F "O3'" 
441 C "C2'" . DA F 2 ? 0.5327 0.5476 0.4024 -0.0777 -0.0133 -0.0300 2 DA F "C2'" 
442 C "C1'" . DA F 2 ? 0.5350 0.5519 0.4076 -0.0777 -0.0092 -0.0342 2 DA F "C1'" 
443 N N9    . DA F 2 ? 0.3471 0.3587 0.2217 -0.0752 -0.0061 -0.0359 2 DA F N9    
444 C C8    . DA F 2 ? 0.3471 0.3601 0.2255 -0.0753 -0.0018 -0.0388 2 DA F C8    
445 N N7    . DA F 2 ? 0.3441 0.3513 0.2235 -0.0727 0.0003  -0.0397 2 DA F N7    
446 C C5    . DA F 2 ? 0.3417 0.3435 0.2179 -0.0708 -0.0028 -0.0373 2 DA F C5    
447 C C6    . DA F 2 ? 0.3379 0.3324 0.2134 -0.0677 -0.0026 -0.0368 2 DA F C6    
448 N N6    . DA F 2 ? 0.3358 0.3269 0.2139 -0.0659 0.0009  -0.0388 2 DA F N6    
449 N N1    . DA F 2 ? 0.3365 0.3271 0.2084 -0.0664 -0.0063 -0.0341 2 DA F N1    
450 C C2    . DA F 2 ? 0.3387 0.3325 0.2079 -0.0681 -0.0099 -0.0320 2 DA F C2    
451 N N3    . DA F 2 ? 0.3423 0.3429 0.2118 -0.0711 -0.0104 -0.0322 2 DA F N3    
452 C C4    . DA F 2 ? 0.3436 0.3481 0.2169 -0.0723 -0.0067 -0.0349 2 DA F C4    
453 P P     . DC F 3 ? 0.6487 0.6589 0.5084 -0.0770 -0.0258 -0.0205 3 DC F P     
454 O OP1   . DC F 3 ? 0.6425 0.6559 0.5032 -0.0776 -0.0285 -0.0172 3 DC F OP1   
455 O OP2   . DC F 3 ? 0.7020 0.7103 0.5611 -0.0755 -0.0260 -0.0211 3 DC F OP2   
456 O "O5'" . DC F 3 ? 0.5403 0.5432 0.3997 -0.0745 -0.0253 -0.0193 3 DC F "O5'" 
457 C "C5'" . DC F 3 ? 0.4575 0.4577 0.3151 -0.0742 -0.0280 -0.0159 3 DC F "C5'" 
458 C "C4'" . DC F 3 ? 0.3366 0.3284 0.1935 -0.0709 -0.0281 -0.0144 3 DC F "C4'" 
459 O "O4'" . DC F 3 ? 0.2962 0.2870 0.1568 -0.0701 -0.0239 -0.0169 3 DC F "O4'" 
460 C "C3'" . DC F 3 ? 0.3584 0.3453 0.2137 -0.0686 -0.0286 -0.0145 3 DC F "C3'" 
461 O "O3'" . DC F 3 ? 0.3966 0.3763 0.2495 -0.0663 -0.0314 -0.0111 3 DC F "O3'" 
462 C "C2'" . DC F 3 ? 0.2806 0.2670 0.1395 -0.0677 -0.0238 -0.0184 3 DC F "C2'" 
463 C "C1'" . DC F 3 ? 0.2339 0.2198 0.0950 -0.0677 -0.0219 -0.0185 3 DC F "C1'" 
464 N N1    . DC F 3 ? 0.3103 0.2985 0.1755 -0.0680 -0.0170 -0.0224 3 DC F N1    
465 C C2    . DC F 3 ? 0.3074 0.2901 0.1741 -0.0654 -0.0143 -0.0239 3 DC F C2    
466 O O2    . DC F 3 ? 0.3044 0.2808 0.1689 -0.0629 -0.0161 -0.0221 3 DC F O2    
467 N N3    . DC F 3 ? 0.3077 0.2926 0.1782 -0.0656 -0.0099 -0.0275 3 DC F N3    
468 C C4    . DC F 3 ? 0.3109 0.3027 0.1836 -0.0683 -0.0081 -0.0294 3 DC F C4    
469 N N4    . DC F 3 ? 0.3111 0.3048 0.1876 -0.0684 -0.0036 -0.0329 3 DC F N4    
470 C C5    . DC F 3 ? 0.3141 0.3114 0.1854 -0.0709 -0.0107 -0.0278 3 DC F C5    
471 C C6    . DC F 3 ? 0.3137 0.3089 0.1813 -0.0706 -0.0151 -0.0244 3 DC F C6    
472 P P     . DA F 4 ? 0.4416 0.4196 0.2901 -0.0661 -0.0364 -0.0075 4 DA F P     
473 O OP1   . DA F 4 ? 0.5046 0.4901 0.3560 -0.0676 -0.0367 -0.0079 4 DA F OP1   
474 O OP2   . DA F 4 ? 0.4439 0.4153 0.2906 -0.0634 -0.0372 -0.0069 4 DA F OP2   
475 O "O5'" . DA F 4 ? 0.4058 0.3819 0.2541 -0.0656 -0.0388 -0.0039 4 DA F "O5'" 
476 C "C5'" . DA F 4 ? 0.3380 0.3155 0.1875 -0.0669 -0.0370 -0.0045 4 DA F "C5'" 
477 C "C4'" . DA F 4 ? 0.3216 0.3042 0.1722 -0.0686 -0.0390 -0.0025 4 DA F "C4'" 
478 O "O4'" . DA F 4 ? 0.3256 0.3159 0.1784 -0.0713 -0.0368 -0.0053 4 DA F "O4'" 
479 C "C3'" . DA F 4 ? 0.4152 0.3966 0.2652 -0.0692 -0.0391 -0.0011 4 DA F "C3'" 
480 O "O3'" . DA F 4 ? 0.4751 0.4515 0.3245 -0.0671 -0.0420 0.0029  4 DA F "O3'" 
481 C "C2'" . DA F 4 ? 0.3734 0.3629 0.2261 -0.0718 -0.0386 -0.0016 4 DA F "C2'" 
482 C "C1'" . DA F 4 ? 0.3558 0.3503 0.2098 -0.0733 -0.0364 -0.0052 4 DA F "C1'" 
483 N N9    . DA F 4 ? 0.3594 0.3562 0.2156 -0.0745 -0.0321 -0.0090 4 DA F N9    
484 C C8    . DA F 4 ? 0.3594 0.3636 0.2182 -0.0771 -0.0299 -0.0113 4 DA F C8    
485 N N7    . DA F 4 ? 0.3821 0.3867 0.2443 -0.0768 -0.0256 -0.0144 4 DA F N7    
486 C C5    . DA F 4 ? 0.3950 0.3922 0.2570 -0.0738 -0.0249 -0.0141 4 DA F C5    
487 C C6    . DA F 4 ? 0.3930 0.3869 0.2577 -0.0719 -0.0210 -0.0165 4 DA F C6    
488 N N6    . DA F 4 ? 0.3770 0.3748 0.2453 -0.0731 -0.0170 -0.0199 4 DA F N6    
489 N N1    . DA F 4 ? 0.4248 0.4110 0.2884 -0.0689 -0.0214 -0.0154 4 DA F N1    
490 C C2    . DA F 4 ? 0.3942 0.3765 0.2540 -0.0678 -0.0256 -0.0120 4 DA F C2    
491 N N3    . DA F 4 ? 0.3971 0.3817 0.2541 -0.0693 -0.0295 -0.0095 4 DA F N3    
492 C C4    . DA F 4 ? 0.3729 0.3652 0.2311 -0.0722 -0.0288 -0.0108 4 DA F C4    
# 
loop_
_pdbx_poly_seq_scheme.asym_id 
_pdbx_poly_seq_scheme.entity_id 
_pdbx_poly_seq_scheme.seq_id 
_pdbx_poly_seq_scheme.mon_id 
_pdbx_poly_seq_scheme.ndb_seq_num 
_pdbx_poly_seq_scheme.pdb_seq_num 
_pdbx_poly_seq_scheme.auth_seq_num 
_pdbx_poly_seq_scheme.pdb_mon_id 
_pdbx_poly_seq_scheme.auth_mon_id 
_pdbx_poly_seq_scheme.pdb_strand_id 
_pdbx_poly_seq_scheme.pdb_ins_code 
_pdbx_poly_seq_scheme.hetero 
A 1 1 DT 1 1 1 DT DT A . n 
A 1 2 DG 2 2 2 DG DG A . n 
A 1 3 DT 3 3 3 DT DT A . n 
A 1 4 DG 4 4 4 DG DG A . n 
B 2 1 DC 1 1 1 DC DC B . n 
B 2 2 DA 2 2 2 DA DA B . n 
B 2 3 DC 3 3 3 DC DC B . n 
B 2 4 DA 4 4 4 DA DA B . n 
C 1 1 DT 1 1 1 DT DT C . n 
C 1 2 DG 2 2 2 DG DG C . n 
C 1 3 DT 3 3 3 DT DT C . n 
C 1 4 DG 4 4 4 DG DG C . n 
D 2 1 DC 1 1 1 DC DC D . n 
D 2 2 DA 2 2 2 DA DA D . n 
D 2 3 DC 3 3 3 DC DC D . n 
D 2 4 DA 4 4 4 DA DA D . n 
E 1 1 DT 1 1 1 DT DT E . n 
E 1 2 DG 2 2 2 DG DG E . n 
E 1 3 DT 3 3 3 DT DT E . n 
E 1 4 DG 4 4 4 DG DG E . n 
F 2 1 DC 1 1 1 DC DC F . n 
F 2 2 DA 2 2 2 DA DA F . n 
F 2 3 DC 3 3 3 DC DC F . n 
F 2 4 DA 4 4 4 DA DA F . n 
# 
_pdbx_nonpoly_scheme.asym_id         G 
_pdbx_nonpoly_scheme.entity_id       3 
_pdbx_nonpoly_scheme.mon_id          HOH 
_pdbx_nonpoly_scheme.ndb_seq_num     1 
_pdbx_nonpoly_scheme.pdb_seq_num     101 
_pdbx_nonpoly_scheme.auth_seq_num    1 
_pdbx_nonpoly_scheme.pdb_mon_id      HOH 
_pdbx_nonpoly_scheme.auth_mon_id     HOH 
_pdbx_nonpoly_scheme.pdb_strand_id   D 
_pdbx_nonpoly_scheme.pdb_ins_code    . 
# 
loop_
_pdbx_struct_assembly.id 
_pdbx_struct_assembly.details 
_pdbx_struct_assembly.method_details 
_pdbx_struct_assembly.oligomeric_details 
_pdbx_struct_assembly.oligomeric_count 
1 author_and_software_defined_assembly PISA dimeric 2 
2 author_and_software_defined_assembly PISA dimeric 2 
3 author_and_software_defined_assembly PISA dimeric 2 
# 
loop_
_pdbx_struct_assembly_gen.assembly_id 
_pdbx_struct_assembly_gen.oper_expression 
_pdbx_struct_assembly_gen.asym_id_list 
1 1 A,B   
2 1 C,D,G 
3 1 E,F   
# 
loop_
_pdbx_struct_assembly_prop.biol_id 
_pdbx_struct_assembly_prop.type 
_pdbx_struct_assembly_prop.value 
_pdbx_struct_assembly_prop.details 
1 'ABSA (A^2)' 440  ? 
1 MORE         -5   ? 
1 'SSA (A^2)'  1740 ? 
2 'ABSA (A^2)' 450  ? 
2 MORE         -4   ? 
2 'SSA (A^2)'  1760 ? 
3 'ABSA (A^2)' 450  ? 
3 MORE         -5   ? 
3 'SSA (A^2)'  1740 ? 
# 
_pdbx_struct_oper_list.id                   1 
_pdbx_struct_oper_list.type                 'identity operation' 
_pdbx_struct_oper_list.name                 1_555 
_pdbx_struct_oper_list.symmetry_operation   x,y,z 
_pdbx_struct_oper_list.matrix[1][1]         1.0000000000 
_pdbx_struct_oper_list.matrix[1][2]         0.0000000000 
_pdbx_struct_oper_list.matrix[1][3]         0.0000000000 
_pdbx_struct_oper_list.vector[1]            0.0000000000 
_pdbx_struct_oper_list.matrix[2][1]         0.0000000000 
_pdbx_struct_oper_list.matrix[2][2]         1.0000000000 
_pdbx_struct_oper_list.matrix[2][3]         0.0000000000 
_pdbx_struct_oper_list.vector[2]            0.0000000000 
_pdbx_struct_oper_list.matrix[3][1]         0.0000000000 
_pdbx_struct_oper_list.matrix[3][2]         0.0000000000 
_pdbx_struct_oper_list.matrix[3][3]         1.0000000000 
_pdbx_struct_oper_list.vector[3]            0.0000000000 
# 
loop_
_pdbx_audit_revision_history.ordinal 
_pdbx_audit_revision_history.data_content_type 
_pdbx_audit_revision_history.major_revision 
_pdbx_audit_revision_history.minor_revision 
_pdbx_audit_revision_history.revision_date 
1 'Structure model' 1 0 2019-01-16 
2 'Structure model' 1 1 2019-01-30 
3 'Structure model' 1 2 2019-05-22 
4 'Structure model' 1 3 2023-11-22 
# 
_pdbx_audit_revision_details.ordinal             1 
_pdbx_audit_revision_details.revision_ordinal    1 
_pdbx_audit_revision_details.data_content_type   'Structure model' 
_pdbx_audit_revision_details.provider            repository 
_pdbx_audit_revision_details.type                'Initial release' 
_pdbx_audit_revision_details.description         ? 
_pdbx_audit_revision_details.details             ? 
# 
loop_
_pdbx_audit_revision_group.ordinal 
_pdbx_audit_revision_group.revision_ordinal 
_pdbx_audit_revision_group.data_content_type 
_pdbx_audit_revision_group.group 
1 2 'Structure model' 'Data collection'        
2 2 'Structure model' 'Database references'    
3 3 'Structure model' 'Data collection'        
4 3 'Structure model' 'Database references'    
5 4 'Structure model' 'Data collection'        
6 4 'Structure model' 'Database references'    
7 4 'Structure model' 'Refinement description' 
# 
loop_
_pdbx_audit_revision_category.ordinal 
_pdbx_audit_revision_category.revision_ordinal 
_pdbx_audit_revision_category.data_content_type 
_pdbx_audit_revision_category.category 
1 2 'Structure model' pdbx_related_exp_data_set     
2 3 'Structure model' citation                      
3 4 'Structure model' chem_comp_atom                
4 4 'Structure model' chem_comp_bond                
5 4 'Structure model' database_2                    
6 4 'Structure model' pdbx_initial_refinement_model 
# 
loop_
_pdbx_audit_revision_item.ordinal 
_pdbx_audit_revision_item.revision_ordinal 
_pdbx_audit_revision_item.data_content_type 
_pdbx_audit_revision_item.item 
1 3 'Structure model' '_citation.journal_id_ISSN'           
2 3 'Structure model' '_citation.journal_volume'            
3 3 'Structure model' '_citation.page_first'                
4 3 'Structure model' '_citation.page_last'                 
5 3 'Structure model' '_citation.year'                      
6 4 'Structure model' '_database_2.pdbx_DOI'                
7 4 'Structure model' '_database_2.pdbx_database_accession' 
# 
loop_
_pdbx_refine_tls.pdbx_refine_id 
_pdbx_refine_tls.id 
_pdbx_refine_tls.details 
_pdbx_refine_tls.method 
_pdbx_refine_tls.origin_x 
_pdbx_refine_tls.origin_y 
_pdbx_refine_tls.origin_z 
_pdbx_refine_tls.T[1][1] 
_pdbx_refine_tls.T[2][2] 
_pdbx_refine_tls.T[3][3] 
_pdbx_refine_tls.T[1][2] 
_pdbx_refine_tls.T[1][3] 
_pdbx_refine_tls.T[2][3] 
_pdbx_refine_tls.L[1][1] 
_pdbx_refine_tls.L[2][2] 
_pdbx_refine_tls.L[3][3] 
_pdbx_refine_tls.L[1][2] 
_pdbx_refine_tls.L[1][3] 
_pdbx_refine_tls.L[2][3] 
_pdbx_refine_tls.S[1][1] 
_pdbx_refine_tls.S[1][2] 
_pdbx_refine_tls.S[1][3] 
_pdbx_refine_tls.S[2][1] 
_pdbx_refine_tls.S[2][2] 
_pdbx_refine_tls.S[2][3] 
_pdbx_refine_tls.S[3][1] 
_pdbx_refine_tls.S[3][2] 
_pdbx_refine_tls.S[3][3] 
'X-RAY DIFFRACTION' 1 ? refined -1.0072 11.0109 -6.9765  0.1515 0.1476 0.1572  0.0903  0.0198  0.1788  0.0203 -0.0001 0.0044 0.0046  -0.0063 -0.0018 -0.1100 0.1121  0.0799  -0.0832 -0.0440 0.0794  0.0224  0.0073  -0.0694 
'X-RAY DIFFRACTION' 2 ? refined -1.6622 8.4597  0.7630   0.2103 0.3328 0.1331  -0.0662 -0.0515 -0.0427 0.0048 -0.0006 0.0014 -0.0023 -0.0007 -0.0003 -0.0167 -0.1267 0.0444  -0.0176 -0.0143 0.0083  -0.0124 -0.0291 -0.0393 
'X-RAY DIFFRACTION' 3 ? refined 1.6426  -5.4308 7.3136   0.1293 0.4023 0.2615  0.1270  -0.1563 -0.0619 0.0072 0.0023  0.0140 0.0043  0.0068  0.0065  -0.0629 0.1042  -0.0057 -0.0042 -0.0693 -0.0001 -0.0322 -0.0362 -0.0588 
'X-RAY DIFFRACTION' 4 ? refined 1.6070  0.7921  12.5523  0.0982 0.1107 -0.0073 -0.0496 -0.0134 -0.0383 0.0788 0.0673  0.0265 -0.0689 -0.0012 -0.0112 -0.0682 0.0093  0.0516  0.0433  -0.0394 -0.0416 -0.0092 -0.0072 0.0233  
'X-RAY DIFFRACTION' 5 ? refined -0.0705 -6.3946 -10.5119 0.2073 0.1832 0.2350  0.1612  0.0090  0.2281  0.0023 -0.0011 0.0027 0.0023  -0.0001 0.0005  -0.1086 0.1099  0.0754  -0.0698 -0.0589 0.0724  -0.0226 0.0024  -0.0866 
'X-RAY DIFFRACTION' 6 ? refined -0.5895 -8.7403 -2.7370  0.2318 0.2282 0.0965  -0.0705 -0.0170 -0.0255 0.0065 -0.0001 0.0057 -0.0030 0.0021  -0.0030 -0.0170 -0.1463 0.0210  -0.0180 -0.0210 0.0094  -0.0102 -0.0050 -0.0941 
# 
loop_
_pdbx_refine_tls_group.pdbx_refine_id 
_pdbx_refine_tls_group.id 
_pdbx_refine_tls_group.refine_tls_id 
_pdbx_refine_tls_group.beg_auth_asym_id 
_pdbx_refine_tls_group.beg_auth_seq_id 
_pdbx_refine_tls_group.beg_label_asym_id 
_pdbx_refine_tls_group.beg_label_seq_id 
_pdbx_refine_tls_group.end_auth_asym_id 
_pdbx_refine_tls_group.end_auth_seq_id 
_pdbx_refine_tls_group.end_label_asym_id 
_pdbx_refine_tls_group.end_label_seq_id 
_pdbx_refine_tls_group.selection 
_pdbx_refine_tls_group.selection_details 
'X-RAY DIFFRACTION' 1 1 ? ? ? ? ? ? ? ? ? 
;chain 'A' and (resid 1 through 4 )
;
'X-RAY DIFFRACTION' 2 2 ? ? ? ? ? ? ? ? ? 
;chain 'B' and (resid 1 through 4 )
;
'X-RAY DIFFRACTION' 3 3 ? ? ? ? ? ? ? ? ? 
;chain 'C' and (resid 1 through 4 )
;
'X-RAY DIFFRACTION' 4 4 ? ? ? ? ? ? ? ? ? 
;chain 'D' and (resid 1 through 4 )
;
'X-RAY DIFFRACTION' 5 5 ? ? ? ? ? ? ? ? ? 
;chain 'E' and (resid 1 through 4 )
;
'X-RAY DIFFRACTION' 6 6 ? ? ? ? ? ? ? ? ? 
;chain 'F' and (resid 1 through 4 )
;
# 
_pdbx_phasing_MR.entry_id                     6A1Q 
_pdbx_phasing_MR.method_rotation              ? 
_pdbx_phasing_MR.method_translation           ? 
_pdbx_phasing_MR.model_details                ? 
_pdbx_phasing_MR.R_factor                     ? 
_pdbx_phasing_MR.R_rigid_body                 ? 
_pdbx_phasing_MR.correlation_coeff_Fo_to_Fc   ? 
_pdbx_phasing_MR.correlation_coeff_Io_to_Ic   ? 
_pdbx_phasing_MR.d_res_high_rotation          3.000 
_pdbx_phasing_MR.d_res_low_rotation           14.420 
_pdbx_phasing_MR.d_res_high_translation       3.000 
_pdbx_phasing_MR.d_res_low_translation        14.420 
_pdbx_phasing_MR.packing                      ? 
_pdbx_phasing_MR.reflns_percent_rotation      ? 
_pdbx_phasing_MR.reflns_percent_translation   ? 
_pdbx_phasing_MR.sigma_F_rotation             ? 
_pdbx_phasing_MR.sigma_F_translation          ? 
_pdbx_phasing_MR.sigma_I_rotation             ? 
_pdbx_phasing_MR.sigma_I_translation          ? 
# 
_phasing.method   MR 
# 
loop_
_software.citation_id 
_software.classification 
_software.compiler_name 
_software.compiler_version 
_software.contact_author 
_software.contact_author_email 
_software.date 
_software.description 
_software.dependencies 
_software.hardware 
_software.language 
_software.location 
_software.mods 
_software.name 
_software.os 
_software.os_version 
_software.type 
_software.version 
_software.pdbx_ordinal 
? refinement        ? ? ? ? ? ? ? ? ? ? ? PHENIX      ? ? ? '(1.10.1_2155: ???)' 1 
? 'data scaling'    ? ? ? ? ? ? ? ? ? ? ? XDS         ? ? ? GPLv2                2 
? phasing           ? ? ? ? ? ? ? ? ? ? ? PHASER      ? ? ? 2.6.0                3 
? 'data extraction' ? ? ? ? ? ? ? ? ? ? ? PDB_EXTRACT ? ? ? 3.24                 4 
? 'data reduction'  ? ? ? ? ? ? ? ? ? ? ? XDS         ? ? ? GPLv2                5 
# 
loop_
_pdbx_validate_symm_contact.id 
_pdbx_validate_symm_contact.PDB_model_num 
_pdbx_validate_symm_contact.auth_atom_id_1 
_pdbx_validate_symm_contact.auth_asym_id_1 
_pdbx_validate_symm_contact.auth_comp_id_1 
_pdbx_validate_symm_contact.auth_seq_id_1 
_pdbx_validate_symm_contact.PDB_ins_code_1 
_pdbx_validate_symm_contact.label_alt_id_1 
_pdbx_validate_symm_contact.site_symmetry_1 
_pdbx_validate_symm_contact.auth_atom_id_2 
_pdbx_validate_symm_contact.auth_asym_id_2 
_pdbx_validate_symm_contact.auth_comp_id_2 
_pdbx_validate_symm_contact.auth_seq_id_2 
_pdbx_validate_symm_contact.PDB_ins_code_2 
_pdbx_validate_symm_contact.label_alt_id_2 
_pdbx_validate_symm_contact.site_symmetry_2 
_pdbx_validate_symm_contact.dist 
1  1 OP2 B DC 1 ? ? 1_555 "O3'" B DA 4 ? ? 3_865 0.60 
2  1 OP2 C DT 1 ? ? 1_555 "O3'" C DG 4 ? ? 2_534 0.68 
3  1 P   C DT 1 ? ? 1_555 "O3'" C DG 4 ? ? 2_534 0.99 
4  1 P   A DT 1 ? ? 1_555 "O3'" A DG 4 ? ? 2_634 1.03 
5  1 P   F DC 1 ? ? 1_555 "O3'" F DA 4 ? ? 3_855 1.14 
6  1 P   E DT 1 ? ? 1_555 "O3'" E DG 4 ? ? 2_524 1.18 
7  1 OP2 F DC 1 ? ? 1_555 "O3'" F DA 4 ? ? 3_855 1.23 
8  1 OP1 F DC 1 ? ? 1_555 "O3'" F DA 4 ? ? 3_855 1.45 
9  1 OP2 F DC 1 ? ? 1_555 "C2'" F DA 4 ? ? 3_855 1.56 
10 1 OP2 C DT 1 ? ? 1_555 "C3'" C DG 4 ? ? 2_534 1.65 
11 1 OP2 A DT 1 ? ? 1_555 "O3'" A DG 4 ? ? 2_634 1.69 
12 1 OP2 B DC 1 ? ? 1_555 "C3'" B DA 4 ? ? 3_865 1.71 
13 1 P   B DC 1 ? ? 1_555 "O3'" B DA 4 ? ? 3_865 1.92 
14 1 OP1 E DT 1 ? ? 1_555 "O3'" E DG 4 ? ? 2_524 1.94 
15 1 OP1 A DT 1 ? ? 1_555 "O3'" A DG 4 ? ? 2_634 1.98 
16 1 P   C DT 1 ? ? 1_555 "C3'" C DG 4 ? ? 2_534 2.14 
17 1 OP1 C DT 1 ? ? 1_555 "O3'" C DG 4 ? ? 2_534 2.17 
18 1 OP2 E DT 1 ? ? 1_555 "O3'" E DG 4 ? ? 2_524 2.18 
# 
_pdbx_validate_rmsd_angle.id                         1 
_pdbx_validate_rmsd_angle.PDB_model_num              1 
_pdbx_validate_rmsd_angle.auth_atom_id_1             "O5'" 
_pdbx_validate_rmsd_angle.auth_asym_id_1             C 
_pdbx_validate_rmsd_angle.auth_comp_id_1             DG 
_pdbx_validate_rmsd_angle.auth_seq_id_1              4 
_pdbx_validate_rmsd_angle.PDB_ins_code_1             ? 
_pdbx_validate_rmsd_angle.label_alt_id_1             ? 
_pdbx_validate_rmsd_angle.auth_atom_id_2             P 
_pdbx_validate_rmsd_angle.auth_asym_id_2             C 
_pdbx_validate_rmsd_angle.auth_comp_id_2             DG 
_pdbx_validate_rmsd_angle.auth_seq_id_2              4 
_pdbx_validate_rmsd_angle.PDB_ins_code_2             ? 
_pdbx_validate_rmsd_angle.label_alt_id_2             ? 
_pdbx_validate_rmsd_angle.auth_atom_id_3             OP1 
_pdbx_validate_rmsd_angle.auth_asym_id_3             C 
_pdbx_validate_rmsd_angle.auth_comp_id_3             DG 
_pdbx_validate_rmsd_angle.auth_seq_id_3              4 
_pdbx_validate_rmsd_angle.PDB_ins_code_3             ? 
_pdbx_validate_rmsd_angle.label_alt_id_3             ? 
_pdbx_validate_rmsd_angle.angle_value                98.57 
_pdbx_validate_rmsd_angle.angle_target_value         105.70 
_pdbx_validate_rmsd_angle.angle_deviation            -7.13 
_pdbx_validate_rmsd_angle.angle_standard_deviation   0.90 
_pdbx_validate_rmsd_angle.linker_flag                N 
# 
loop_
_chem_comp_atom.comp_id 
_chem_comp_atom.atom_id 
_chem_comp_atom.type_symbol 
_chem_comp_atom.pdbx_aromatic_flag 
_chem_comp_atom.pdbx_stereo_config 
_chem_comp_atom.pdbx_ordinal 
DA  OP3    O N N 1   
DA  P      P N N 2   
DA  OP1    O N N 3   
DA  OP2    O N N 4   
DA  "O5'"  O N N 5   
DA  "C5'"  C N N 6   
DA  "C4'"  C N R 7   
DA  "O4'"  O N N 8   
DA  "C3'"  C N S 9   
DA  "O3'"  O N N 10  
DA  "C2'"  C N N 11  
DA  "C1'"  C N R 12  
DA  N9     N Y N 13  
DA  C8     C Y N 14  
DA  N7     N Y N 15  
DA  C5     C Y N 16  
DA  C6     C Y N 17  
DA  N6     N N N 18  
DA  N1     N Y N 19  
DA  C2     C Y N 20  
DA  N3     N Y N 21  
DA  C4     C Y N 22  
DA  HOP3   H N N 23  
DA  HOP2   H N N 24  
DA  "H5'"  H N N 25  
DA  "H5''" H N N 26  
DA  "H4'"  H N N 27  
DA  "H3'"  H N N 28  
DA  "HO3'" H N N 29  
DA  "H2'"  H N N 30  
DA  "H2''" H N N 31  
DA  "H1'"  H N N 32  
DA  H8     H N N 33  
DA  H61    H N N 34  
DA  H62    H N N 35  
DA  H2     H N N 36  
DC  OP3    O N N 37  
DC  P      P N N 38  
DC  OP1    O N N 39  
DC  OP2    O N N 40  
DC  "O5'"  O N N 41  
DC  "C5'"  C N N 42  
DC  "C4'"  C N R 43  
DC  "O4'"  O N N 44  
DC  "C3'"  C N S 45  
DC  "O3'"  O N N 46  
DC  "C2'"  C N N 47  
DC  "C1'"  C N R 48  
DC  N1     N N N 49  
DC  C2     C N N 50  
DC  O2     O N N 51  
DC  N3     N N N 52  
DC  C4     C N N 53  
DC  N4     N N N 54  
DC  C5     C N N 55  
DC  C6     C N N 56  
DC  HOP3   H N N 57  
DC  HOP2   H N N 58  
DC  "H5'"  H N N 59  
DC  "H5''" H N N 60  
DC  "H4'"  H N N 61  
DC  "H3'"  H N N 62  
DC  "HO3'" H N N 63  
DC  "H2'"  H N N 64  
DC  "H2''" H N N 65  
DC  "H1'"  H N N 66  
DC  H41    H N N 67  
DC  H42    H N N 68  
DC  H5     H N N 69  
DC  H6     H N N 70  
DG  OP3    O N N 71  
DG  P      P N N 72  
DG  OP1    O N N 73  
DG  OP2    O N N 74  
DG  "O5'"  O N N 75  
DG  "C5'"  C N N 76  
DG  "C4'"  C N R 77  
DG  "O4'"  O N N 78  
DG  "C3'"  C N S 79  
DG  "O3'"  O N N 80  
DG  "C2'"  C N N 81  
DG  "C1'"  C N R 82  
DG  N9     N Y N 83  
DG  C8     C Y N 84  
DG  N7     N Y N 85  
DG  C5     C Y N 86  
DG  C6     C N N 87  
DG  O6     O N N 88  
DG  N1     N N N 89  
DG  C2     C N N 90  
DG  N2     N N N 91  
DG  N3     N N N 92  
DG  C4     C Y N 93  
DG  HOP3   H N N 94  
DG  HOP2   H N N 95  
DG  "H5'"  H N N 96  
DG  "H5''" H N N 97  
DG  "H4'"  H N N 98  
DG  "H3'"  H N N 99  
DG  "HO3'" H N N 100 
DG  "H2'"  H N N 101 
DG  "H2''" H N N 102 
DG  "H1'"  H N N 103 
DG  H8     H N N 104 
DG  H1     H N N 105 
DG  H21    H N N 106 
DG  H22    H N N 107 
DT  OP3    O N N 108 
DT  P      P N N 109 
DT  OP1    O N N 110 
DT  OP2    O N N 111 
DT  "O5'"  O N N 112 
DT  "C5'"  C N N 113 
DT  "C4'"  C N R 114 
DT  "O4'"  O N N 115 
DT  "C3'"  C N S 116 
DT  "O3'"  O N N 117 
DT  "C2'"  C N N 118 
DT  "C1'"  C N R 119 
DT  N1     N N N 120 
DT  C2     C N N 121 
DT  O2     O N N 122 
DT  N3     N N N 123 
DT  C4     C N N 124 
DT  O4     O N N 125 
DT  C5     C N N 126 
DT  C7     C N N 127 
DT  C6     C N N 128 
DT  HOP3   H N N 129 
DT  HOP2   H N N 130 
DT  "H5'"  H N N 131 
DT  "H5''" H N N 132 
DT  "H4'"  H N N 133 
DT  "H3'"  H N N 134 
DT  "HO3'" H N N 135 
DT  "H2'"  H N N 136 
DT  "H2''" H N N 137 
DT  "H1'"  H N N 138 
DT  H3     H N N 139 
DT  H71    H N N 140 
DT  H72    H N N 141 
DT  H73    H N N 142 
DT  H6     H N N 143 
HOH O      O N N 144 
HOH H1     H N N 145 
HOH H2     H N N 146 
# 
loop_
_chem_comp_bond.comp_id 
_chem_comp_bond.atom_id_1 
_chem_comp_bond.atom_id_2 
_chem_comp_bond.value_order 
_chem_comp_bond.pdbx_aromatic_flag 
_chem_comp_bond.pdbx_stereo_config 
_chem_comp_bond.pdbx_ordinal 
DA  OP3   P      sing N N 1   
DA  OP3   HOP3   sing N N 2   
DA  P     OP1    doub N N 3   
DA  P     OP2    sing N N 4   
DA  P     "O5'"  sing N N 5   
DA  OP2   HOP2   sing N N 6   
DA  "O5'" "C5'"  sing N N 7   
DA  "C5'" "C4'"  sing N N 8   
DA  "C5'" "H5'"  sing N N 9   
DA  "C5'" "H5''" sing N N 10  
DA  "C4'" "O4'"  sing N N 11  
DA  "C4'" "C3'"  sing N N 12  
DA  "C4'" "H4'"  sing N N 13  
DA  "O4'" "C1'"  sing N N 14  
DA  "C3'" "O3'"  sing N N 15  
DA  "C3'" "C2'"  sing N N 16  
DA  "C3'" "H3'"  sing N N 17  
DA  "O3'" "HO3'" sing N N 18  
DA  "C2'" "C1'"  sing N N 19  
DA  "C2'" "H2'"  sing N N 20  
DA  "C2'" "H2''" sing N N 21  
DA  "C1'" N9     sing N N 22  
DA  "C1'" "H1'"  sing N N 23  
DA  N9    C8     sing Y N 24  
DA  N9    C4     sing Y N 25  
DA  C8    N7     doub Y N 26  
DA  C8    H8     sing N N 27  
DA  N7    C5     sing Y N 28  
DA  C5    C6     sing Y N 29  
DA  C5    C4     doub Y N 30  
DA  C6    N6     sing N N 31  
DA  C6    N1     doub Y N 32  
DA  N6    H61    sing N N 33  
DA  N6    H62    sing N N 34  
DA  N1    C2     sing Y N 35  
DA  C2    N3     doub Y N 36  
DA  C2    H2     sing N N 37  
DA  N3    C4     sing Y N 38  
DC  OP3   P      sing N N 39  
DC  OP3   HOP3   sing N N 40  
DC  P     OP1    doub N N 41  
DC  P     OP2    sing N N 42  
DC  P     "O5'"  sing N N 43  
DC  OP2   HOP2   sing N N 44  
DC  "O5'" "C5'"  sing N N 45  
DC  "C5'" "C4'"  sing N N 46  
DC  "C5'" "H5'"  sing N N 47  
DC  "C5'" "H5''" sing N N 48  
DC  "C4'" "O4'"  sing N N 49  
DC  "C4'" "C3'"  sing N N 50  
DC  "C4'" "H4'"  sing N N 51  
DC  "O4'" "C1'"  sing N N 52  
DC  "C3'" "O3'"  sing N N 53  
DC  "C3'" "C2'"  sing N N 54  
DC  "C3'" "H3'"  sing N N 55  
DC  "O3'" "HO3'" sing N N 56  
DC  "C2'" "C1'"  sing N N 57  
DC  "C2'" "H2'"  sing N N 58  
DC  "C2'" "H2''" sing N N 59  
DC  "C1'" N1     sing N N 60  
DC  "C1'" "H1'"  sing N N 61  
DC  N1    C2     sing N N 62  
DC  N1    C6     sing N N 63  
DC  C2    O2     doub N N 64  
DC  C2    N3     sing N N 65  
DC  N3    C4     doub N N 66  
DC  C4    N4     sing N N 67  
DC  C4    C5     sing N N 68  
DC  N4    H41    sing N N 69  
DC  N4    H42    sing N N 70  
DC  C5    C6     doub N N 71  
DC  C5    H5     sing N N 72  
DC  C6    H6     sing N N 73  
DG  OP3   P      sing N N 74  
DG  OP3   HOP3   sing N N 75  
DG  P     OP1    doub N N 76  
DG  P     OP2    sing N N 77  
DG  P     "O5'"  sing N N 78  
DG  OP2   HOP2   sing N N 79  
DG  "O5'" "C5'"  sing N N 80  
DG  "C5'" "C4'"  sing N N 81  
DG  "C5'" "H5'"  sing N N 82  
DG  "C5'" "H5''" sing N N 83  
DG  "C4'" "O4'"  sing N N 84  
DG  "C4'" "C3'"  sing N N 85  
DG  "C4'" "H4'"  sing N N 86  
DG  "O4'" "C1'"  sing N N 87  
DG  "C3'" "O3'"  sing N N 88  
DG  "C3'" "C2'"  sing N N 89  
DG  "C3'" "H3'"  sing N N 90  
DG  "O3'" "HO3'" sing N N 91  
DG  "C2'" "C1'"  sing N N 92  
DG  "C2'" "H2'"  sing N N 93  
DG  "C2'" "H2''" sing N N 94  
DG  "C1'" N9     sing N N 95  
DG  "C1'" "H1'"  sing N N 96  
DG  N9    C8     sing Y N 97  
DG  N9    C4     sing Y N 98  
DG  C8    N7     doub Y N 99  
DG  C8    H8     sing N N 100 
DG  N7    C5     sing Y N 101 
DG  C5    C6     sing N N 102 
DG  C5    C4     doub Y N 103 
DG  C6    O6     doub N N 104 
DG  C6    N1     sing N N 105 
DG  N1    C2     sing N N 106 
DG  N1    H1     sing N N 107 
DG  C2    N2     sing N N 108 
DG  C2    N3     doub N N 109 
DG  N2    H21    sing N N 110 
DG  N2    H22    sing N N 111 
DG  N3    C4     sing N N 112 
DT  OP3   P      sing N N 113 
DT  OP3   HOP3   sing N N 114 
DT  P     OP1    doub N N 115 
DT  P     OP2    sing N N 116 
DT  P     "O5'"  sing N N 117 
DT  OP2   HOP2   sing N N 118 
DT  "O5'" "C5'"  sing N N 119 
DT  "C5'" "C4'"  sing N N 120 
DT  "C5'" "H5'"  sing N N 121 
DT  "C5'" "H5''" sing N N 122 
DT  "C4'" "O4'"  sing N N 123 
DT  "C4'" "C3'"  sing N N 124 
DT  "C4'" "H4'"  sing N N 125 
DT  "O4'" "C1'"  sing N N 126 
DT  "C3'" "O3'"  sing N N 127 
DT  "C3'" "C2'"  sing N N 128 
DT  "C3'" "H3'"  sing N N 129 
DT  "O3'" "HO3'" sing N N 130 
DT  "C2'" "C1'"  sing N N 131 
DT  "C2'" "H2'"  sing N N 132 
DT  "C2'" "H2''" sing N N 133 
DT  "C1'" N1     sing N N 134 
DT  "C1'" "H1'"  sing N N 135 
DT  N1    C2     sing N N 136 
DT  N1    C6     sing N N 137 
DT  C2    O2     doub N N 138 
DT  C2    N3     sing N N 139 
DT  N3    C4     sing N N 140 
DT  N3    H3     sing N N 141 
DT  C4    O4     doub N N 142 
DT  C4    C5     sing N N 143 
DT  C5    C7     sing N N 144 
DT  C5    C6     doub N N 145 
DT  C7    H71    sing N N 146 
DT  C7    H72    sing N N 147 
DT  C7    H73    sing N N 148 
DT  C6    H6     sing N N 149 
HOH O     H1     sing N N 150 
HOH O     H2     sing N N 151 
# 
_ndb_struct_conf_na.entry_id   6A1Q 
_ndb_struct_conf_na.feature    'z-form double helix' 
# 
loop_
_ndb_struct_na_base_pair.model_number 
_ndb_struct_na_base_pair.i_label_asym_id 
_ndb_struct_na_base_pair.i_label_comp_id 
_ndb_struct_na_base_pair.i_label_seq_id 
_ndb_struct_na_base_pair.i_symmetry 
_ndb_struct_na_base_pair.j_label_asym_id 
_ndb_struct_na_base_pair.j_label_comp_id 
_ndb_struct_na_base_pair.j_label_seq_id 
_ndb_struct_na_base_pair.j_symmetry 
_ndb_struct_na_base_pair.shear 
_ndb_struct_na_base_pair.stretch 
_ndb_struct_na_base_pair.stagger 
_ndb_struct_na_base_pair.buckle 
_ndb_struct_na_base_pair.propeller 
_ndb_struct_na_base_pair.opening 
_ndb_struct_na_base_pair.pair_number 
_ndb_struct_na_base_pair.pair_name 
_ndb_struct_na_base_pair.i_auth_asym_id 
_ndb_struct_na_base_pair.i_auth_seq_id 
_ndb_struct_na_base_pair.i_PDB_ins_code 
_ndb_struct_na_base_pair.j_auth_asym_id 
_ndb_struct_na_base_pair.j_auth_seq_id 
_ndb_struct_na_base_pair.j_PDB_ins_code 
_ndb_struct_na_base_pair.hbond_type_28 
_ndb_struct_na_base_pair.hbond_type_12 
1 A DT 1 1_555 B DA 4 1_555 -0.649 0.023  0.748 2.895   3.115  4.399  1  A_DT1:DA4_B A 1 ? B 4 ? 20 1 
1 A DG 2 1_555 B DC 3 1_555 0.288  -0.250 0.216 -16.247 4.908  -0.844 2  A_DG2:DC3_B A 2 ? B 3 ? 19 1 
1 A DT 3 1_555 B DA 2 1_555 -0.225 0.007  0.605 -3.531  7.763  0.775  3  A_DT3:DA2_B A 3 ? B 2 ? 20 1 
1 A DG 4 1_555 B DC 1 1_555 0.206  -0.414 0.662 -3.815  5.178  2.224  4  A_DG4:DC1_B A 4 ? B 1 ? 19 1 
1 C DT 1 1_555 D DA 4 1_555 -0.854 -0.103 0.800 3.395   0.702  -0.631 5  C_DT1:DA4_D C 1 ? D 4 ? 20 1 
1 C DG 2 1_555 D DC 3 1_555 0.413  -0.361 0.288 0.290   0.986  5.038  6  C_DG2:DC3_D C 2 ? D 3 ? 19 1 
1 C DT 3 1_555 D DA 2 1_555 0.093  -0.382 0.690 4.115   1.875  7.898  7  C_DT3:DA2_D C 3 ? D 2 ? 20 1 
1 C DG 4 1_555 D DC 1 1_555 0.303  -0.431 0.101 -7.173  0.380  2.483  8  C_DG4:DC1_D C 4 ? D 1 ? 19 1 
1 E DT 1 1_555 F DA 4 1_555 -0.220 -0.069 0.770 2.088   0.064  7.171  9  E_DT1:DA4_F E 1 ? F 4 ? 20 1 
1 E DG 2 1_555 F DC 3 1_555 0.396  -0.250 0.121 -19.547 5.618  1.726  10 E_DG2:DC3_F E 2 ? F 3 ? 19 1 
1 E DT 3 1_555 F DA 2 1_555 -0.366 -0.141 0.702 -19.026 10.980 5.154  11 E_DT3:DA2_F E 3 ? F 2 ? 20 1 
1 E DG 4 1_555 F DC 1 1_555 0.329  -0.399 0.528 -7.113  10.967 2.926  12 E_DG4:DC1_F E 4 ? F 1 ? 19 1 
# 
loop_
_ndb_struct_na_base_pair_step.model_number 
_ndb_struct_na_base_pair_step.i_label_asym_id_1 
_ndb_struct_na_base_pair_step.i_label_comp_id_1 
_ndb_struct_na_base_pair_step.i_label_seq_id_1 
_ndb_struct_na_base_pair_step.i_symmetry_1 
_ndb_struct_na_base_pair_step.j_label_asym_id_1 
_ndb_struct_na_base_pair_step.j_label_comp_id_1 
_ndb_struct_na_base_pair_step.j_label_seq_id_1 
_ndb_struct_na_base_pair_step.j_symmetry_1 
_ndb_struct_na_base_pair_step.i_label_asym_id_2 
_ndb_struct_na_base_pair_step.i_label_comp_id_2 
_ndb_struct_na_base_pair_step.i_label_seq_id_2 
_ndb_struct_na_base_pair_step.i_symmetry_2 
_ndb_struct_na_base_pair_step.j_label_asym_id_2 
_ndb_struct_na_base_pair_step.j_label_comp_id_2 
_ndb_struct_na_base_pair_step.j_label_seq_id_2 
_ndb_struct_na_base_pair_step.j_symmetry_2 
_ndb_struct_na_base_pair_step.shift 
_ndb_struct_na_base_pair_step.slide 
_ndb_struct_na_base_pair_step.rise 
_ndb_struct_na_base_pair_step.tilt 
_ndb_struct_na_base_pair_step.roll 
_ndb_struct_na_base_pair_step.twist 
_ndb_struct_na_base_pair_step.x_displacement 
_ndb_struct_na_base_pair_step.y_displacement 
_ndb_struct_na_base_pair_step.helical_rise 
_ndb_struct_na_base_pair_step.inclination 
_ndb_struct_na_base_pair_step.tip 
_ndb_struct_na_base_pair_step.helical_twist 
_ndb_struct_na_base_pair_step.step_number 
_ndb_struct_na_base_pair_step.step_name 
_ndb_struct_na_base_pair_step.i_auth_asym_id_1 
_ndb_struct_na_base_pair_step.i_auth_seq_id_1 
_ndb_struct_na_base_pair_step.i_PDB_ins_code_1 
_ndb_struct_na_base_pair_step.j_auth_asym_id_1 
_ndb_struct_na_base_pair_step.j_auth_seq_id_1 
_ndb_struct_na_base_pair_step.j_PDB_ins_code_1 
_ndb_struct_na_base_pair_step.i_auth_asym_id_2 
_ndb_struct_na_base_pair_step.i_auth_seq_id_2 
_ndb_struct_na_base_pair_step.i_PDB_ins_code_2 
_ndb_struct_na_base_pair_step.j_auth_asym_id_2 
_ndb_struct_na_base_pair_step.j_auth_seq_id_2 
_ndb_struct_na_base_pair_step.j_PDB_ins_code_2 
1 A DT 1 1_555 B DA 4 1_555 A DG 2 1_555 B DC 3 1_555 -0.435 4.885  4.220 1.794  -1.581 -4.491  -37.160 15.378 5.396  18.541  
21.040 -5.087  1 AA_DT1DG2:DC3DA4_BB A 1 ? B 4 ? A 2 ? B 3 ? 
1 A DG 2 1_555 B DC 3 1_555 A DT 3 1_555 B DA 2 1_555 -0.004 -1.171 3.134 -0.038 -2.257 -48.501 1.589   -0.007 3.080  2.746   
-0.046 -48.551 2 AA_DG2DT3:DA2DC3_BB A 2 ? B 3 ? A 3 ? B 2 ? 
1 A DT 3 1_555 B DA 2 1_555 A DG 4 1_555 B DC 1 1_555 0.392  5.475  3.670 -1.562 4.889  -13.549 -25.370 0.385  1.637  -19.819 
-6.333 -14.484 3 AA_DT3DG4:DC1DA2_BB A 3 ? B 2 ? A 4 ? B 1 ? 
1 C DT 1 1_555 D DA 4 1_555 C DG 2 1_555 D DC 3 1_555 0.594  5.261  3.793 1.718  2.443  -8.026  -40.882 7.946  1.938  -16.713 
11.752 -8.563  4 CC_DT1DG2:DC3DA4_DD C 1 ? D 4 ? C 2 ? D 3 ? 
1 C DG 2 1_555 D DC 3 1_555 C DT 3 1_555 D DA 2 1_555 0.120  -1.208 3.386 -5.427 -0.988 -51.875 1.442   -0.235 3.360  1.126   
-6.183 -52.147 5 CC_DG2DT3:DA2DC3_DD C 2 ? D 3 ? C 3 ? D 2 ? 
1 C DT 3 1_555 D DA 2 1_555 C DG 4 1_555 D DC 1 1_555 0.100  5.258  3.973 2.683  1.395  -8.610  -36.455 7.172  2.918  -8.938  
17.190 -9.124  6 CC_DT3DG4:DC1DA2_DD C 3 ? D 2 ? C 4 ? D 1 ? 
1 E DT 1 1_555 F DA 4 1_555 E DG 2 1_555 F DC 3 1_555 -0.184 4.832  4.254 1.298  0.445  -4.974  -57.569 9.316  3.731  -5.000  
14.598 -5.160  7 EE_DT1DG2:DC3DA4_FF E 1 ? F 4 ? E 2 ? F 3 ? 
1 E DG 2 1_555 F DC 3 1_555 E DT 3 1_555 F DA 2 1_555 0.191  -1.096 3.451 -1.000 -5.665 -53.061 1.593   0.147  3.329  6.320   
-1.115 -53.349 8 EE_DG2DT3:DA2DC3_FF E 2 ? F 3 ? E 3 ? F 2 ? 
1 E DT 3 1_555 F DA 2 1_555 E DG 4 1_555 F DC 1 1_555 0.373  5.420  3.329 -2.204 8.647  -10.972 -25.749 0.569  -0.661 -38.007 
-9.689 -14.134 9 EE_DT3DG4:DC1DA2_FF E 3 ? F 2 ? E 4 ? F 1 ? 
# 
_pdbx_entity_nonpoly.entity_id   3 
_pdbx_entity_nonpoly.name        water 
_pdbx_entity_nonpoly.comp_id     HOH 
# 
_pdbx_initial_refinement_model.id               1 
_pdbx_initial_refinement_model.entity_id_list   ? 
_pdbx_initial_refinement_model.type             'experimental model' 
_pdbx_initial_refinement_model.source_name      PDB 
_pdbx_initial_refinement_model.accession_code   3P4J 
_pdbx_initial_refinement_model.details          ? 
# 
_pdbx_reflns_twin.domain_id                    1 
_pdbx_reflns_twin.crystal_id                   1 
_pdbx_reflns_twin.diffrn_id                    1 
_pdbx_reflns_twin.fraction                     0.500 
_pdbx_reflns_twin.operator                     -h,-k,l 
_pdbx_reflns_twin.type                         ? 
_pdbx_reflns_twin.mean_F_square_over_mean_F2   ? 
_pdbx_reflns_twin.mean_I2_over_mean_I_square   ? 
# 
_pdbx_related_exp_data_set.data_reference       10.5281/zenodo.2546760 
_pdbx_related_exp_data_set.data_set_type        'diffraction image data' 
_pdbx_related_exp_data_set.details              ? 
_pdbx_related_exp_data_set.metadata_reference   ? 
_pdbx_related_exp_data_set.ordinal              1 
# 
_pdbx_struct_assembly_auth_evidence.id                     1 
_pdbx_struct_assembly_auth_evidence.assembly_id            1 
_pdbx_struct_assembly_auth_evidence.experimental_support   none 
_pdbx_struct_assembly_auth_evidence.details                'Crystal packing disorder of ZDNA studied by X-ray Crystallography' 
# 
